data_7XX8
#
_entry.id   7XX8
#
_entity_poly.entity_id   1
_entity_poly.type   'polypeptide(L)'
_entity_poly.pdbx_seq_one_letter_code
;GSHMHDSSKDSITVFVSNLPYSMQEPDTKLRPLFEACGEVVQIRPIFSNRGDFRGYCYVEFKEEKSALQALEMDRKSVEG
RPMFVSPCVDKSKN
;
_entity_poly.pdbx_strand_id   A
#
# COMPACT_ATOMS: atom_id res chain seq x y z
N HIS A 5 3.24 -18.77 3.32
CA HIS A 5 3.07 -17.32 3.60
C HIS A 5 4.04 -16.86 4.68
N ASP A 6 4.52 -15.62 4.56
CA ASP A 6 5.46 -15.07 5.52
C ASP A 6 4.73 -14.25 6.58
N SER A 7 4.58 -14.82 7.77
CA SER A 7 3.90 -14.13 8.86
C SER A 7 4.69 -12.92 9.32
N SER A 8 6.00 -12.96 9.13
CA SER A 8 6.88 -11.87 9.51
C SER A 8 6.56 -10.60 8.73
N LYS A 9 6.17 -10.77 7.47
CA LYS A 9 5.84 -9.63 6.61
C LYS A 9 4.36 -9.27 6.72
N ASP A 10 3.56 -10.17 7.28
CA ASP A 10 2.12 -9.95 7.43
C ASP A 10 1.84 -8.77 8.36
N SER A 11 2.59 -8.68 9.44
CA SER A 11 2.42 -7.60 10.42
C SER A 11 2.99 -6.27 9.91
N ILE A 12 3.60 -6.27 8.73
CA ILE A 12 4.18 -5.05 8.19
C ILE A 12 3.81 -4.85 6.71
N THR A 13 2.76 -5.53 6.25
CA THR A 13 2.32 -5.40 4.86
C THR A 13 0.90 -4.88 4.73
N VAL A 14 0.72 -4.02 3.76
CA VAL A 14 -0.59 -3.44 3.48
C VAL A 14 -0.77 -3.31 1.98
N PHE A 15 -1.76 -4.01 1.45
CA PHE A 15 -2.03 -3.95 0.01
C PHE A 15 -3.00 -2.83 -0.33
N VAL A 16 -2.68 -2.08 -1.37
CA VAL A 16 -3.54 -0.97 -1.81
C VAL A 16 -4.13 -1.24 -3.19
N SER A 17 -5.36 -0.77 -3.38
CA SER A 17 -6.06 -0.95 -4.64
C SER A 17 -6.89 0.29 -4.97
N ASN A 18 -7.52 0.27 -6.15
CA ASN A 18 -8.34 1.38 -6.61
C ASN A 18 -7.52 2.65 -6.80
N LEU A 19 -6.35 2.50 -7.39
CA LEU A 19 -5.46 3.62 -7.66
C LEU A 19 -5.50 4.00 -9.14
N PRO A 20 -5.26 5.28 -9.47
CA PRO A 20 -5.27 5.74 -10.87
C PRO A 20 -4.11 5.19 -11.66
N TYR A 21 -4.34 4.95 -12.96
CA TYR A 21 -3.31 4.43 -13.83
C TYR A 21 -2.44 5.55 -14.41
N SER A 22 -2.98 6.76 -14.41
CA SER A 22 -2.26 7.92 -14.93
C SER A 22 -0.88 8.07 -14.30
N MET A 23 -0.68 7.49 -13.13
CA MET A 23 0.62 7.58 -12.45
C MET A 23 1.60 6.60 -13.07
N GLN A 24 2.69 7.14 -13.62
CA GLN A 24 3.71 6.31 -14.24
C GLN A 24 4.44 5.45 -13.20
N GLU A 25 4.97 6.08 -12.16
CA GLU A 25 5.68 5.35 -11.11
C GLU A 25 4.90 5.36 -9.79
N PRO A 26 4.26 4.23 -9.41
CA PRO A 26 3.49 4.16 -8.16
C PRO A 26 4.40 4.13 -6.94
N ASP A 27 5.64 3.69 -7.14
CA ASP A 27 6.63 3.58 -6.07
C ASP A 27 6.99 4.95 -5.51
N THR A 28 7.10 5.94 -6.38
CA THR A 28 7.46 7.30 -5.95
C THR A 28 6.25 8.17 -5.64
N LYS A 29 5.13 7.92 -6.32
CA LYS A 29 3.92 8.71 -6.09
C LYS A 29 3.31 8.42 -4.72
N LEU A 30 3.33 7.17 -4.33
CA LEU A 30 2.79 6.75 -3.05
C LEU A 30 3.74 7.07 -1.90
N ARG A 31 5.04 7.11 -2.21
CA ARG A 31 6.06 7.39 -1.21
C ARG A 31 5.70 8.59 -0.31
N PRO A 32 5.35 9.77 -0.86
CA PRO A 32 5.00 10.93 -0.03
C PRO A 32 3.82 10.66 0.90
N LEU A 33 3.01 9.66 0.57
CA LEU A 33 1.84 9.32 1.37
C LEU A 33 2.17 8.29 2.46
N PHE A 34 2.76 7.17 2.05
CA PHE A 34 3.11 6.11 3.00
C PHE A 34 4.29 6.49 3.89
N GLU A 35 5.30 7.14 3.31
CA GLU A 35 6.48 7.56 4.06
C GLU A 35 6.10 8.56 5.13
N ALA A 36 5.14 9.41 4.80
CA ALA A 36 4.68 10.44 5.72
C ALA A 36 3.99 9.84 6.95
N CYS A 37 3.63 8.56 6.88
CA CYS A 37 2.97 7.89 8.00
C CYS A 37 3.92 6.91 8.69
N GLY A 38 4.85 6.36 7.92
CA GLY A 38 5.82 5.43 8.45
C GLY A 38 6.87 5.06 7.42
N GLU A 39 8.05 4.65 7.88
CA GLU A 39 9.13 4.28 6.97
C GLU A 39 8.77 3.05 6.14
N VAL A 40 9.16 3.10 4.86
CA VAL A 40 8.91 2.02 3.94
C VAL A 40 10.22 1.38 3.51
N VAL A 41 10.32 0.06 3.65
CA VAL A 41 11.53 -0.65 3.28
C VAL A 41 11.66 -0.70 1.76
N GLN A 42 10.56 -1.05 1.10
CA GLN A 42 10.53 -1.14 -0.36
C GLN A 42 9.12 -1.38 -0.90
N ILE A 43 8.92 -0.99 -2.16
CA ILE A 43 7.64 -1.15 -2.84
C ILE A 43 7.77 -2.07 -4.04
N ARG A 44 6.85 -3.01 -4.18
CA ARG A 44 6.89 -3.97 -5.29
C ARG A 44 5.71 -3.76 -6.24
N PRO A 45 5.86 -2.87 -7.23
CA PRO A 45 4.80 -2.59 -8.21
C PRO A 45 4.61 -3.75 -9.19
N ILE A 46 3.40 -3.92 -9.68
CA ILE A 46 3.11 -4.99 -10.62
C ILE A 46 3.59 -4.63 -12.02
N PHE A 47 4.47 -5.46 -12.57
CA PHE A 47 5.01 -5.25 -13.90
C PHE A 47 4.83 -6.48 -14.79
N SER A 48 4.25 -7.54 -14.24
CA SER A 48 4.02 -8.77 -14.99
C SER A 48 2.91 -8.59 -16.03
N ASN A 49 2.19 -7.48 -15.95
CA ASN A 49 1.11 -7.21 -16.88
C ASN A 49 1.62 -7.16 -18.31
N ARG A 50 0.95 -7.90 -19.19
CA ARG A 50 1.33 -7.96 -20.61
C ARG A 50 0.57 -6.90 -21.42
N GLY A 51 -0.36 -6.19 -20.79
CA GLY A 51 -1.12 -5.18 -21.48
C GLY A 51 -1.15 -3.87 -20.73
N ASP A 52 -2.15 -3.72 -19.87
CA ASP A 52 -2.30 -2.51 -19.07
C ASP A 52 -1.97 -2.78 -17.60
N PHE A 53 -1.58 -1.72 -16.90
CA PHE A 53 -1.22 -1.84 -15.48
C PHE A 53 -2.42 -2.32 -14.68
N ARG A 54 -2.16 -3.05 -13.60
CA ARG A 54 -3.21 -3.57 -12.74
C ARG A 54 -3.73 -2.50 -11.79
N GLY A 55 -2.95 -1.45 -11.59
CA GLY A 55 -3.36 -0.38 -10.70
C GLY A 55 -3.28 -0.78 -9.24
N TYR A 56 -2.45 -1.79 -8.95
CA TYR A 56 -2.30 -2.26 -7.58
C TYR A 56 -0.81 -2.40 -7.23
N CYS A 57 -0.50 -2.25 -5.94
CA CYS A 57 0.88 -2.36 -5.49
C CYS A 57 0.93 -2.79 -4.03
N TYR A 58 2.13 -3.13 -3.56
CA TYR A 58 2.32 -3.57 -2.18
C TYR A 58 3.39 -2.75 -1.49
N VAL A 59 3.19 -2.44 -0.22
CA VAL A 59 4.16 -1.65 0.54
C VAL A 59 4.53 -2.32 1.86
N GLU A 60 5.83 -2.40 2.10
CA GLU A 60 6.36 -3.01 3.30
C GLU A 60 6.99 -1.95 4.21
N PHE A 61 6.72 -2.05 5.52
CA PHE A 61 7.25 -1.11 6.49
C PHE A 61 8.28 -1.80 7.37
N LYS A 62 9.33 -1.06 7.75
CA LYS A 62 10.37 -1.63 8.59
C LYS A 62 9.87 -1.87 10.01
N GLU A 63 8.84 -1.10 10.40
CA GLU A 63 8.26 -1.23 11.74
C GLU A 63 6.75 -1.47 11.65
N GLU A 64 6.22 -2.26 12.59
CA GLU A 64 4.80 -2.59 12.64
C GLU A 64 3.94 -1.36 12.93
N LYS A 65 4.48 -0.47 13.75
CA LYS A 65 3.77 0.76 14.13
C LYS A 65 3.31 1.53 12.90
N SER A 66 4.13 1.54 11.88
CA SER A 66 3.80 2.23 10.65
C SER A 66 2.51 1.67 10.05
N ALA A 67 2.34 0.36 10.19
CA ALA A 67 1.16 -0.32 9.67
C ALA A 67 -0.09 0.18 10.37
N LEU A 68 0.03 0.40 11.67
CA LEU A 68 -1.08 0.87 12.48
C LEU A 68 -1.64 2.21 11.99
N GLN A 69 -0.79 3.21 11.82
CA GLN A 69 -1.26 4.52 11.34
C GLN A 69 -1.69 4.43 9.89
N ALA A 70 -1.09 3.51 9.15
CA ALA A 70 -1.43 3.32 7.74
C ALA A 70 -2.90 2.98 7.57
N LEU A 71 -3.49 2.35 8.59
CA LEU A 71 -4.90 1.98 8.55
C LEU A 71 -5.77 3.22 8.46
N GLU A 72 -5.34 4.24 9.20
CA GLU A 72 -6.03 5.51 9.26
C GLU A 72 -6.05 6.21 7.90
N MET A 73 -5.13 5.84 7.03
CA MET A 73 -5.06 6.44 5.69
C MET A 73 -6.15 5.88 4.78
N ASP A 74 -6.77 4.78 5.18
CA ASP A 74 -7.83 4.17 4.38
C ASP A 74 -8.98 5.13 4.13
N ARG A 75 -9.50 5.09 2.90
CA ARG A 75 -10.62 5.94 2.48
C ARG A 75 -10.19 7.38 2.20
N LYS A 76 -8.92 7.71 2.42
CA LYS A 76 -8.45 9.07 2.16
C LYS A 76 -8.66 9.43 0.70
N SER A 77 -9.15 10.65 0.46
CA SER A 77 -9.40 11.11 -0.91
C SER A 77 -8.12 11.63 -1.57
N VAL A 78 -7.72 10.98 -2.65
CA VAL A 78 -6.52 11.36 -3.37
C VAL A 78 -6.85 11.63 -4.84
N GLU A 79 -6.52 12.84 -5.31
CA GLU A 79 -6.78 13.22 -6.70
C GLU A 79 -8.28 13.13 -6.99
N GLY A 80 -9.08 13.33 -5.95
CA GLY A 80 -10.52 13.27 -6.10
C GLY A 80 -11.06 11.85 -6.10
N ARG A 81 -10.17 10.87 -5.94
CA ARG A 81 -10.58 9.47 -5.92
C ARG A 81 -10.07 8.78 -4.65
N PRO A 82 -10.97 8.23 -3.80
CA PRO A 82 -10.56 7.55 -2.56
C PRO A 82 -9.61 6.39 -2.80
N MET A 83 -8.66 6.21 -1.89
CA MET A 83 -7.68 5.13 -1.99
C MET A 83 -8.06 3.99 -1.06
N PHE A 84 -8.15 2.78 -1.61
CA PHE A 84 -8.51 1.61 -0.83
C PHE A 84 -7.28 0.98 -0.17
N VAL A 85 -7.26 1.01 1.15
CA VAL A 85 -6.16 0.45 1.92
C VAL A 85 -6.67 -0.58 2.92
N SER A 86 -6.09 -1.77 2.91
CA SER A 86 -6.50 -2.83 3.84
C SER A 86 -5.29 -3.56 4.40
N PRO A 87 -5.32 -3.92 5.71
CA PRO A 87 -4.21 -4.63 6.35
C PRO A 87 -4.07 -6.07 5.86
N CYS A 88 -2.85 -6.57 5.88
CA CYS A 88 -2.57 -7.94 5.45
C CYS A 88 -3.32 -8.95 6.30
N VAL A 89 -3.29 -8.75 7.62
CA VAL A 89 -3.97 -9.65 8.55
C VAL A 89 -5.13 -8.95 9.25
N ASP A 90 -6.26 -9.65 9.32
CA ASP A 90 -7.46 -9.12 9.97
C ASP A 90 -7.36 -9.29 11.48
N LYS A 91 -8.02 -8.40 12.22
CA LYS A 91 -8.00 -8.47 13.68
C LYS A 91 -9.35 -8.90 14.22
N SER A 92 -9.47 -10.19 14.53
CA SER A 92 -10.70 -10.74 15.06
C SER A 92 -11.07 -10.09 16.39
N LYS A 93 -10.08 -9.92 17.26
CA LYS A 93 -10.31 -9.31 18.57
C LYS A 93 -9.68 -7.93 18.65
N ASN A 94 -10.47 -6.96 19.08
CA ASN A 94 -9.99 -5.58 19.20
C ASN A 94 -9.74 -5.23 20.67
N HIS A 5 4.02 -18.26 2.98
CA HIS A 5 3.53 -18.59 4.35
C HIS A 5 4.37 -17.89 5.41
N ASP A 6 4.87 -16.70 5.08
CA ASP A 6 5.68 -15.93 6.01
C ASP A 6 4.84 -14.90 6.76
N SER A 7 4.53 -15.21 8.03
CA SER A 7 3.74 -14.31 8.86
C SER A 7 4.55 -13.09 9.28
N SER A 8 5.87 -13.17 9.15
CA SER A 8 6.76 -12.07 9.52
C SER A 8 6.49 -10.83 8.67
N LYS A 9 6.20 -11.04 7.40
CA LYS A 9 5.93 -9.93 6.49
C LYS A 9 4.45 -9.55 6.50
N ASP A 10 3.60 -10.45 6.99
CA ASP A 10 2.17 -10.21 7.05
C ASP A 10 1.83 -9.06 8.00
N SER A 11 2.54 -8.98 9.12
CA SER A 11 2.32 -7.94 10.11
C SER A 11 2.92 -6.60 9.68
N ILE A 12 3.57 -6.57 8.52
CA ILE A 12 4.17 -5.33 8.03
C ILE A 12 3.83 -5.07 6.56
N THR A 13 2.80 -5.75 6.06
CA THR A 13 2.37 -5.57 4.68
C THR A 13 0.93 -5.12 4.55
N VAL A 14 0.71 -4.19 3.64
CA VAL A 14 -0.61 -3.67 3.38
C VAL A 14 -0.85 -3.55 1.89
N PHE A 15 -1.82 -4.30 1.39
CA PHE A 15 -2.15 -4.29 -0.04
C PHE A 15 -3.01 -3.07 -0.39
N VAL A 16 -2.57 -2.33 -1.41
CA VAL A 16 -3.32 -1.16 -1.86
C VAL A 16 -3.94 -1.40 -3.23
N SER A 17 -5.16 -0.91 -3.41
CA SER A 17 -5.88 -1.05 -4.67
C SER A 17 -6.77 0.16 -4.94
N ASN A 18 -7.33 0.19 -6.15
CA ASN A 18 -8.21 1.28 -6.59
C ASN A 18 -7.44 2.57 -6.87
N LEU A 19 -6.26 2.44 -7.47
CA LEU A 19 -5.44 3.60 -7.80
C LEU A 19 -5.46 3.86 -9.32
N PRO A 20 -5.31 5.12 -9.75
CA PRO A 20 -5.33 5.46 -11.19
C PRO A 20 -4.27 4.69 -11.97
N TYR A 21 -4.66 4.16 -13.13
CA TYR A 21 -3.75 3.40 -13.97
C TYR A 21 -2.78 4.33 -14.70
N SER A 22 -3.26 5.52 -15.02
CA SER A 22 -2.45 6.52 -15.74
C SER A 22 -1.18 6.85 -14.98
N MET A 23 -1.17 6.61 -13.68
CA MET A 23 0.00 6.90 -12.85
C MET A 23 1.21 6.11 -13.35
N GLN A 24 2.24 6.82 -13.77
CA GLN A 24 3.46 6.19 -14.28
C GLN A 24 4.20 5.40 -13.20
N GLU A 25 4.67 6.08 -12.16
CA GLU A 25 5.39 5.42 -11.08
C GLU A 25 4.56 5.39 -9.80
N PRO A 26 4.01 4.23 -9.39
CA PRO A 26 3.21 4.13 -8.17
C PRO A 26 4.05 4.27 -6.91
N ASP A 27 5.31 3.85 -6.98
CA ASP A 27 6.21 3.94 -5.84
C ASP A 27 6.58 5.39 -5.53
N THR A 28 6.79 6.18 -6.58
CA THR A 28 7.15 7.59 -6.42
C THR A 28 5.98 8.42 -5.91
N LYS A 29 4.80 8.23 -6.50
CA LYS A 29 3.61 8.97 -6.08
C LYS A 29 3.16 8.56 -4.69
N LEU A 30 3.20 7.26 -4.45
CA LEU A 30 2.80 6.70 -3.17
C LEU A 30 3.75 7.12 -2.05
N ARG A 31 5.04 7.17 -2.37
CA ARG A 31 6.08 7.54 -1.40
C ARG A 31 5.74 8.73 -0.51
N PRO A 32 5.43 9.92 -1.07
CA PRO A 32 5.10 11.10 -0.27
C PRO A 32 3.89 10.90 0.64
N LEU A 33 3.07 9.92 0.33
CA LEU A 33 1.88 9.64 1.12
C LEU A 33 2.17 8.67 2.27
N PHE A 34 2.81 7.55 1.95
CA PHE A 34 3.13 6.53 2.95
C PHE A 34 4.22 6.99 3.92
N GLU A 35 5.25 7.67 3.41
CA GLU A 35 6.34 8.16 4.27
C GLU A 35 5.80 9.15 5.28
N ALA A 36 4.74 9.84 4.89
CA ALA A 36 4.12 10.84 5.74
C ALA A 36 3.50 10.20 6.98
N CYS A 37 3.19 8.91 6.91
CA CYS A 37 2.61 8.20 8.04
C CYS A 37 3.59 7.23 8.68
N GLY A 38 4.53 6.72 7.89
CA GLY A 38 5.52 5.79 8.41
C GLY A 38 6.55 5.42 7.36
N GLU A 39 7.73 4.99 7.81
CA GLU A 39 8.79 4.62 6.88
C GLU A 39 8.46 3.38 6.08
N VAL A 40 8.83 3.43 4.80
CA VAL A 40 8.60 2.33 3.88
C VAL A 40 9.93 1.73 3.45
N VAL A 41 10.06 0.42 3.54
CA VAL A 41 11.29 -0.24 3.15
C VAL A 41 11.42 -0.33 1.63
N GLN A 42 10.30 -0.61 0.96
CA GLN A 42 10.30 -0.72 -0.50
C GLN A 42 8.90 -0.97 -1.05
N ILE A 43 8.70 -0.54 -2.30
CA ILE A 43 7.43 -0.69 -2.99
C ILE A 43 7.56 -1.74 -4.08
N ARG A 44 6.59 -2.65 -4.15
CA ARG A 44 6.63 -3.70 -5.16
C ARG A 44 5.50 -3.54 -6.18
N PRO A 45 5.73 -2.74 -7.24
CA PRO A 45 4.73 -2.52 -8.29
C PRO A 45 4.53 -3.75 -9.16
N ILE A 46 3.31 -3.95 -9.65
CA ILE A 46 2.99 -5.08 -10.50
C ILE A 46 3.27 -4.77 -11.97
N PHE A 47 4.14 -5.56 -12.58
CA PHE A 47 4.49 -5.39 -13.99
C PHE A 47 4.21 -6.66 -14.80
N SER A 48 3.75 -7.71 -14.11
CA SER A 48 3.44 -8.98 -14.77
C SER A 48 2.34 -8.83 -15.82
N ASN A 49 1.61 -7.72 -15.77
CA ASN A 49 0.54 -7.47 -16.73
C ASN A 49 1.07 -7.48 -18.16
N ARG A 50 0.34 -8.14 -19.04
CA ARG A 50 0.70 -8.24 -20.45
C ARG A 50 0.01 -7.17 -21.30
N GLY A 51 -0.89 -6.41 -20.67
CA GLY A 51 -1.61 -5.37 -21.40
C GLY A 51 -1.49 -4.03 -20.72
N ASP A 52 -2.28 -3.81 -19.68
CA ASP A 52 -2.27 -2.56 -18.94
C ASP A 52 -2.03 -2.80 -17.46
N PHE A 53 -1.63 -1.75 -16.76
CA PHE A 53 -1.38 -1.85 -15.32
C PHE A 53 -2.61 -2.33 -14.59
N ARG A 54 -2.42 -3.09 -13.52
CA ARG A 54 -3.54 -3.61 -12.75
C ARG A 54 -4.00 -2.59 -11.70
N GLY A 55 -3.17 -1.57 -11.45
CA GLY A 55 -3.53 -0.55 -10.48
C GLY A 55 -3.38 -1.03 -9.04
N TYR A 56 -2.62 -2.09 -8.83
CA TYR A 56 -2.41 -2.62 -7.47
C TYR A 56 -0.92 -2.70 -7.15
N CYS A 57 -0.56 -2.30 -5.93
CA CYS A 57 0.83 -2.34 -5.49
C CYS A 57 0.92 -2.87 -4.07
N TYR A 58 2.15 -3.10 -3.59
CA TYR A 58 2.35 -3.61 -2.23
C TYR A 58 3.28 -2.68 -1.47
N VAL A 59 3.02 -2.47 -0.18
CA VAL A 59 3.84 -1.59 0.64
C VAL A 59 4.29 -2.27 1.92
N GLU A 60 5.59 -2.20 2.18
CA GLU A 60 6.17 -2.78 3.37
C GLU A 60 6.81 -1.72 4.25
N PHE A 61 6.58 -1.83 5.57
CA PHE A 61 7.14 -0.87 6.52
C PHE A 61 8.24 -1.54 7.33
N LYS A 62 9.32 -0.79 7.58
CA LYS A 62 10.44 -1.34 8.35
C LYS A 62 10.00 -1.61 9.78
N GLU A 63 9.06 -0.80 10.25
CA GLU A 63 8.53 -0.93 11.61
C GLU A 63 7.05 -1.28 11.59
N GLU A 64 6.68 -2.31 12.35
CA GLU A 64 5.30 -2.75 12.42
C GLU A 64 4.36 -1.63 12.88
N LYS A 65 4.83 -0.80 13.81
CA LYS A 65 4.01 0.30 14.33
C LYS A 65 3.57 1.22 13.19
N SER A 66 4.45 1.42 12.24
CA SER A 66 4.17 2.27 11.09
C SER A 66 2.96 1.73 10.34
N ALA A 67 2.88 0.42 10.25
CA ALA A 67 1.79 -0.25 9.55
C ALA A 67 0.49 -0.02 10.30
N LEU A 68 0.58 -0.01 11.62
CA LEU A 68 -0.58 0.19 12.46
C LEU A 68 -1.29 1.50 12.13
N GLN A 69 -0.53 2.59 12.08
CA GLN A 69 -1.11 3.89 11.76
C GLN A 69 -1.48 3.96 10.28
N ALA A 70 -0.83 3.13 9.47
CA ALA A 70 -1.10 3.09 8.03
C ALA A 70 -2.57 2.77 7.77
N LEU A 71 -3.23 2.18 8.75
CA LEU A 71 -4.64 1.83 8.61
C LEU A 71 -5.44 3.11 8.41
N GLU A 72 -5.01 4.13 9.13
CA GLU A 72 -5.62 5.44 9.09
C GLU A 72 -5.47 6.07 7.71
N MET A 73 -4.48 5.60 6.95
CA MET A 73 -4.21 6.10 5.61
C MET A 73 -5.32 5.69 4.65
N ASP A 74 -5.99 4.58 4.97
CA ASP A 74 -7.08 4.07 4.14
C ASP A 74 -8.22 5.09 4.02
N ARG A 75 -8.81 5.12 2.83
CA ARG A 75 -9.92 6.02 2.52
C ARG A 75 -9.45 7.42 2.14
N LYS A 76 -8.16 7.69 2.29
CA LYS A 76 -7.61 9.00 1.96
C LYS A 76 -7.84 9.32 0.48
N SER A 77 -8.31 10.52 0.20
CA SER A 77 -8.57 10.94 -1.17
C SER A 77 -7.30 11.44 -1.85
N VAL A 78 -6.92 10.79 -2.95
CA VAL A 78 -5.73 11.16 -3.69
C VAL A 78 -6.06 11.38 -5.16
N GLU A 79 -5.75 12.57 -5.67
CA GLU A 79 -6.03 12.91 -7.06
C GLU A 79 -7.51 12.77 -7.37
N GLY A 80 -8.33 12.98 -6.36
CA GLY A 80 -9.77 12.88 -6.54
C GLY A 80 -10.28 11.44 -6.50
N ARG A 81 -9.37 10.49 -6.30
CA ARG A 81 -9.73 9.08 -6.24
C ARG A 81 -9.36 8.50 -4.86
N PRO A 82 -10.32 7.96 -4.09
CA PRO A 82 -10.03 7.39 -2.77
C PRO A 82 -9.15 6.15 -2.85
N MET A 83 -8.29 5.99 -1.85
CA MET A 83 -7.38 4.85 -1.79
C MET A 83 -7.90 3.79 -0.82
N PHE A 84 -8.05 2.57 -1.31
CA PHE A 84 -8.54 1.48 -0.47
C PHE A 84 -7.39 0.55 -0.09
N VAL A 85 -6.96 0.63 1.16
CA VAL A 85 -5.86 -0.21 1.64
C VAL A 85 -6.37 -1.27 2.62
N SER A 86 -6.29 -2.52 2.22
CA SER A 86 -6.74 -3.63 3.06
C SER A 86 -5.55 -4.38 3.64
N PRO A 87 -5.29 -4.28 4.97
CA PRO A 87 -4.17 -4.97 5.60
C PRO A 87 -4.21 -6.49 5.40
N CYS A 88 -3.05 -7.09 5.23
CA CYS A 88 -2.94 -8.53 5.03
C CYS A 88 -3.50 -9.30 6.23
N VAL A 89 -3.14 -8.86 7.43
CA VAL A 89 -3.62 -9.51 8.66
C VAL A 89 -4.36 -8.53 9.55
N ASP A 90 -5.42 -9.02 10.18
CA ASP A 90 -6.22 -8.20 11.08
C ASP A 90 -5.68 -8.27 12.51
N LYS A 91 -5.91 -7.22 13.28
CA LYS A 91 -5.45 -7.17 14.66
C LYS A 91 -6.38 -6.34 15.52
N SER A 92 -7.28 -7.03 16.22
CA SER A 92 -8.23 -6.37 17.10
C SER A 92 -8.34 -7.10 18.44
N LYS A 93 -8.46 -8.43 18.37
CA LYS A 93 -8.57 -9.25 19.57
C LYS A 93 -7.71 -10.50 19.45
N ASN A 94 -6.97 -10.81 20.51
CA ASN A 94 -6.11 -11.98 20.52
C ASN A 94 -4.98 -11.85 19.49
N HIS A 5 3.32 -19.42 3.66
CA HIS A 5 2.59 -18.62 4.68
C HIS A 5 3.55 -17.83 5.54
N ASP A 6 4.12 -16.77 4.97
CA ASP A 6 5.07 -15.94 5.69
C ASP A 6 4.35 -14.86 6.50
N SER A 7 4.04 -15.18 7.75
CA SER A 7 3.35 -14.24 8.63
C SER A 7 4.26 -13.07 9.01
N SER A 8 5.57 -13.25 8.86
CA SER A 8 6.53 -12.21 9.19
C SER A 8 6.29 -10.96 8.36
N LYS A 9 6.01 -11.15 7.08
CA LYS A 9 5.77 -10.03 6.17
C LYS A 9 4.30 -9.61 6.21
N ASP A 10 3.43 -10.55 6.59
CA ASP A 10 2.01 -10.27 6.67
C ASP A 10 1.72 -9.19 7.71
N SER A 11 2.43 -9.28 8.83
CA SER A 11 2.28 -8.31 9.92
C SER A 11 2.89 -6.95 9.58
N ILE A 12 3.60 -6.87 8.46
CA ILE A 12 4.23 -5.61 8.04
C ILE A 12 3.93 -5.28 6.58
N THR A 13 2.84 -5.83 6.05
CA THR A 13 2.46 -5.57 4.67
C THR A 13 1.08 -4.94 4.53
N VAL A 14 0.98 -4.05 3.56
CA VAL A 14 -0.28 -3.37 3.27
C VAL A 14 -0.41 -3.19 1.77
N PHE A 15 -1.46 -3.78 1.20
CA PHE A 15 -1.69 -3.67 -0.23
C PHE A 15 -2.63 -2.51 -0.55
N VAL A 16 -2.28 -1.76 -1.58
CA VAL A 16 -3.10 -0.62 -2.01
C VAL A 16 -3.85 -0.94 -3.29
N SER A 17 -5.14 -0.58 -3.33
CA SER A 17 -5.97 -0.84 -4.50
C SER A 17 -6.82 0.37 -4.87
N ASN A 18 -7.52 0.27 -5.99
CA ASN A 18 -8.39 1.33 -6.48
C ASN A 18 -7.62 2.62 -6.74
N LEU A 19 -6.42 2.49 -7.30
CA LEU A 19 -5.59 3.65 -7.61
C LEU A 19 -5.71 4.02 -9.09
N PRO A 20 -5.60 5.30 -9.45
CA PRO A 20 -5.70 5.73 -10.85
C PRO A 20 -4.70 5.01 -11.75
N TYR A 21 -5.15 4.56 -12.91
CA TYR A 21 -4.29 3.86 -13.85
C TYR A 21 -3.30 4.81 -14.50
N SER A 22 -3.72 6.07 -14.64
CA SER A 22 -2.88 7.10 -15.26
C SER A 22 -1.54 7.22 -14.54
N MET A 23 -1.49 6.81 -13.28
CA MET A 23 -0.26 6.88 -12.51
C MET A 23 0.79 5.93 -13.07
N GLN A 24 1.85 6.50 -13.66
CA GLN A 24 2.92 5.70 -14.24
C GLN A 24 3.79 5.03 -13.17
N GLU A 25 4.31 5.81 -12.23
CA GLU A 25 5.16 5.26 -11.17
C GLU A 25 4.45 5.31 -9.81
N PRO A 26 3.97 4.16 -9.29
CA PRO A 26 3.28 4.11 -8.00
C PRO A 26 4.26 4.23 -6.83
N ASP A 27 5.51 3.88 -7.08
CA ASP A 27 6.56 3.94 -6.06
C ASP A 27 6.82 5.36 -5.57
N THR A 28 6.78 6.32 -6.49
CA THR A 28 7.03 7.72 -6.14
C THR A 28 5.78 8.48 -5.70
N LYS A 29 4.61 8.16 -6.27
CA LYS A 29 3.39 8.86 -5.89
C LYS A 29 2.94 8.49 -4.49
N LEU A 30 3.06 7.21 -4.16
CA LEU A 30 2.66 6.73 -2.83
C LEU A 30 3.72 7.08 -1.79
N ARG A 31 4.95 7.25 -2.24
CA ARG A 31 6.06 7.59 -1.35
C ARG A 31 5.72 8.72 -0.37
N PRO A 32 5.31 9.90 -0.84
CA PRO A 32 4.99 11.03 0.04
C PRO A 32 3.82 10.75 0.99
N LEU A 33 3.00 9.76 0.67
CA LEU A 33 1.86 9.42 1.51
C LEU A 33 2.20 8.38 2.58
N PHE A 34 2.75 7.25 2.16
CA PHE A 34 3.12 6.18 3.09
C PHE A 34 4.33 6.54 3.94
N GLU A 35 5.31 7.20 3.35
CA GLU A 35 6.50 7.60 4.07
C GLU A 35 6.17 8.56 5.21
N ALA A 36 5.19 9.42 4.96
CA ALA A 36 4.76 10.39 5.94
C ALA A 36 4.18 9.73 7.18
N CYS A 37 3.85 8.44 7.08
CA CYS A 37 3.29 7.71 8.22
C CYS A 37 4.31 6.74 8.80
N GLY A 38 5.19 6.22 7.94
CA GLY A 38 6.21 5.29 8.40
C GLY A 38 7.21 4.96 7.31
N GLU A 39 8.40 4.54 7.71
CA GLU A 39 9.45 4.20 6.75
C GLU A 39 9.09 2.98 5.92
N VAL A 40 9.48 3.03 4.65
CA VAL A 40 9.20 1.94 3.72
C VAL A 40 10.51 1.26 3.30
N VAL A 41 10.55 -0.06 3.46
CA VAL A 41 11.74 -0.81 3.09
C VAL A 41 11.87 -0.86 1.57
N GLN A 42 10.76 -1.15 0.92
CA GLN A 42 10.73 -1.24 -0.55
C GLN A 42 9.32 -1.50 -1.08
N ILE A 43 9.05 -0.98 -2.27
CA ILE A 43 7.76 -1.16 -2.91
C ILE A 43 7.92 -2.07 -4.13
N ARG A 44 7.00 -3.03 -4.29
CA ARG A 44 7.07 -3.96 -5.42
C ARG A 44 5.94 -3.74 -6.42
N PRO A 45 6.13 -2.83 -7.39
CA PRO A 45 5.11 -2.54 -8.41
C PRO A 45 4.99 -3.67 -9.42
N ILE A 46 3.77 -3.93 -9.89
CA ILE A 46 3.55 -4.99 -10.86
C ILE A 46 3.45 -4.45 -12.28
N PHE A 47 4.41 -4.85 -13.12
CA PHE A 47 4.45 -4.42 -14.52
C PHE A 47 4.19 -5.60 -15.46
N SER A 48 3.62 -6.68 -14.93
CA SER A 48 3.33 -7.87 -15.73
C SER A 48 2.21 -7.59 -16.73
N ASN A 49 1.52 -6.47 -16.57
CA ASN A 49 0.43 -6.12 -17.48
C ASN A 49 0.91 -6.01 -18.93
N ARG A 50 0.16 -6.62 -19.84
CA ARG A 50 0.50 -6.61 -21.26
C ARG A 50 -0.23 -5.48 -21.99
N GLY A 51 -1.02 -4.69 -21.26
CA GLY A 51 -1.74 -3.60 -21.88
C GLY A 51 -1.57 -2.29 -21.14
N ASP A 52 -2.23 -2.18 -20.00
CA ASP A 52 -2.16 -0.96 -19.19
C ASP A 52 -1.73 -1.29 -17.76
N PHE A 53 -1.28 -0.27 -17.03
CA PHE A 53 -0.84 -0.44 -15.66
C PHE A 53 -1.88 -1.21 -14.84
N ARG A 54 -1.41 -2.00 -13.89
CA ARG A 54 -2.28 -2.80 -13.05
C ARG A 54 -3.18 -1.92 -12.18
N GLY A 55 -2.62 -0.82 -11.69
CA GLY A 55 -3.39 0.08 -10.84
C GLY A 55 -3.24 -0.24 -9.36
N TYR A 56 -2.33 -1.15 -9.02
CA TYR A 56 -2.11 -1.51 -7.63
C TYR A 56 -0.68 -1.99 -7.40
N CYS A 57 -0.25 -1.95 -6.15
CA CYS A 57 1.10 -2.37 -5.79
C CYS A 57 1.16 -2.77 -4.31
N TYR A 58 2.28 -3.36 -3.91
CA TYR A 58 2.45 -3.78 -2.52
C TYR A 58 3.62 -3.03 -1.88
N VAL A 59 3.46 -2.68 -0.61
CA VAL A 59 4.50 -1.97 0.11
C VAL A 59 4.80 -2.59 1.47
N GLU A 60 6.06 -2.59 1.82
CA GLU A 60 6.52 -3.15 3.09
C GLU A 60 7.19 -2.10 3.96
N PHE A 61 6.89 -2.13 5.25
CA PHE A 61 7.45 -1.19 6.22
C PHE A 61 8.42 -1.94 7.14
N LYS A 62 9.49 -1.27 7.56
CA LYS A 62 10.47 -1.89 8.44
C LYS A 62 9.91 -2.08 9.84
N GLU A 63 8.88 -1.31 10.19
CA GLU A 63 8.26 -1.40 11.50
C GLU A 63 6.75 -1.63 11.41
N GLU A 64 6.23 -2.46 12.29
CA GLU A 64 4.80 -2.77 12.34
C GLU A 64 3.95 -1.57 12.74
N LYS A 65 4.53 -0.66 13.52
CA LYS A 65 3.82 0.52 13.98
C LYS A 65 3.30 1.35 12.81
N SER A 66 4.11 1.42 11.76
CA SER A 66 3.74 2.18 10.57
C SER A 66 2.43 1.64 9.97
N ALA A 67 2.20 0.34 10.16
CA ALA A 67 1.01 -0.31 9.65
C ALA A 67 -0.22 0.14 10.41
N LEU A 68 -0.06 0.30 11.72
CA LEU A 68 -1.16 0.70 12.58
C LEU A 68 -1.72 2.07 12.17
N GLN A 69 -0.86 3.06 12.02
CA GLN A 69 -1.31 4.40 11.62
C GLN A 69 -1.71 4.44 10.15
N ALA A 70 -1.13 3.56 9.34
CA ALA A 70 -1.46 3.52 7.92
C ALA A 70 -2.94 3.25 7.73
N LEU A 71 -3.55 2.61 8.73
CA LEU A 71 -4.98 2.29 8.70
C LEU A 71 -5.77 3.59 8.66
N GLU A 72 -5.27 4.57 9.39
CA GLU A 72 -5.88 5.89 9.49
C GLU A 72 -5.92 6.60 8.13
N MET A 73 -5.08 6.18 7.20
CA MET A 73 -5.05 6.78 5.87
C MET A 73 -6.01 6.09 4.90
N ASP A 74 -6.57 4.96 5.33
CA ASP A 74 -7.50 4.21 4.50
C ASP A 74 -8.64 5.10 4.02
N ARG A 75 -8.94 5.01 2.73
CA ARG A 75 -10.01 5.78 2.10
C ARG A 75 -9.55 7.20 1.74
N LYS A 76 -8.24 7.45 1.81
CA LYS A 76 -7.69 8.76 1.48
C LYS A 76 -7.93 9.10 0.02
N SER A 77 -8.42 10.31 -0.24
CA SER A 77 -8.70 10.74 -1.62
C SER A 77 -7.42 11.21 -2.31
N VAL A 78 -7.07 10.53 -3.39
CA VAL A 78 -5.88 10.86 -4.16
C VAL A 78 -6.22 11.00 -5.64
N GLU A 79 -5.90 12.16 -6.23
CA GLU A 79 -6.18 12.40 -7.63
C GLU A 79 -7.67 12.28 -7.92
N GLY A 80 -8.47 12.55 -6.89
CA GLY A 80 -9.92 12.47 -7.04
C GLY A 80 -10.45 11.05 -6.93
N ARG A 81 -9.56 10.09 -6.71
CA ARG A 81 -9.96 8.69 -6.59
C ARG A 81 -9.56 8.14 -5.21
N PRO A 82 -10.53 7.72 -4.37
CA PRO A 82 -10.23 7.18 -3.03
C PRO A 82 -9.30 5.97 -3.09
N MET A 83 -8.40 5.88 -2.11
CA MET A 83 -7.45 4.78 -2.03
C MET A 83 -7.88 3.80 -0.95
N PHE A 84 -8.02 2.53 -1.34
CA PHE A 84 -8.43 1.50 -0.40
C PHE A 84 -7.25 0.70 0.13
N VAL A 85 -7.03 0.77 1.44
CA VAL A 85 -5.95 0.06 2.08
C VAL A 85 -6.49 -0.85 3.17
N SER A 86 -6.14 -2.13 3.11
CA SER A 86 -6.62 -3.09 4.10
C SER A 86 -5.46 -3.95 4.61
N PRO A 87 -5.56 -4.46 5.85
CA PRO A 87 -4.51 -5.30 6.43
C PRO A 87 -4.20 -6.52 5.57
N CYS A 88 -2.92 -6.84 5.44
CA CYS A 88 -2.50 -7.98 4.64
C CYS A 88 -3.04 -9.28 5.22
N VAL A 89 -3.03 -9.37 6.55
CA VAL A 89 -3.51 -10.55 7.25
C VAL A 89 -5.03 -10.66 7.13
N ASP A 90 -5.54 -11.88 7.17
CA ASP A 90 -6.97 -12.13 7.06
C ASP A 90 -7.73 -11.42 8.17
N LYS A 91 -8.87 -10.83 7.80
CA LYS A 91 -9.72 -10.11 8.74
C LYS A 91 -9.90 -10.90 10.03
N SER A 92 -9.13 -10.51 11.04
CA SER A 92 -9.18 -11.18 12.34
C SER A 92 -10.34 -10.64 13.18
N LYS A 93 -11.08 -11.56 13.79
CA LYS A 93 -12.22 -11.18 14.62
C LYS A 93 -11.99 -11.61 16.06
N ASN A 94 -12.52 -10.82 17.00
CA ASN A 94 -12.38 -11.12 18.41
C ASN A 94 -10.91 -11.26 18.80
N HIS A 5 3.83 -11.31 1.43
CA HIS A 5 4.12 -12.68 0.93
C HIS A 5 4.19 -13.67 2.09
N ASP A 6 5.33 -13.73 2.76
CA ASP A 6 5.53 -14.63 3.89
C ASP A 6 4.77 -14.13 5.11
N SER A 7 4.50 -15.05 6.04
CA SER A 7 3.80 -14.72 7.27
C SER A 7 4.54 -13.67 8.08
N SER A 8 5.88 -13.78 8.10
CA SER A 8 6.71 -12.84 8.84
C SER A 8 6.52 -11.42 8.33
N LYS A 9 6.24 -11.30 7.04
CA LYS A 9 6.03 -9.98 6.42
C LYS A 9 4.56 -9.55 6.51
N ASP A 10 3.71 -10.44 7.03
CA ASP A 10 2.29 -10.16 7.16
C ASP A 10 2.04 -8.97 8.10
N SER A 11 2.77 -8.93 9.20
CA SER A 11 2.63 -7.86 10.18
C SER A 11 3.27 -6.55 9.70
N ILE A 12 3.88 -6.56 8.52
CA ILE A 12 4.50 -5.35 8.00
C ILE A 12 4.16 -5.10 6.53
N THR A 13 3.08 -5.71 6.06
CA THR A 13 2.65 -5.55 4.68
C THR A 13 1.22 -5.07 4.56
N VAL A 14 0.99 -4.23 3.56
CA VAL A 14 -0.33 -3.69 3.31
C VAL A 14 -0.56 -3.57 1.81
N PHE A 15 -1.54 -4.30 1.31
CA PHE A 15 -1.87 -4.28 -0.10
C PHE A 15 -2.76 -3.09 -0.44
N VAL A 16 -2.44 -2.38 -1.52
CA VAL A 16 -3.22 -1.22 -1.94
C VAL A 16 -3.82 -1.43 -3.33
N SER A 17 -5.02 -0.90 -3.52
CA SER A 17 -5.72 -1.01 -4.80
C SER A 17 -6.65 0.18 -5.03
N ASN A 18 -7.25 0.24 -6.21
CA ASN A 18 -8.16 1.33 -6.58
C ASN A 18 -7.40 2.62 -6.84
N LEU A 19 -6.24 2.52 -7.47
CA LEU A 19 -5.43 3.69 -7.79
C LEU A 19 -5.48 3.99 -9.29
N PRO A 20 -5.32 5.27 -9.68
CA PRO A 20 -5.35 5.65 -11.09
C PRO A 20 -4.34 4.88 -11.92
N TYR A 21 -4.74 4.45 -13.12
CA TYR A 21 -3.86 3.69 -13.99
C TYR A 21 -2.92 4.61 -14.78
N SER A 22 -3.38 5.84 -15.00
CA SER A 22 -2.58 6.82 -15.73
C SER A 22 -1.24 7.08 -15.06
N MET A 23 -1.17 6.78 -13.77
CA MET A 23 0.07 6.98 -13.01
C MET A 23 1.19 6.10 -13.53
N GLN A 24 2.27 6.73 -13.99
CA GLN A 24 3.42 6.01 -14.51
C GLN A 24 4.24 5.34 -13.41
N GLU A 25 4.64 6.10 -12.39
CA GLU A 25 5.42 5.55 -11.28
C GLU A 25 4.60 5.52 -9.99
N PRO A 26 4.14 4.33 -9.55
CA PRO A 26 3.34 4.22 -8.32
C PRO A 26 4.18 4.35 -7.06
N ASP A 27 5.44 3.90 -7.13
CA ASP A 27 6.33 3.95 -5.98
C ASP A 27 6.72 5.40 -5.63
N THR A 28 6.87 6.23 -6.65
CA THR A 28 7.25 7.63 -6.45
C THR A 28 6.13 8.48 -5.84
N LYS A 29 4.94 8.43 -6.42
CA LYS A 29 3.82 9.21 -5.89
C LYS A 29 3.34 8.66 -4.56
N LEU A 30 3.30 7.34 -4.45
CA LEU A 30 2.87 6.67 -3.23
C LEU A 30 3.83 6.96 -2.07
N ARG A 31 5.13 6.95 -2.39
CA ARG A 31 6.20 7.19 -1.42
C ARG A 31 5.89 8.31 -0.42
N PRO A 32 5.66 9.55 -0.87
CA PRO A 32 5.39 10.67 0.04
C PRO A 32 4.13 10.47 0.89
N LEU A 33 3.24 9.57 0.50
CA LEU A 33 2.02 9.33 1.27
C LEU A 33 2.24 8.36 2.44
N PHE A 34 2.71 7.15 2.14
CA PHE A 34 2.94 6.15 3.18
C PHE A 34 4.16 6.48 4.04
N GLU A 35 5.19 7.04 3.42
CA GLU A 35 6.40 7.39 4.14
C GLU A 35 6.08 8.38 5.25
N ALA A 36 5.10 9.23 4.98
CA ALA A 36 4.67 10.23 5.93
C ALA A 36 4.09 9.62 7.21
N CYS A 37 3.74 8.32 7.15
CA CYS A 37 3.17 7.64 8.31
C CYS A 37 4.19 6.68 8.92
N GLY A 38 5.13 6.22 8.10
CA GLY A 38 6.16 5.30 8.57
C GLY A 38 7.15 4.98 7.46
N GLU A 39 8.36 4.59 7.83
CA GLU A 39 9.39 4.27 6.84
C GLU A 39 9.02 3.06 6.00
N VAL A 40 9.35 3.13 4.72
CA VAL A 40 9.08 2.05 3.77
C VAL A 40 10.39 1.44 3.29
N VAL A 41 10.51 0.13 3.39
CA VAL A 41 11.72 -0.55 2.96
C VAL A 41 11.81 -0.53 1.43
N GLN A 42 10.68 -0.84 0.79
CA GLN A 42 10.61 -0.86 -0.66
C GLN A 42 9.20 -1.16 -1.16
N ILE A 43 8.90 -0.71 -2.38
CA ILE A 43 7.61 -0.92 -3.00
C ILE A 43 7.74 -1.84 -4.20
N ARG A 44 6.84 -2.82 -4.30
CA ARG A 44 6.88 -3.78 -5.41
C ARG A 44 5.65 -3.65 -6.29
N PRO A 45 5.68 -2.75 -7.29
CA PRO A 45 4.55 -2.55 -8.21
C PRO A 45 4.39 -3.72 -9.17
N ILE A 46 3.16 -3.99 -9.57
CA ILE A 46 2.88 -5.08 -10.50
C ILE A 46 3.21 -4.70 -11.93
N PHE A 47 4.26 -5.30 -12.47
CA PHE A 47 4.68 -5.03 -13.84
C PHE A 47 4.31 -6.18 -14.78
N SER A 48 3.55 -7.14 -14.27
CA SER A 48 3.13 -8.29 -15.06
C SER A 48 2.04 -7.91 -16.06
N ASN A 49 1.46 -6.71 -15.90
CA ASN A 49 0.40 -6.25 -16.78
C ASN A 49 0.88 -6.19 -18.23
N ARG A 50 0.12 -6.85 -19.10
CA ARG A 50 0.44 -6.88 -20.53
C ARG A 50 -0.28 -5.76 -21.29
N GLY A 51 -1.15 -5.03 -20.59
CA GLY A 51 -1.88 -3.96 -21.22
C GLY A 51 -1.83 -2.66 -20.43
N ASP A 52 -2.80 -2.49 -19.53
CA ASP A 52 -2.88 -1.31 -18.70
C ASP A 52 -2.65 -1.64 -17.22
N PHE A 53 -2.18 -0.66 -16.47
CA PHE A 53 -1.92 -0.84 -15.04
C PHE A 53 -3.20 -1.22 -14.32
N ARG A 54 -3.06 -1.96 -13.23
CA ARG A 54 -4.23 -2.39 -12.45
C ARG A 54 -4.44 -1.51 -11.21
N GLY A 55 -3.50 -0.60 -10.95
CA GLY A 55 -3.63 0.27 -9.80
C GLY A 55 -3.43 -0.45 -8.49
N TYR A 56 -2.77 -1.61 -8.54
CA TYR A 56 -2.53 -2.41 -7.35
C TYR A 56 -1.02 -2.58 -7.11
N CYS A 57 -0.59 -2.35 -5.87
CA CYS A 57 0.82 -2.48 -5.51
C CYS A 57 0.97 -2.98 -4.08
N TYR A 58 2.22 -3.22 -3.67
CA TYR A 58 2.49 -3.70 -2.32
C TYR A 58 3.46 -2.76 -1.61
N VAL A 59 3.25 -2.54 -0.31
CA VAL A 59 4.12 -1.66 0.46
C VAL A 59 4.64 -2.36 1.72
N GLU A 60 5.95 -2.35 1.87
CA GLU A 60 6.60 -2.98 3.01
C GLU A 60 7.23 -1.93 3.92
N PHE A 61 7.01 -2.07 5.23
CA PHE A 61 7.55 -1.14 6.21
C PHE A 61 8.55 -1.84 7.12
N LYS A 62 9.57 -1.12 7.55
CA LYS A 62 10.57 -1.70 8.43
C LYS A 62 10.02 -1.95 9.84
N GLU A 63 8.99 -1.21 10.21
CA GLU A 63 8.37 -1.38 11.54
C GLU A 63 6.86 -1.60 11.44
N GLU A 64 6.33 -2.42 12.35
CA GLU A 64 4.90 -2.73 12.41
C GLU A 64 4.05 -1.52 12.77
N LYS A 65 4.62 -0.60 13.54
CA LYS A 65 3.91 0.60 13.97
C LYS A 65 3.37 1.39 12.78
N SER A 66 4.14 1.43 11.72
CA SER A 66 3.76 2.15 10.51
C SER A 66 2.48 1.58 9.90
N ALA A 67 2.22 0.31 10.15
CA ALA A 67 1.04 -0.36 9.63
C ALA A 67 -0.15 -0.10 10.53
N LEU A 68 0.12 0.27 11.77
CA LEU A 68 -0.93 0.53 12.74
C LEU A 68 -1.67 1.83 12.40
N GLN A 69 -0.93 2.92 12.27
CA GLN A 69 -1.53 4.21 11.94
C GLN A 69 -1.96 4.27 10.48
N ALA A 70 -1.33 3.45 9.64
CA ALA A 70 -1.63 3.41 8.22
C ALA A 70 -3.09 3.00 7.98
N LEU A 71 -3.65 2.24 8.92
CA LEU A 71 -5.03 1.79 8.80
C LEU A 71 -5.97 2.97 8.80
N GLU A 72 -5.65 3.93 9.65
CA GLU A 72 -6.44 5.14 9.78
C GLU A 72 -6.26 6.07 8.58
N MET A 73 -5.18 5.88 7.83
CA MET A 73 -4.90 6.71 6.66
C MET A 73 -5.84 6.37 5.50
N ASP A 74 -6.32 5.12 5.48
CA ASP A 74 -7.22 4.67 4.42
C ASP A 74 -8.38 5.64 4.20
N ARG A 75 -8.97 5.55 3.01
CA ARG A 75 -10.10 6.40 2.61
C ARG A 75 -9.63 7.79 2.20
N LYS A 76 -8.32 8.03 2.25
CA LYS A 76 -7.75 9.33 1.88
C LYS A 76 -7.95 9.60 0.40
N SER A 77 -8.30 10.84 0.08
CA SER A 77 -8.50 11.21 -1.32
C SER A 77 -7.16 11.53 -1.99
N VAL A 78 -6.83 10.74 -3.01
CA VAL A 78 -5.58 10.93 -3.75
C VAL A 78 -5.86 11.07 -5.24
N GLU A 79 -5.39 12.15 -5.85
CA GLU A 79 -5.60 12.39 -7.26
C GLU A 79 -7.09 12.46 -7.56
N GLY A 80 -7.87 12.89 -6.58
CA GLY A 80 -9.30 12.99 -6.74
C GLY A 80 -10.02 11.67 -6.58
N ARG A 81 -9.27 10.61 -6.31
CA ARG A 81 -9.85 9.28 -6.14
C ARG A 81 -9.38 8.64 -4.82
N PRO A 82 -10.29 8.24 -3.92
CA PRO A 82 -9.91 7.63 -2.64
C PRO A 82 -9.05 6.37 -2.82
N MET A 83 -8.11 6.18 -1.89
CA MET A 83 -7.23 5.02 -1.93
C MET A 83 -7.66 4.00 -0.89
N PHE A 84 -7.80 2.75 -1.30
CA PHE A 84 -8.22 1.70 -0.39
C PHE A 84 -7.01 0.96 0.20
N VAL A 85 -6.90 1.01 1.52
CA VAL A 85 -5.80 0.36 2.22
C VAL A 85 -6.35 -0.59 3.29
N SER A 86 -5.91 -1.84 3.25
CA SER A 86 -6.37 -2.83 4.21
C SER A 86 -5.18 -3.62 4.77
N PRO A 87 -5.31 -4.13 6.01
CA PRO A 87 -4.24 -4.89 6.65
C PRO A 87 -4.06 -6.26 6.01
N CYS A 88 -2.82 -6.74 6.00
CA CYS A 88 -2.51 -8.04 5.41
C CYS A 88 -3.25 -9.15 6.16
N VAL A 89 -3.22 -9.08 7.50
CA VAL A 89 -3.89 -10.08 8.33
C VAL A 89 -5.07 -9.47 9.07
N ASP A 90 -6.23 -10.10 8.94
CA ASP A 90 -7.44 -9.63 9.59
C ASP A 90 -7.35 -9.81 11.10
N LYS A 91 -7.97 -8.89 11.84
CA LYS A 91 -7.96 -8.94 13.29
C LYS A 91 -9.38 -8.95 13.83
N SER A 92 -9.87 -10.14 14.16
CA SER A 92 -11.22 -10.28 14.69
C SER A 92 -11.31 -11.41 15.71
N LYS A 93 -10.15 -11.86 16.22
CA LYS A 93 -10.12 -12.93 17.20
C LYS A 93 -8.99 -12.72 18.20
N ASN A 94 -9.34 -12.67 19.49
CA ASN A 94 -8.35 -12.47 20.54
C ASN A 94 -9.02 -12.49 21.92
N HIS A 5 5.86 -13.98 1.38
CA HIS A 5 4.99 -15.19 1.33
C HIS A 5 4.70 -15.72 2.74
N ASP A 6 5.72 -15.67 3.60
CA ASP A 6 5.59 -16.14 4.97
C ASP A 6 4.68 -15.21 5.79
N SER A 7 4.06 -15.78 6.82
CA SER A 7 3.17 -15.02 7.69
C SER A 7 3.93 -13.91 8.43
N SER A 8 5.25 -14.02 8.48
CA SER A 8 6.08 -13.03 9.16
C SER A 8 5.90 -11.66 8.53
N LYS A 9 5.77 -11.61 7.21
CA LYS A 9 5.60 -10.35 6.50
C LYS A 9 4.14 -9.90 6.53
N ASP A 10 3.24 -10.78 6.97
CA ASP A 10 1.82 -10.48 7.05
C ASP A 10 1.56 -9.31 8.01
N SER A 11 2.26 -9.32 9.13
CA SER A 11 2.12 -8.27 10.14
C SER A 11 2.73 -6.94 9.70
N ILE A 12 3.44 -6.94 8.58
CA ILE A 12 4.07 -5.72 8.07
C ILE A 12 3.76 -5.47 6.59
N THR A 13 2.70 -6.11 6.09
CA THR A 13 2.31 -5.94 4.68
C THR A 13 0.94 -5.32 4.53
N VAL A 14 0.85 -4.41 3.56
CA VAL A 14 -0.39 -3.72 3.25
C VAL A 14 -0.50 -3.56 1.75
N PHE A 15 -1.53 -4.15 1.16
CA PHE A 15 -1.75 -4.05 -0.28
C PHE A 15 -2.67 -2.88 -0.62
N VAL A 16 -2.29 -2.09 -1.62
CA VAL A 16 -3.08 -0.95 -2.03
C VAL A 16 -3.83 -1.24 -3.33
N SER A 17 -5.05 -0.72 -3.43
CA SER A 17 -5.88 -0.91 -4.61
C SER A 17 -6.66 0.36 -4.95
N ASN A 18 -7.38 0.33 -6.06
CA ASN A 18 -8.17 1.47 -6.51
C ASN A 18 -7.30 2.68 -6.81
N LEU A 19 -6.14 2.44 -7.42
CA LEU A 19 -5.22 3.52 -7.76
C LEU A 19 -5.37 3.87 -9.25
N PRO A 20 -5.27 5.16 -9.63
CA PRO A 20 -5.40 5.55 -11.04
C PRO A 20 -4.37 4.85 -11.93
N TYR A 21 -4.81 4.39 -13.10
CA TYR A 21 -3.92 3.70 -14.03
C TYR A 21 -2.92 4.67 -14.66
N SER A 22 -3.34 5.92 -14.81
CA SER A 22 -2.48 6.95 -15.40
C SER A 22 -1.14 7.04 -14.68
N MET A 23 -1.10 6.60 -13.43
CA MET A 23 0.13 6.64 -12.65
C MET A 23 1.08 5.51 -13.07
N GLN A 24 2.22 5.89 -13.62
CA GLN A 24 3.22 4.91 -14.06
C GLN A 24 4.05 4.35 -12.91
N GLU A 25 4.53 5.22 -12.02
CA GLU A 25 5.34 4.77 -10.88
C GLU A 25 4.58 4.93 -9.55
N PRO A 26 4.11 3.82 -8.94
CA PRO A 26 3.38 3.89 -7.66
C PRO A 26 4.28 4.23 -6.48
N ASP A 27 5.55 3.89 -6.58
CA ASP A 27 6.51 4.16 -5.50
C ASP A 27 6.69 5.66 -5.29
N THR A 28 6.78 6.40 -6.39
CA THR A 28 6.96 7.84 -6.34
C THR A 28 5.71 8.61 -5.88
N LYS A 29 4.55 8.24 -6.41
CA LYS A 29 3.30 8.91 -6.06
C LYS A 29 2.83 8.64 -4.63
N LEU A 30 3.01 7.41 -4.17
CA LEU A 30 2.61 7.05 -2.81
C LEU A 30 3.68 7.42 -1.79
N ARG A 31 4.92 7.58 -2.25
CA ARG A 31 6.03 7.92 -1.36
C ARG A 31 5.68 9.03 -0.36
N PRO A 32 5.18 10.20 -0.80
CA PRO A 32 4.84 11.29 0.12
C PRO A 32 3.80 10.89 1.17
N LEU A 33 2.83 10.09 0.74
CA LEU A 33 1.75 9.64 1.63
C LEU A 33 2.20 8.61 2.67
N PHE A 34 2.81 7.52 2.21
CA PHE A 34 3.28 6.47 3.11
C PHE A 34 4.47 6.89 3.96
N GLU A 35 5.42 7.59 3.36
CA GLU A 35 6.60 8.05 4.08
C GLU A 35 6.22 8.99 5.21
N ALA A 36 5.22 9.81 4.96
CA ALA A 36 4.75 10.77 5.95
C ALA A 36 4.19 10.07 7.20
N CYS A 37 3.81 8.80 7.06
CA CYS A 37 3.25 8.03 8.17
C CYS A 37 4.27 7.04 8.72
N GLY A 38 5.11 6.52 7.84
CA GLY A 38 6.13 5.56 8.24
C GLY A 38 7.08 5.26 7.09
N GLU A 39 8.29 4.81 7.40
CA GLU A 39 9.27 4.52 6.36
C GLU A 39 9.04 3.18 5.69
N VAL A 40 8.92 3.25 4.38
CA VAL A 40 8.69 2.07 3.55
C VAL A 40 10.04 1.44 3.18
N VAL A 41 10.16 0.14 3.36
CA VAL A 41 11.41 -0.55 3.04
C VAL A 41 11.58 -0.62 1.53
N GLN A 42 10.51 -1.03 0.84
CA GLN A 42 10.54 -1.15 -0.61
C GLN A 42 9.17 -1.56 -1.18
N ILE A 43 8.89 -1.11 -2.40
CA ILE A 43 7.64 -1.42 -3.08
C ILE A 43 7.89 -2.31 -4.29
N ARG A 44 7.05 -3.32 -4.48
CA ARG A 44 7.21 -4.23 -5.61
C ARG A 44 6.01 -4.21 -6.55
N PRO A 45 6.01 -3.30 -7.53
CA PRO A 45 4.90 -3.19 -8.49
C PRO A 45 4.86 -4.40 -9.42
N ILE A 46 3.67 -4.78 -9.84
CA ILE A 46 3.49 -5.92 -10.74
C ILE A 46 3.64 -5.52 -12.20
N PHE A 47 4.58 -6.18 -12.88
CA PHE A 47 4.84 -5.91 -14.29
C PHE A 47 4.65 -7.17 -15.14
N SER A 48 4.24 -8.27 -14.51
CA SER A 48 4.01 -9.53 -15.21
C SER A 48 2.88 -9.42 -16.24
N ASN A 49 2.11 -8.34 -16.17
CA ASN A 49 0.99 -8.13 -17.09
C ASN A 49 1.48 -8.10 -18.53
N ARG A 50 0.69 -8.71 -19.41
CA ARG A 50 1.02 -8.77 -20.84
C ARG A 50 0.25 -7.71 -21.63
N GLY A 51 -0.58 -6.93 -20.95
CA GLY A 51 -1.34 -5.90 -21.63
C GLY A 51 -1.23 -4.55 -20.96
N ASP A 52 -2.03 -4.35 -19.92
CA ASP A 52 -2.01 -3.09 -19.19
C ASP A 52 -1.77 -3.32 -17.69
N PHE A 53 -1.38 -2.25 -17.00
CA PHE A 53 -1.12 -2.33 -15.56
C PHE A 53 -2.41 -2.59 -14.80
N ARG A 54 -2.28 -3.28 -13.66
CA ARG A 54 -3.43 -3.61 -12.84
C ARG A 54 -3.78 -2.45 -11.90
N GLY A 55 -2.91 -1.46 -11.81
CA GLY A 55 -3.16 -0.32 -10.95
C GLY A 55 -3.05 -0.64 -9.46
N TYR A 56 -2.22 -1.64 -9.13
CA TYR A 56 -2.06 -2.02 -7.73
C TYR A 56 -0.63 -2.49 -7.47
N CYS A 57 -0.22 -2.42 -6.20
CA CYS A 57 1.11 -2.84 -5.79
C CYS A 57 1.12 -3.19 -4.31
N TYR A 58 2.24 -3.75 -3.83
CA TYR A 58 2.35 -4.13 -2.42
C TYR A 58 3.37 -3.23 -1.74
N VAL A 59 3.09 -2.87 -0.49
CA VAL A 59 4.00 -2.01 0.27
C VAL A 59 4.36 -2.63 1.61
N GLU A 60 5.65 -2.57 1.92
CA GLU A 60 6.17 -3.13 3.16
C GLU A 60 6.82 -2.06 4.02
N PHE A 61 6.51 -2.06 5.32
CA PHE A 61 7.07 -1.07 6.24
C PHE A 61 8.13 -1.73 7.11
N LYS A 62 9.20 -0.99 7.39
CA LYS A 62 10.28 -1.52 8.23
C LYS A 62 9.79 -1.79 9.64
N GLU A 63 8.78 -1.03 10.06
CA GLU A 63 8.21 -1.20 11.39
C GLU A 63 6.69 -1.41 11.32
N GLU A 64 6.18 -2.26 12.20
CA GLU A 64 4.76 -2.57 12.26
C GLU A 64 3.91 -1.36 12.62
N LYS A 65 4.44 -0.51 13.48
CA LYS A 65 3.72 0.68 13.91
C LYS A 65 3.32 1.52 12.69
N SER A 66 4.19 1.56 11.72
CA SER A 66 3.93 2.31 10.50
C SER A 66 2.70 1.78 9.79
N ALA A 67 2.56 0.47 9.79
CA ALA A 67 1.42 -0.20 9.16
C ALA A 67 0.13 0.14 9.88
N LEU A 68 0.23 0.18 11.21
CA LEU A 68 -0.91 0.48 12.06
C LEU A 68 -1.53 1.83 11.73
N GLN A 69 -0.72 2.88 11.67
CA GLN A 69 -1.24 4.21 11.36
C GLN A 69 -1.65 4.31 9.89
N ALA A 70 -1.02 3.50 9.05
CA ALA A 70 -1.34 3.50 7.63
C ALA A 70 -2.81 3.15 7.41
N LEU A 71 -3.33 2.28 8.28
CA LEU A 71 -4.73 1.85 8.20
C LEU A 71 -5.65 3.06 8.36
N GLU A 72 -5.24 3.95 9.25
CA GLU A 72 -5.98 5.16 9.55
C GLU A 72 -6.07 6.09 8.34
N MET A 73 -5.16 5.92 7.39
CA MET A 73 -5.14 6.75 6.18
C MET A 73 -6.15 6.25 5.15
N ASP A 74 -6.66 5.04 5.36
CA ASP A 74 -7.63 4.44 4.44
C ASP A 74 -8.77 5.40 4.11
N ARG A 75 -9.25 5.29 2.86
CA ARG A 75 -10.35 6.12 2.36
C ARG A 75 -9.88 7.52 1.94
N LYS A 76 -8.58 7.77 2.01
CA LYS A 76 -8.03 9.07 1.62
C LYS A 76 -8.20 9.31 0.13
N SER A 77 -8.59 10.51 -0.24
CA SER A 77 -8.78 10.85 -1.64
C SER A 77 -7.48 11.36 -2.27
N VAL A 78 -7.02 10.63 -3.29
CA VAL A 78 -5.79 10.99 -4.01
C VAL A 78 -6.07 11.09 -5.50
N GLU A 79 -5.73 12.23 -6.10
CA GLU A 79 -5.96 12.44 -7.52
C GLU A 79 -7.44 12.31 -7.84
N GLY A 80 -8.27 12.61 -6.85
CA GLY A 80 -9.71 12.52 -7.02
C GLY A 80 -10.23 11.10 -6.91
N ARG A 81 -9.35 10.13 -6.67
CA ARG A 81 -9.76 8.74 -6.55
C ARG A 81 -9.40 8.20 -5.16
N PRO A 82 -10.40 7.75 -4.35
CA PRO A 82 -10.13 7.22 -3.01
C PRO A 82 -9.20 6.01 -3.04
N MET A 83 -8.33 5.90 -2.05
CA MET A 83 -7.40 4.78 -1.97
C MET A 83 -7.81 3.86 -0.82
N PHE A 84 -7.95 2.57 -1.13
CA PHE A 84 -8.34 1.60 -0.13
C PHE A 84 -7.19 0.67 0.22
N VAL A 85 -6.77 0.71 1.47
CA VAL A 85 -5.67 -0.12 1.93
C VAL A 85 -6.15 -1.16 2.93
N SER A 86 -6.18 -2.42 2.51
CA SER A 86 -6.62 -3.51 3.37
C SER A 86 -5.41 -4.34 3.83
N PRO A 87 -5.18 -4.46 5.15
CA PRO A 87 -4.03 -5.24 5.66
C PRO A 87 -4.16 -6.71 5.32
N CYS A 88 -3.03 -7.34 4.99
CA CYS A 88 -3.01 -8.75 4.65
C CYS A 88 -3.48 -9.61 5.82
N VAL A 89 -3.00 -9.28 7.01
CA VAL A 89 -3.37 -10.03 8.21
C VAL A 89 -4.81 -9.75 8.63
N ASP A 90 -5.37 -10.66 9.42
CA ASP A 90 -6.75 -10.51 9.89
C ASP A 90 -6.79 -9.84 11.25
N LYS A 91 -7.48 -8.70 11.32
CA LYS A 91 -7.61 -7.94 12.56
C LYS A 91 -7.90 -8.86 13.75
N SER A 92 -6.85 -9.15 14.50
CA SER A 92 -6.95 -10.02 15.67
C SER A 92 -7.13 -9.20 16.95
N LYS A 93 -7.17 -9.87 18.09
CA LYS A 93 -7.34 -9.20 19.37
C LYS A 93 -6.20 -8.22 19.62
N ASN A 94 -4.99 -8.63 19.26
CA ASN A 94 -3.81 -7.78 19.44
C ASN A 94 -3.69 -7.33 20.90
N HIS A 5 1.41 -15.77 3.30
CA HIS A 5 2.09 -17.00 3.78
C HIS A 5 3.17 -16.67 4.81
N ASP A 6 3.70 -15.45 4.74
CA ASP A 6 4.74 -15.02 5.67
C ASP A 6 4.13 -14.25 6.83
N SER A 7 4.15 -14.87 8.01
CA SER A 7 3.61 -14.24 9.22
C SER A 7 4.40 -12.99 9.59
N SER A 8 5.72 -13.08 9.44
CA SER A 8 6.60 -11.96 9.77
C SER A 8 6.32 -10.75 8.88
N LYS A 9 5.94 -11.00 7.63
CA LYS A 9 5.64 -9.93 6.70
C LYS A 9 4.16 -9.55 6.74
N ASP A 10 3.34 -10.45 7.27
CA ASP A 10 1.90 -10.22 7.36
C ASP A 10 1.57 -9.04 8.27
N SER A 11 2.26 -8.98 9.41
CA SER A 11 2.05 -7.91 10.38
C SER A 11 2.70 -6.58 9.94
N ILE A 12 3.37 -6.60 8.79
CA ILE A 12 4.01 -5.38 8.30
C ILE A 12 3.71 -5.13 6.83
N THR A 13 2.67 -5.78 6.31
CA THR A 13 2.29 -5.62 4.90
C THR A 13 0.90 -5.03 4.74
N VAL A 14 0.78 -4.18 3.73
CA VAL A 14 -0.48 -3.54 3.43
C VAL A 14 -0.62 -3.41 1.93
N PHE A 15 -1.64 -4.05 1.37
CA PHE A 15 -1.88 -4.01 -0.06
C PHE A 15 -2.81 -2.85 -0.41
N VAL A 16 -2.45 -2.10 -1.45
CA VAL A 16 -3.26 -0.97 -1.89
C VAL A 16 -3.75 -1.18 -3.31
N SER A 17 -4.95 -0.68 -3.58
CA SER A 17 -5.56 -0.81 -4.91
C SER A 17 -6.57 0.30 -5.16
N ASN A 18 -7.09 0.35 -6.39
CA ASN A 18 -8.06 1.37 -6.78
C ASN A 18 -7.42 2.73 -6.94
N LEU A 19 -6.18 2.73 -7.45
CA LEU A 19 -5.44 3.98 -7.67
C LEU A 19 -5.45 4.36 -9.15
N PRO A 20 -5.32 5.67 -9.46
CA PRO A 20 -5.31 6.15 -10.85
C PRO A 20 -4.21 5.49 -11.67
N TYR A 21 -4.56 5.13 -12.91
CA TYR A 21 -3.59 4.48 -13.81
C TYR A 21 -2.68 5.52 -14.45
N SER A 22 -3.16 6.75 -14.55
CA SER A 22 -2.39 7.84 -15.14
C SER A 22 -1.02 7.99 -14.48
N MET A 23 -0.88 7.50 -13.26
CA MET A 23 0.39 7.59 -12.54
C MET A 23 1.39 6.59 -13.09
N GLN A 24 2.49 7.08 -13.62
CA GLN A 24 3.53 6.22 -14.18
C GLN A 24 4.21 5.38 -13.12
N GLU A 25 4.81 6.03 -12.12
CA GLU A 25 5.50 5.32 -11.05
C GLU A 25 4.73 5.43 -9.73
N PRO A 26 4.07 4.35 -9.27
CA PRO A 26 3.32 4.37 -8.01
C PRO A 26 4.23 4.42 -6.79
N ASP A 27 5.47 3.97 -6.96
CA ASP A 27 6.45 3.96 -5.88
C ASP A 27 6.79 5.38 -5.44
N THR A 28 6.91 6.28 -6.41
CA THR A 28 7.24 7.67 -6.15
C THR A 28 6.04 8.52 -5.73
N LYS A 29 4.90 8.33 -6.38
CA LYS A 29 3.70 9.10 -6.07
C LYS A 29 3.17 8.81 -4.67
N LEU A 30 3.24 7.56 -4.25
CA LEU A 30 2.74 7.16 -2.93
C LEU A 30 3.79 7.42 -1.84
N ARG A 31 5.05 7.56 -2.24
CA ARG A 31 6.14 7.80 -1.29
C ARG A 31 5.80 8.88 -0.25
N PRO A 32 5.37 10.08 -0.66
CA PRO A 32 5.03 11.15 0.30
C PRO A 32 3.92 10.75 1.27
N LEU A 33 2.91 10.05 0.78
CA LEU A 33 1.78 9.62 1.60
C LEU A 33 2.14 8.54 2.63
N PHE A 34 2.77 7.46 2.18
CA PHE A 34 3.15 6.37 3.07
C PHE A 34 4.33 6.74 3.97
N GLU A 35 5.32 7.40 3.40
CA GLU A 35 6.50 7.80 4.17
C GLU A 35 6.13 8.78 5.26
N ALA A 36 5.16 9.63 4.98
CA ALA A 36 4.70 10.61 5.94
C ALA A 36 4.07 9.95 7.16
N CYS A 37 3.70 8.68 7.02
CA CYS A 37 3.10 7.93 8.12
C CYS A 37 4.09 6.96 8.73
N GLY A 38 4.97 6.42 7.89
CA GLY A 38 5.97 5.47 8.36
C GLY A 38 6.96 5.12 7.27
N GLU A 39 8.16 4.68 7.65
CA GLU A 39 9.18 4.33 6.68
C GLU A 39 8.81 3.08 5.89
N VAL A 40 9.18 3.09 4.62
CA VAL A 40 8.92 1.98 3.72
C VAL A 40 10.22 1.33 3.28
N VAL A 41 10.31 0.01 3.44
CA VAL A 41 11.51 -0.70 3.06
C VAL A 41 11.62 -0.76 1.54
N GLN A 42 10.51 -1.10 0.89
CA GLN A 42 10.47 -1.20 -0.57
C GLN A 42 9.06 -1.53 -1.08
N ILE A 43 8.77 -1.07 -2.30
CA ILE A 43 7.48 -1.31 -2.93
C ILE A 43 7.66 -2.20 -4.17
N ARG A 44 6.79 -3.19 -4.32
CA ARG A 44 6.87 -4.10 -5.46
C ARG A 44 5.67 -3.94 -6.40
N PRO A 45 5.77 -3.03 -7.39
CA PRO A 45 4.68 -2.81 -8.34
C PRO A 45 4.52 -3.98 -9.31
N ILE A 46 3.28 -4.20 -9.76
CA ILE A 46 3.00 -5.30 -10.68
C ILE A 46 3.11 -4.86 -12.14
N PHE A 47 4.00 -5.51 -12.88
CA PHE A 47 4.21 -5.20 -14.30
C PHE A 47 3.83 -6.39 -15.19
N SER A 48 3.38 -7.48 -14.57
CA SER A 48 2.99 -8.68 -15.30
C SER A 48 1.89 -8.38 -16.32
N ASN A 49 1.17 -7.28 -16.11
CA ASN A 49 0.09 -6.90 -17.01
C ASN A 49 0.60 -6.71 -18.43
N ARG A 50 0.09 -7.53 -19.35
CA ARG A 50 0.48 -7.45 -20.75
C ARG A 50 -0.29 -6.36 -21.49
N GLY A 51 -1.19 -5.68 -20.80
CA GLY A 51 -1.96 -4.63 -21.42
C GLY A 51 -1.96 -3.35 -20.63
N ASP A 52 -2.87 -3.26 -19.65
CA ASP A 52 -2.98 -2.08 -18.80
C ASP A 52 -2.61 -2.40 -17.37
N PHE A 53 -2.13 -1.39 -16.65
CA PHE A 53 -1.74 -1.57 -15.26
C PHE A 53 -2.92 -2.05 -14.44
N ARG A 54 -2.64 -2.78 -13.36
CA ARG A 54 -3.69 -3.31 -12.51
C ARG A 54 -4.15 -2.27 -11.49
N GLY A 55 -3.34 -1.23 -11.29
CA GLY A 55 -3.67 -0.18 -10.35
C GLY A 55 -3.49 -0.59 -8.89
N TYR A 56 -2.64 -1.59 -8.63
CA TYR A 56 -2.41 -2.02 -7.25
C TYR A 56 -0.96 -2.40 -7.04
N CYS A 57 -0.53 -2.36 -5.78
CA CYS A 57 0.84 -2.70 -5.42
C CYS A 57 0.92 -3.09 -3.95
N TYR A 58 2.08 -3.59 -3.52
CA TYR A 58 2.27 -3.99 -2.14
C TYR A 58 3.34 -3.14 -1.49
N VAL A 59 3.12 -2.75 -0.23
CA VAL A 59 4.08 -1.91 0.49
C VAL A 59 4.49 -2.55 1.81
N GLU A 60 5.80 -2.56 2.04
CA GLU A 60 6.36 -3.13 3.26
C GLU A 60 6.99 -2.04 4.13
N PHE A 61 6.69 -2.07 5.43
CA PHE A 61 7.23 -1.09 6.36
C PHE A 61 8.25 -1.76 7.28
N LYS A 62 9.28 -1.01 7.67
CA LYS A 62 10.32 -1.55 8.54
C LYS A 62 9.79 -1.76 9.95
N GLU A 63 8.75 -1.00 10.31
CA GLU A 63 8.15 -1.12 11.64
C GLU A 63 6.66 -1.38 11.54
N GLU A 64 6.13 -2.20 12.46
CA GLU A 64 4.72 -2.55 12.49
C GLU A 64 3.84 -1.34 12.77
N LYS A 65 4.31 -0.49 13.67
CA LYS A 65 3.57 0.71 14.06
C LYS A 65 3.13 1.51 12.84
N SER A 66 3.99 1.56 11.84
CA SER A 66 3.70 2.28 10.61
C SER A 66 2.47 1.70 9.92
N ALA A 67 2.36 0.38 9.96
CA ALA A 67 1.23 -0.32 9.35
C ALA A 67 -0.07 0.04 10.05
N LEU A 68 0.01 0.14 11.37
CA LEU A 68 -1.14 0.46 12.18
C LEU A 68 -1.76 1.81 11.81
N GLN A 69 -0.95 2.86 11.73
CA GLN A 69 -1.45 4.18 11.37
C GLN A 69 -1.83 4.23 9.90
N ALA A 70 -1.17 3.40 9.10
CA ALA A 70 -1.44 3.34 7.67
C ALA A 70 -2.90 2.96 7.41
N LEU A 71 -3.43 2.14 8.32
CA LEU A 71 -4.81 1.70 8.21
C LEU A 71 -5.75 2.90 8.27
N GLU A 72 -5.38 3.83 9.13
CA GLU A 72 -6.14 5.05 9.34
C GLU A 72 -6.01 6.01 8.16
N MET A 73 -4.90 5.90 7.42
CA MET A 73 -4.66 6.77 6.28
C MET A 73 -5.56 6.41 5.09
N ASP A 74 -5.96 5.15 5.02
CA ASP A 74 -6.80 4.67 3.92
C ASP A 74 -8.02 5.57 3.74
N ARG A 75 -8.62 5.45 2.56
CA ARG A 75 -9.81 6.24 2.20
C ARG A 75 -9.45 7.69 1.87
N LYS A 76 -8.16 8.02 1.92
CA LYS A 76 -7.72 9.38 1.62
C LYS A 76 -7.98 9.73 0.16
N SER A 77 -8.42 10.96 -0.08
CA SER A 77 -8.71 11.39 -1.43
C SER A 77 -7.44 11.96 -2.09
N VAL A 78 -7.02 11.31 -3.16
CA VAL A 78 -5.83 11.73 -3.91
C VAL A 78 -6.15 11.89 -5.39
N GLU A 79 -5.83 13.05 -5.95
CA GLU A 79 -6.10 13.32 -7.37
C GLU A 79 -7.58 13.19 -7.67
N GLY A 80 -8.39 13.45 -6.65
CA GLY A 80 -9.84 13.35 -6.82
C GLY A 80 -10.36 11.92 -6.73
N ARG A 81 -9.46 10.97 -6.52
CA ARG A 81 -9.84 9.56 -6.42
C ARG A 81 -9.36 8.97 -5.10
N PRO A 82 -10.25 8.37 -4.28
CA PRO A 82 -9.87 7.79 -2.99
C PRO A 82 -9.05 6.52 -3.15
N MET A 83 -8.19 6.26 -2.15
CA MET A 83 -7.33 5.08 -2.16
C MET A 83 -7.83 4.08 -1.14
N PHE A 84 -8.03 2.83 -1.57
CA PHE A 84 -8.51 1.79 -0.68
C PHE A 84 -7.40 0.82 -0.29
N VAL A 85 -7.11 0.77 1.00
CA VAL A 85 -6.07 -0.11 1.53
C VAL A 85 -6.68 -1.30 2.24
N SER A 86 -6.17 -2.49 1.95
CA SER A 86 -6.66 -3.72 2.56
C SER A 86 -5.53 -4.39 3.36
N PRO A 87 -5.70 -4.62 4.67
CA PRO A 87 -4.65 -5.25 5.49
C PRO A 87 -4.43 -6.71 5.13
N CYS A 88 -3.17 -7.11 5.08
CA CYS A 88 -2.81 -8.49 4.74
C CYS A 88 -3.36 -9.46 5.79
N VAL A 89 -3.13 -9.12 7.06
CA VAL A 89 -3.58 -9.96 8.16
C VAL A 89 -5.08 -9.76 8.42
N ASP A 90 -5.65 -10.66 9.22
CA ASP A 90 -7.07 -10.58 9.55
C ASP A 90 -7.28 -9.82 10.85
N LYS A 91 -8.07 -8.74 10.77
CA LYS A 91 -8.37 -7.90 11.92
C LYS A 91 -8.66 -8.73 13.16
N SER A 92 -7.64 -8.85 13.99
CA SER A 92 -7.74 -9.62 15.22
C SER A 92 -8.66 -8.93 16.22
N LYS A 93 -9.50 -9.71 16.88
CA LYS A 93 -10.44 -9.17 17.87
C LYS A 93 -10.62 -10.15 19.02
N ASN A 94 -10.62 -9.64 20.24
CA ASN A 94 -10.80 -10.47 21.42
C ASN A 94 -10.97 -9.62 22.68
N HIS A 5 2.95 -16.05 1.26
CA HIS A 5 2.56 -16.80 2.49
C HIS A 5 3.54 -16.53 3.63
N ASP A 6 4.01 -15.29 3.73
CA ASP A 6 4.95 -14.93 4.78
C ASP A 6 4.23 -14.31 5.98
N SER A 7 4.13 -15.09 7.05
CA SER A 7 3.48 -14.63 8.27
C SER A 7 4.24 -13.47 8.91
N SER A 8 5.57 -13.56 8.85
CA SER A 8 6.44 -12.53 9.41
C SER A 8 6.21 -11.17 8.76
N LYS A 9 5.96 -11.17 7.46
CA LYS A 9 5.74 -9.92 6.74
C LYS A 9 4.26 -9.50 6.79
N ASP A 10 3.41 -10.35 7.36
CA ASP A 10 2.00 -10.07 7.48
C ASP A 10 1.74 -8.85 8.37
N SER A 11 2.48 -8.76 9.46
CA SER A 11 2.36 -7.65 10.41
C SER A 11 2.96 -6.35 9.87
N ILE A 12 3.56 -6.39 8.69
CA ILE A 12 4.17 -5.19 8.11
C ILE A 12 3.79 -5.00 6.65
N THR A 13 2.73 -5.67 6.21
CA THR A 13 2.28 -5.55 4.81
C THR A 13 0.86 -5.03 4.69
N VAL A 14 0.69 -4.13 3.74
CA VAL A 14 -0.60 -3.54 3.47
C VAL A 14 -0.80 -3.40 1.97
N PHE A 15 -1.80 -4.08 1.43
CA PHE A 15 -2.08 -4.01 0.00
C PHE A 15 -3.01 -2.85 -0.33
N VAL A 16 -2.66 -2.11 -1.36
CA VAL A 16 -3.46 -0.97 -1.80
C VAL A 16 -4.00 -1.17 -3.20
N SER A 17 -5.20 -0.63 -3.43
CA SER A 17 -5.85 -0.74 -4.73
C SER A 17 -6.72 0.48 -5.01
N ASN A 18 -7.27 0.54 -6.22
CA ASN A 18 -8.12 1.65 -6.63
C ASN A 18 -7.30 2.92 -6.86
N LEU A 19 -6.11 2.75 -7.41
CA LEU A 19 -5.22 3.88 -7.69
C LEU A 19 -5.29 4.25 -9.16
N PRO A 20 -5.03 5.54 -9.51
CA PRO A 20 -5.06 6.00 -10.89
C PRO A 20 -3.92 5.43 -11.72
N TYR A 21 -4.17 5.21 -13.01
CA TYR A 21 -3.16 4.67 -13.90
C TYR A 21 -2.28 5.76 -14.48
N SER A 22 -2.80 6.99 -14.49
CA SER A 22 -2.06 8.14 -15.01
C SER A 22 -0.68 8.27 -14.37
N MET A 23 -0.51 7.69 -13.19
CA MET A 23 0.78 7.77 -12.51
C MET A 23 1.74 6.72 -13.07
N GLN A 24 2.86 7.20 -13.59
CA GLN A 24 3.87 6.31 -14.16
C GLN A 24 4.55 5.44 -13.08
N GLU A 25 5.02 6.06 -12.01
CA GLU A 25 5.66 5.32 -10.93
C GLU A 25 4.80 5.32 -9.66
N PRO A 26 4.16 4.18 -9.31
CA PRO A 26 3.32 4.11 -8.11
C PRO A 26 4.13 4.16 -6.83
N ASP A 27 5.36 3.65 -6.88
CA ASP A 27 6.23 3.64 -5.71
C ASP A 27 6.65 5.06 -5.33
N THR A 28 6.89 5.88 -6.35
CA THR A 28 7.31 7.26 -6.14
C THR A 28 6.16 8.16 -5.68
N LYS A 29 5.00 8.03 -6.33
CA LYS A 29 3.83 8.84 -5.99
C LYS A 29 3.26 8.53 -4.61
N LEU A 30 3.24 7.25 -4.26
CA LEU A 30 2.73 6.83 -2.97
C LEU A 30 3.70 7.15 -1.82
N ARG A 31 4.99 7.17 -2.15
CA ARG A 31 6.03 7.43 -1.17
C ARG A 31 5.70 8.61 -0.24
N PRO A 32 5.35 9.81 -0.76
CA PRO A 32 5.04 10.95 0.10
C PRO A 32 3.86 10.69 1.05
N LEU A 33 3.02 9.72 0.70
CA LEU A 33 1.87 9.39 1.53
C LEU A 33 2.19 8.33 2.58
N PHE A 34 2.77 7.20 2.14
CA PHE A 34 3.12 6.12 3.06
C PHE A 34 4.31 6.47 3.95
N GLU A 35 5.34 7.10 3.38
CA GLU A 35 6.52 7.48 4.15
C GLU A 35 6.16 8.46 5.25
N ALA A 36 5.21 9.34 4.95
CA ALA A 36 4.77 10.34 5.90
C ALA A 36 4.11 9.69 7.13
N CYS A 37 3.74 8.42 7.00
CA CYS A 37 3.10 7.70 8.11
C CYS A 37 4.08 6.70 8.73
N GLY A 38 4.98 6.17 7.91
CA GLY A 38 5.96 5.21 8.40
C GLY A 38 6.98 4.87 7.33
N GLU A 39 8.17 4.44 7.73
CA GLU A 39 9.22 4.10 6.79
C GLU A 39 8.86 2.85 5.98
N VAL A 40 9.24 2.88 4.70
CA VAL A 40 8.97 1.79 3.78
C VAL A 40 10.29 1.15 3.34
N VAL A 41 10.37 -0.18 3.45
CA VAL A 41 11.57 -0.89 3.04
C VAL A 41 11.70 -0.88 1.52
N GLN A 42 10.59 -1.19 0.86
CA GLN A 42 10.55 -1.22 -0.60
C GLN A 42 9.14 -1.53 -1.12
N ILE A 43 8.86 -1.04 -2.32
CA ILE A 43 7.58 -1.24 -2.97
C ILE A 43 7.71 -2.15 -4.17
N ARG A 44 6.79 -3.10 -4.32
CA ARG A 44 6.82 -4.03 -5.43
C ARG A 44 5.66 -3.81 -6.39
N PRO A 45 5.81 -2.93 -7.39
CA PRO A 45 4.75 -2.64 -8.37
C PRO A 45 4.52 -3.84 -9.29
N ILE A 46 3.28 -4.01 -9.74
CA ILE A 46 2.95 -5.12 -10.62
C ILE A 46 3.06 -4.75 -12.10
N PHE A 47 4.01 -5.39 -12.77
CA PHE A 47 4.25 -5.15 -14.20
C PHE A 47 3.93 -6.41 -15.03
N SER A 48 3.39 -7.43 -14.37
CA SER A 48 3.03 -8.69 -15.03
C SER A 48 1.96 -8.46 -16.10
N ASN A 49 1.29 -7.32 -16.04
CA ASN A 49 0.24 -7.00 -17.01
C ASN A 49 0.79 -6.99 -18.43
N ARG A 50 0.11 -7.71 -19.31
CA ARG A 50 0.50 -7.80 -20.71
C ARG A 50 -0.09 -6.64 -21.53
N GLY A 51 -0.93 -5.81 -20.90
CA GLY A 51 -1.53 -4.70 -21.59
C GLY A 51 -1.40 -3.40 -20.83
N ASP A 52 -2.34 -3.16 -19.93
CA ASP A 52 -2.35 -1.94 -19.13
C ASP A 52 -2.00 -2.24 -17.67
N PHE A 53 -1.53 -1.22 -16.96
CA PHE A 53 -1.17 -1.39 -15.56
C PHE A 53 -2.34 -1.94 -14.76
N ARG A 54 -2.05 -2.71 -13.72
CA ARG A 54 -3.08 -3.29 -12.88
C ARG A 54 -3.64 -2.26 -11.90
N GLY A 55 -2.84 -1.24 -11.62
CA GLY A 55 -3.27 -0.20 -10.70
C GLY A 55 -3.22 -0.65 -9.25
N TYR A 56 -2.46 -1.70 -8.98
CA TYR A 56 -2.33 -2.23 -7.63
C TYR A 56 -0.87 -2.40 -7.26
N CYS A 57 -0.55 -2.26 -5.97
CA CYS A 57 0.82 -2.40 -5.50
C CYS A 57 0.86 -2.85 -4.04
N TYR A 58 2.04 -3.23 -3.58
CA TYR A 58 2.21 -3.69 -2.20
C TYR A 58 3.28 -2.86 -1.49
N VAL A 59 3.08 -2.59 -0.21
CA VAL A 59 4.04 -1.81 0.56
C VAL A 59 4.50 -2.54 1.81
N GLU A 60 5.81 -2.57 2.00
CA GLU A 60 6.42 -3.23 3.15
C GLU A 60 7.05 -2.21 4.09
N PHE A 61 6.82 -2.37 5.39
CA PHE A 61 7.36 -1.46 6.39
C PHE A 61 8.38 -2.19 7.26
N LYS A 62 9.44 -1.51 7.65
CA LYS A 62 10.47 -2.15 8.48
C LYS A 62 9.96 -2.29 9.91
N GLU A 63 9.00 -1.45 10.29
CA GLU A 63 8.43 -1.50 11.63
C GLU A 63 6.91 -1.65 11.56
N GLU A 64 6.37 -2.47 12.47
CA GLU A 64 4.94 -2.73 12.54
C GLU A 64 4.13 -1.47 12.85
N LYS A 65 4.67 -0.60 13.69
CA LYS A 65 4.00 0.64 14.07
C LYS A 65 3.55 1.42 12.84
N SER A 66 4.36 1.38 11.80
CA SER A 66 4.07 2.07 10.55
C SER A 66 2.76 1.58 9.95
N ALA A 67 2.54 0.27 10.03
CA ALA A 67 1.35 -0.35 9.48
C ALA A 67 0.14 -0.01 10.33
N LEU A 68 0.39 0.16 11.62
CA LEU A 68 -0.69 0.48 12.55
C LEU A 68 -1.40 1.78 12.17
N GLN A 69 -0.64 2.86 11.99
CA GLN A 69 -1.23 4.13 11.62
C GLN A 69 -1.62 4.16 10.15
N ALA A 70 -1.00 3.30 9.36
CA ALA A 70 -1.30 3.25 7.92
C ALA A 70 -2.79 2.95 7.70
N LEU A 71 -3.39 2.27 8.66
CA LEU A 71 -4.81 1.92 8.60
C LEU A 71 -5.66 3.18 8.61
N GLU A 72 -5.21 4.13 9.41
CA GLU A 72 -5.89 5.40 9.57
C GLU A 72 -6.00 6.15 8.24
N MET A 73 -5.15 5.80 7.28
CA MET A 73 -5.17 6.45 5.97
C MET A 73 -6.21 5.82 5.05
N ASP A 74 -6.88 4.77 5.52
CA ASP A 74 -7.88 4.09 4.72
C ASP A 74 -9.01 5.04 4.34
N ARG A 75 -9.44 4.96 3.08
CA ARG A 75 -10.52 5.80 2.56
C ARG A 75 -10.05 7.23 2.29
N LYS A 76 -8.75 7.50 2.48
CA LYS A 76 -8.21 8.83 2.25
C LYS A 76 -8.42 9.27 0.80
N SER A 77 -8.84 10.52 0.61
CA SER A 77 -9.08 11.04 -0.72
C SER A 77 -7.78 11.49 -1.38
N VAL A 78 -7.41 10.83 -2.47
CA VAL A 78 -6.20 11.15 -3.20
C VAL A 78 -6.50 11.39 -4.68
N GLU A 79 -6.09 12.54 -5.19
CA GLU A 79 -6.32 12.89 -6.58
C GLU A 79 -7.81 12.89 -6.89
N GLY A 80 -8.61 13.18 -5.88
CA GLY A 80 -10.05 13.21 -6.05
C GLY A 80 -10.69 11.83 -6.01
N ARG A 81 -9.86 10.80 -5.83
CA ARG A 81 -10.37 9.43 -5.78
C ARG A 81 -9.88 8.73 -4.51
N PRO A 82 -10.80 8.23 -3.64
CA PRO A 82 -10.42 7.55 -2.39
C PRO A 82 -9.49 6.36 -2.63
N MET A 83 -8.53 6.18 -1.72
CA MET A 83 -7.59 5.08 -1.81
C MET A 83 -7.98 3.99 -0.83
N PHE A 84 -8.06 2.75 -1.31
CA PHE A 84 -8.44 1.63 -0.45
C PHE A 84 -7.21 1.02 0.22
N VAL A 85 -7.24 1.02 1.55
CA VAL A 85 -6.14 0.47 2.33
C VAL A 85 -6.66 -0.58 3.31
N SER A 86 -6.03 -1.75 3.30
CA SER A 86 -6.43 -2.84 4.18
C SER A 86 -5.21 -3.60 4.68
N PRO A 87 -5.19 -4.03 5.95
CA PRO A 87 -4.05 -4.77 6.51
C PRO A 87 -3.93 -6.17 5.94
N CYS A 88 -2.69 -6.61 5.73
CA CYS A 88 -2.42 -7.94 5.19
C CYS A 88 -2.95 -9.01 6.14
N VAL A 89 -2.70 -8.82 7.44
CA VAL A 89 -3.14 -9.76 8.45
C VAL A 89 -4.65 -9.70 8.67
N ASP A 90 -5.21 -10.83 9.10
CA ASP A 90 -6.64 -10.93 9.35
C ASP A 90 -6.96 -10.68 10.82
N LYS A 91 -7.84 -9.72 11.10
CA LYS A 91 -8.21 -9.43 12.48
C LYS A 91 -9.70 -9.15 12.60
N SER A 92 -10.45 -10.16 13.00
CA SER A 92 -11.90 -10.03 13.17
C SER A 92 -12.21 -9.18 14.39
N LYS A 93 -11.61 -9.54 15.52
CA LYS A 93 -11.81 -8.82 16.77
C LYS A 93 -10.61 -7.94 17.13
N ASN A 94 -9.50 -8.12 16.42
CA ASN A 94 -8.29 -7.34 16.69
C ASN A 94 -8.22 -6.12 15.77
N HIS A 5 6.31 -14.94 1.40
CA HIS A 5 5.23 -15.97 1.51
C HIS A 5 4.80 -16.15 2.96
N ASP A 6 5.75 -16.02 3.88
CA ASP A 6 5.47 -16.16 5.31
C ASP A 6 4.55 -15.05 5.81
N SER A 7 3.76 -15.36 6.82
CA SER A 7 2.83 -14.40 7.40
C SER A 7 3.57 -13.33 8.21
N SER A 8 4.87 -13.54 8.45
CA SER A 8 5.67 -12.58 9.21
C SER A 8 5.69 -11.21 8.53
N LYS A 9 5.75 -11.21 7.21
CA LYS A 9 5.77 -9.95 6.46
C LYS A 9 4.35 -9.40 6.29
N ASP A 10 3.37 -10.30 6.41
CA ASP A 10 1.96 -9.94 6.28
C ASP A 10 1.56 -8.87 7.30
N SER A 11 2.17 -8.93 8.48
CA SER A 11 1.87 -7.97 9.55
C SER A 11 2.54 -6.61 9.33
N ILE A 12 3.28 -6.48 8.21
CA ILE A 12 3.95 -5.21 7.92
C ILE A 12 3.68 -4.74 6.48
N THR A 13 2.68 -5.34 5.84
CA THR A 13 2.34 -4.96 4.48
C THR A 13 0.89 -4.58 4.33
N VAL A 14 0.64 -3.66 3.40
CA VAL A 14 -0.70 -3.20 3.12
C VAL A 14 -0.88 -3.05 1.62
N PHE A 15 -1.81 -3.82 1.06
CA PHE A 15 -2.09 -3.77 -0.37
C PHE A 15 -3.01 -2.60 -0.70
N VAL A 16 -2.59 -1.77 -1.66
CA VAL A 16 -3.38 -0.62 -2.07
C VAL A 16 -4.09 -0.87 -3.40
N SER A 17 -5.31 -0.36 -3.50
CA SER A 17 -6.11 -0.53 -4.72
C SER A 17 -6.79 0.79 -5.11
N ASN A 18 -7.44 0.77 -6.27
CA ASN A 18 -8.16 1.94 -6.79
C ASN A 18 -7.23 3.13 -7.07
N LEU A 19 -6.03 2.86 -7.58
CA LEU A 19 -5.07 3.91 -7.89
C LEU A 19 -5.11 4.25 -9.38
N PRO A 20 -4.80 5.51 -9.76
CA PRO A 20 -4.82 5.93 -11.16
C PRO A 20 -3.67 5.32 -11.95
N TYR A 21 -3.89 5.10 -13.25
CA TYR A 21 -2.87 4.51 -14.11
C TYR A 21 -1.93 5.58 -14.67
N SER A 22 -2.42 6.82 -14.74
CA SER A 22 -1.62 7.92 -15.26
C SER A 22 -0.26 8.03 -14.56
N MET A 23 -0.15 7.50 -13.36
CA MET A 23 1.11 7.54 -12.63
C MET A 23 2.09 6.51 -13.17
N GLN A 24 3.16 6.99 -13.80
CA GLN A 24 4.18 6.11 -14.37
C GLN A 24 4.96 5.36 -13.29
N GLU A 25 5.29 6.05 -12.20
CA GLU A 25 6.03 5.44 -11.10
C GLU A 25 5.13 5.26 -9.87
N PRO A 26 4.67 4.02 -9.57
CA PRO A 26 3.81 3.76 -8.41
C PRO A 26 4.52 3.98 -7.07
N ASP A 27 5.75 3.48 -6.98
CA ASP A 27 6.53 3.62 -5.76
C ASP A 27 6.87 5.08 -5.50
N THR A 28 7.09 5.82 -6.58
CA THR A 28 7.43 7.24 -6.47
C THR A 28 6.25 8.11 -6.04
N LYS A 29 5.10 7.88 -6.66
CA LYS A 29 3.89 8.66 -6.34
C LYS A 29 3.35 8.34 -4.96
N LEU A 30 3.36 7.08 -4.59
CA LEU A 30 2.86 6.66 -3.29
C LEU A 30 3.86 6.99 -2.18
N ARG A 31 5.13 7.06 -2.53
CA ARG A 31 6.20 7.36 -1.58
C ARG A 31 5.87 8.54 -0.68
N PRO A 32 5.57 9.73 -1.22
CA PRO A 32 5.25 10.92 -0.40
C PRO A 32 4.01 10.75 0.46
N LEU A 33 3.16 9.78 0.13
CA LEU A 33 1.94 9.55 0.90
C LEU A 33 2.14 8.57 2.05
N PHE A 34 2.62 7.37 1.74
CA PHE A 34 2.85 6.34 2.76
C PHE A 34 4.04 6.68 3.67
N GLU A 35 5.09 7.23 3.09
CA GLU A 35 6.29 7.58 3.86
C GLU A 35 5.94 8.61 4.93
N ALA A 36 5.03 9.50 4.58
CA ALA A 36 4.59 10.55 5.50
C ALA A 36 3.92 9.97 6.74
N CYS A 37 3.52 8.70 6.66
CA CYS A 37 2.86 8.03 7.79
C CYS A 37 3.86 7.15 8.54
N GLY A 38 4.79 6.57 7.79
CA GLY A 38 5.80 5.70 8.40
C GLY A 38 6.86 5.31 7.39
N GLU A 39 8.05 4.94 7.87
CA GLU A 39 9.13 4.56 6.99
C GLU A 39 8.79 3.32 6.18
N VAL A 40 9.19 3.34 4.92
CA VAL A 40 8.95 2.24 4.00
C VAL A 40 10.27 1.59 3.62
N VAL A 41 10.34 0.28 3.77
CA VAL A 41 11.57 -0.45 3.43
C VAL A 41 11.72 -0.58 1.93
N GLN A 42 10.62 -0.84 1.24
CA GLN A 42 10.62 -0.98 -0.21
C GLN A 42 9.22 -1.21 -0.76
N ILE A 43 8.98 -0.70 -1.96
CA ILE A 43 7.69 -0.83 -2.62
C ILE A 43 7.79 -1.82 -3.79
N ARG A 44 6.81 -2.68 -3.93
CA ARG A 44 6.82 -3.67 -5.00
C ARG A 44 5.64 -3.46 -5.96
N PRO A 45 5.81 -2.60 -6.98
CA PRO A 45 4.76 -2.33 -7.96
C PRO A 45 4.52 -3.53 -8.86
N ILE A 46 3.30 -3.66 -9.35
CA ILE A 46 2.94 -4.78 -10.23
C ILE A 46 3.33 -4.49 -11.68
N PHE A 47 4.20 -5.34 -12.22
CA PHE A 47 4.67 -5.20 -13.59
C PHE A 47 4.55 -6.52 -14.36
N SER A 48 3.85 -7.50 -13.77
CA SER A 48 3.66 -8.80 -14.40
C SER A 48 2.60 -8.75 -15.51
N ASN A 49 1.89 -7.63 -15.61
CA ASN A 49 0.86 -7.48 -16.63
C ASN A 49 1.43 -7.65 -18.02
N ARG A 50 0.67 -8.32 -18.89
CA ARG A 50 1.08 -8.56 -20.27
C ARG A 50 0.42 -7.58 -21.23
N GLY A 51 -0.46 -6.73 -20.71
CA GLY A 51 -1.15 -5.76 -21.54
C GLY A 51 -1.06 -4.34 -21.00
N ASP A 52 -1.81 -4.08 -19.94
CA ASP A 52 -1.83 -2.76 -19.32
C ASP A 52 -1.50 -2.87 -17.84
N PHE A 53 -1.14 -1.74 -17.23
CA PHE A 53 -0.81 -1.71 -15.81
C PHE A 53 -2.00 -2.15 -14.97
N ARG A 54 -1.72 -2.81 -13.85
CA ARG A 54 -2.79 -3.29 -12.97
C ARG A 54 -3.31 -2.16 -12.09
N GLY A 55 -2.49 -1.13 -11.90
CA GLY A 55 -2.90 0.00 -11.09
C GLY A 55 -2.88 -0.32 -9.60
N TYR A 56 -2.13 -1.35 -9.22
CA TYR A 56 -2.05 -1.75 -7.82
C TYR A 56 -0.59 -1.98 -7.40
N CYS A 57 -0.31 -1.77 -6.14
CA CYS A 57 1.05 -1.95 -5.61
C CYS A 57 1.01 -2.36 -4.13
N TYR A 58 2.16 -2.74 -3.60
CA TYR A 58 2.24 -3.16 -2.20
C TYR A 58 3.27 -2.31 -1.46
N VAL A 59 3.01 -2.04 -0.18
CA VAL A 59 3.92 -1.22 0.63
C VAL A 59 4.29 -1.95 1.92
N GLU A 60 5.60 -1.97 2.20
CA GLU A 60 6.11 -2.62 3.38
C GLU A 60 6.86 -1.61 4.26
N PHE A 61 6.58 -1.63 5.56
CA PHE A 61 7.22 -0.71 6.48
C PHE A 61 8.29 -1.45 7.28
N LYS A 62 9.40 -0.79 7.57
CA LYS A 62 10.47 -1.43 8.33
C LYS A 62 9.99 -1.81 9.72
N GLU A 63 9.00 -1.07 10.22
CA GLU A 63 8.44 -1.34 11.54
C GLU A 63 6.94 -1.60 11.44
N GLU A 64 6.47 -2.56 12.23
CA GLU A 64 5.05 -2.95 12.26
C GLU A 64 4.13 -1.80 12.70
N LYS A 65 4.60 -0.99 13.64
CA LYS A 65 3.80 0.13 14.15
C LYS A 65 3.38 1.05 13.01
N SER A 66 4.27 1.24 12.06
CA SER A 66 3.99 2.09 10.91
C SER A 66 2.80 1.55 10.13
N ALA A 67 2.71 0.22 10.05
CA ALA A 67 1.63 -0.44 9.34
C ALA A 67 0.29 -0.14 9.99
N LEU A 68 0.30 -0.12 11.32
CA LEU A 68 -0.92 0.14 12.08
C LEU A 68 -1.54 1.49 11.70
N GLN A 69 -0.75 2.55 11.68
CA GLN A 69 -1.27 3.87 11.32
C GLN A 69 -1.60 3.93 9.84
N ALA A 70 -0.93 3.11 9.05
CA ALA A 70 -1.16 3.05 7.62
C ALA A 70 -2.61 2.68 7.32
N LEU A 71 -3.15 1.78 8.15
CA LEU A 71 -4.52 1.33 8.00
C LEU A 71 -5.49 2.50 8.15
N GLU A 72 -5.05 3.53 8.85
CA GLU A 72 -5.85 4.71 9.10
C GLU A 72 -5.76 5.69 7.93
N MET A 73 -4.71 5.56 7.11
CA MET A 73 -4.52 6.44 5.96
C MET A 73 -5.54 6.17 4.87
N ASP A 74 -6.05 4.94 4.84
CA ASP A 74 -7.03 4.54 3.83
C ASP A 74 -8.19 5.52 3.73
N ARG A 75 -8.85 5.50 2.58
CA ARG A 75 -10.00 6.37 2.30
C ARG A 75 -9.56 7.77 1.89
N LYS A 76 -8.26 8.05 1.95
CA LYS A 76 -7.74 9.37 1.59
C LYS A 76 -7.95 9.65 0.10
N SER A 77 -8.38 10.88 -0.21
CA SER A 77 -8.61 11.26 -1.59
C SER A 77 -7.39 11.93 -2.20
N VAL A 78 -6.90 11.37 -3.30
CA VAL A 78 -5.74 11.89 -4.00
C VAL A 78 -6.08 12.14 -5.46
N GLU A 79 -5.84 13.38 -5.92
CA GLU A 79 -6.14 13.73 -7.31
C GLU A 79 -7.60 13.51 -7.62
N GLY A 80 -8.43 13.60 -6.58
CA GLY A 80 -9.86 13.41 -6.75
C GLY A 80 -10.26 11.94 -6.79
N ARG A 81 -9.28 11.04 -6.67
CA ARG A 81 -9.55 9.61 -6.69
C ARG A 81 -9.25 9.00 -5.32
N PRO A 82 -10.25 8.40 -4.64
CA PRO A 82 -10.03 7.79 -3.32
C PRO A 82 -9.20 6.51 -3.39
N MET A 83 -8.40 6.28 -2.36
CA MET A 83 -7.56 5.09 -2.31
C MET A 83 -7.99 4.21 -1.15
N PHE A 84 -8.10 2.92 -1.41
CA PHE A 84 -8.53 1.97 -0.38
C PHE A 84 -7.37 1.06 0.02
N VAL A 85 -6.97 1.14 1.29
CA VAL A 85 -5.88 0.32 1.79
C VAL A 85 -6.36 -0.55 2.96
N SER A 86 -6.18 -1.86 2.82
CA SER A 86 -6.59 -2.80 3.86
C SER A 86 -5.47 -3.82 4.13
N PRO A 87 -5.42 -4.36 5.37
CA PRO A 87 -4.40 -5.34 5.74
C PRO A 87 -4.64 -6.70 5.10
N CYS A 88 -3.56 -7.39 4.74
CA CYS A 88 -3.65 -8.71 4.12
C CYS A 88 -4.28 -9.70 5.09
N VAL A 89 -3.87 -9.65 6.36
CA VAL A 89 -4.38 -10.55 7.39
C VAL A 89 -5.42 -9.86 8.27
N ASP A 90 -6.44 -10.61 8.65
CA ASP A 90 -7.51 -10.10 9.51
C ASP A 90 -7.18 -10.30 10.99
N LYS A 91 -7.67 -9.39 11.84
CA LYS A 91 -7.44 -9.46 13.27
C LYS A 91 -7.64 -10.88 13.79
N SER A 92 -6.53 -11.57 13.97
CA SER A 92 -6.51 -12.94 14.45
C SER A 92 -6.81 -13.00 15.95
N LYS A 93 -7.00 -14.22 16.45
CA LYS A 93 -7.28 -14.43 17.87
C LYS A 93 -5.99 -14.45 18.68
N ASN A 94 -4.91 -14.89 18.03
CA ASN A 94 -3.61 -14.97 18.67
C ASN A 94 -3.66 -15.90 19.88
N HIS A 5 1.59 -16.17 1.71
CA HIS A 5 1.15 -16.70 3.02
C HIS A 5 2.26 -16.59 4.07
N ASP A 6 2.86 -15.40 4.14
CA ASP A 6 3.93 -15.15 5.09
C ASP A 6 3.39 -14.50 6.36
N SER A 7 3.39 -15.26 7.46
CA SER A 7 2.91 -14.75 8.74
C SER A 7 3.76 -13.59 9.23
N SER A 8 5.08 -13.74 9.11
CA SER A 8 6.01 -12.70 9.53
C SER A 8 5.82 -11.41 8.75
N LYS A 9 5.55 -11.56 7.45
CA LYS A 9 5.35 -10.41 6.58
C LYS A 9 3.91 -9.89 6.68
N ASP A 10 3.01 -10.75 7.15
CA ASP A 10 1.61 -10.40 7.29
C ASP A 10 1.42 -9.23 8.27
N SER A 11 2.19 -9.26 9.36
CA SER A 11 2.12 -8.23 10.38
C SER A 11 2.73 -6.90 9.90
N ILE A 12 3.40 -6.92 8.75
CA ILE A 12 4.02 -5.71 8.22
C ILE A 12 3.68 -5.47 6.75
N THR A 13 2.61 -6.09 6.27
CA THR A 13 2.19 -5.90 4.88
C THR A 13 0.80 -5.34 4.74
N VAL A 14 0.65 -4.47 3.75
CA VAL A 14 -0.63 -3.85 3.46
C VAL A 14 -0.80 -3.68 1.96
N PHE A 15 -1.81 -4.33 1.41
CA PHE A 15 -2.08 -4.25 -0.02
C PHE A 15 -2.96 -3.04 -0.34
N VAL A 16 -2.59 -2.31 -1.38
CA VAL A 16 -3.35 -1.13 -1.78
C VAL A 16 -3.97 -1.31 -3.16
N SER A 17 -5.18 -0.79 -3.33
CA SER A 17 -5.90 -0.89 -4.59
C SER A 17 -6.75 0.36 -4.82
N ASN A 18 -7.37 0.44 -6.01
CA ASN A 18 -8.21 1.57 -6.36
C ASN A 18 -7.39 2.84 -6.61
N LEU A 19 -6.23 2.67 -7.25
CA LEU A 19 -5.36 3.80 -7.54
C LEU A 19 -5.45 4.15 -9.03
N PRO A 20 -5.21 5.42 -9.39
CA PRO A 20 -5.26 5.87 -10.78
C PRO A 20 -4.11 5.28 -11.62
N TYR A 21 -4.37 5.05 -12.89
CA TYR A 21 -3.36 4.50 -13.80
C TYR A 21 -2.47 5.59 -14.37
N SER A 22 -2.97 6.82 -14.37
CA SER A 22 -2.22 7.96 -14.89
C SER A 22 -0.82 8.07 -14.26
N MET A 23 -0.65 7.48 -13.08
CA MET A 23 0.65 7.52 -12.42
C MET A 23 1.56 6.43 -12.94
N GLN A 24 2.68 6.85 -13.53
CA GLN A 24 3.64 5.90 -14.08
C GLN A 24 4.33 5.10 -12.98
N GLU A 25 4.85 5.78 -11.98
CA GLU A 25 5.53 5.12 -10.87
C GLU A 25 4.70 5.23 -9.57
N PRO A 26 4.05 4.13 -9.12
CA PRO A 26 3.25 4.17 -7.89
C PRO A 26 4.11 4.29 -6.64
N ASP A 27 5.36 3.83 -6.73
CA ASP A 27 6.29 3.90 -5.61
C ASP A 27 6.64 5.34 -5.28
N THR A 28 6.84 6.14 -6.31
CA THR A 28 7.20 7.55 -6.16
C THR A 28 6.03 8.39 -5.63
N LYS A 29 4.85 8.18 -6.20
CA LYS A 29 3.66 8.92 -5.79
C LYS A 29 3.20 8.56 -4.39
N LEU A 30 3.30 7.29 -4.06
CA LEU A 30 2.90 6.80 -2.75
C LEU A 30 3.82 7.30 -1.63
N ARG A 31 5.13 7.31 -1.91
CA ARG A 31 6.14 7.73 -0.95
C ARG A 31 5.73 8.94 -0.10
N PRO A 32 5.32 10.08 -0.68
CA PRO A 32 4.92 11.25 0.11
C PRO A 32 3.78 10.95 1.08
N LEU A 33 2.95 9.96 0.76
CA LEU A 33 1.82 9.60 1.61
C LEU A 33 2.17 8.54 2.66
N PHE A 34 2.74 7.43 2.21
CA PHE A 34 3.13 6.34 3.10
C PHE A 34 4.30 6.71 4.00
N GLU A 35 5.28 7.41 3.45
CA GLU A 35 6.46 7.81 4.20
C GLU A 35 6.08 8.72 5.36
N ALA A 36 5.07 9.55 5.15
CA ALA A 36 4.60 10.47 6.17
C ALA A 36 4.00 9.73 7.36
N CYS A 37 3.58 8.48 7.14
CA CYS A 37 2.98 7.67 8.19
C CYS A 37 4.01 6.69 8.78
N GLY A 38 4.91 6.22 7.93
CA GLY A 38 5.93 5.29 8.35
C GLY A 38 6.93 5.02 7.23
N GLU A 39 8.13 4.57 7.57
CA GLU A 39 9.14 4.31 6.56
C GLU A 39 8.92 2.99 5.85
N VAL A 40 8.86 3.07 4.53
CA VAL A 40 8.67 1.92 3.66
C VAL A 40 10.01 1.34 3.23
N VAL A 41 10.16 0.03 3.37
CA VAL A 41 11.41 -0.63 2.99
C VAL A 41 11.53 -0.69 1.48
N GLN A 42 10.46 -1.13 0.82
CA GLN A 42 10.45 -1.25 -0.64
C GLN A 42 9.09 -1.69 -1.16
N ILE A 43 8.74 -1.22 -2.36
CA ILE A 43 7.47 -1.58 -2.99
C ILE A 43 7.69 -2.48 -4.20
N ARG A 44 6.83 -3.48 -4.34
CA ARG A 44 6.94 -4.41 -5.46
C ARG A 44 5.71 -4.32 -6.37
N PRO A 45 5.72 -3.41 -7.36
CA PRO A 45 4.59 -3.25 -8.29
C PRO A 45 4.46 -4.43 -9.22
N ILE A 46 3.23 -4.75 -9.62
CA ILE A 46 2.98 -5.87 -10.52
C ILE A 46 2.79 -5.41 -11.96
N PHE A 47 3.64 -5.91 -12.84
CA PHE A 47 3.57 -5.56 -14.26
C PHE A 47 3.14 -6.77 -15.10
N SER A 48 2.58 -7.77 -14.43
CA SER A 48 2.11 -8.99 -15.10
C SER A 48 1.05 -8.69 -16.14
N ASN A 49 0.39 -7.55 -16.00
CA ASN A 49 -0.66 -7.14 -16.93
C ASN A 49 -0.12 -7.05 -18.36
N ARG A 50 -0.78 -7.77 -19.26
CA ARG A 50 -0.39 -7.80 -20.67
C ARG A 50 -0.99 -6.61 -21.43
N GLY A 51 -1.77 -5.78 -20.73
CA GLY A 51 -2.39 -4.64 -21.36
C GLY A 51 -2.18 -3.36 -20.58
N ASP A 52 -3.06 -3.13 -19.61
CA ASP A 52 -2.99 -1.94 -18.77
C ASP A 52 -2.65 -2.31 -17.32
N PHE A 53 -2.06 -1.38 -16.60
CA PHE A 53 -1.68 -1.60 -15.21
C PHE A 53 -2.88 -2.10 -14.41
N ARG A 54 -2.62 -2.87 -13.36
CA ARG A 54 -3.69 -3.41 -12.53
C ARG A 54 -4.18 -2.37 -11.51
N GLY A 55 -3.38 -1.33 -11.28
CA GLY A 55 -3.75 -0.29 -10.34
C GLY A 55 -3.57 -0.70 -8.89
N TYR A 56 -2.71 -1.68 -8.63
CA TYR A 56 -2.48 -2.11 -7.25
C TYR A 56 -1.02 -2.50 -7.04
N CYS A 57 -0.60 -2.47 -5.78
CA CYS A 57 0.77 -2.81 -5.41
C CYS A 57 0.84 -3.21 -3.94
N TYR A 58 1.99 -3.74 -3.51
CA TYR A 58 2.16 -4.14 -2.13
C TYR A 58 3.23 -3.28 -1.46
N VAL A 59 3.00 -2.94 -0.20
CA VAL A 59 3.95 -2.11 0.54
C VAL A 59 4.41 -2.77 1.83
N GLU A 60 5.72 -2.74 2.05
CA GLU A 60 6.32 -3.33 3.24
C GLU A 60 6.93 -2.25 4.13
N PHE A 61 6.67 -2.33 5.42
CA PHE A 61 7.19 -1.35 6.38
C PHE A 61 8.27 -1.99 7.26
N LYS A 62 9.28 -1.20 7.59
CA LYS A 62 10.37 -1.69 8.43
C LYS A 62 9.87 -1.94 9.85
N GLU A 63 8.85 -1.18 10.26
CA GLU A 63 8.27 -1.33 11.59
C GLU A 63 6.75 -1.51 11.52
N GLU A 64 6.21 -2.29 12.46
CA GLU A 64 4.78 -2.57 12.53
C GLU A 64 3.96 -1.32 12.82
N LYS A 65 4.53 -0.39 13.59
CA LYS A 65 3.85 0.84 13.94
C LYS A 65 3.41 1.58 12.68
N SER A 66 4.24 1.51 11.66
CA SER A 66 3.95 2.17 10.41
C SER A 66 2.66 1.64 9.80
N ALA A 67 2.47 0.33 9.93
CA ALA A 67 1.27 -0.31 9.40
C ALA A 67 0.03 0.14 10.16
N LEU A 68 0.19 0.28 11.46
CA LEU A 68 -0.90 0.70 12.32
C LEU A 68 -1.43 2.08 11.94
N GLN A 69 -0.55 3.07 11.83
CA GLN A 69 -0.97 4.41 11.46
C GLN A 69 -1.41 4.46 9.99
N ALA A 70 -0.83 3.58 9.19
CA ALA A 70 -1.16 3.52 7.77
C ALA A 70 -2.63 3.21 7.56
N LEU A 71 -3.23 2.55 8.55
CA LEU A 71 -4.66 2.20 8.48
C LEU A 71 -5.49 3.46 8.39
N GLU A 72 -5.07 4.45 9.15
CA GLU A 72 -5.73 5.74 9.22
C GLU A 72 -5.63 6.49 7.89
N MET A 73 -4.64 6.15 7.08
CA MET A 73 -4.45 6.81 5.79
C MET A 73 -5.50 6.34 4.79
N ASP A 74 -6.07 5.17 5.03
CA ASP A 74 -7.08 4.60 4.15
C ASP A 74 -8.22 5.57 3.88
N ARG A 75 -8.71 5.57 2.64
CA ARG A 75 -9.81 6.43 2.21
C ARG A 75 -9.34 7.85 1.93
N LYS A 76 -8.05 8.12 2.12
CA LYS A 76 -7.50 9.45 1.88
C LYS A 76 -7.69 9.85 0.43
N SER A 77 -8.11 11.09 0.20
CA SER A 77 -8.33 11.58 -1.14
C SER A 77 -7.02 11.96 -1.82
N VAL A 78 -6.68 11.24 -2.88
CA VAL A 78 -5.45 11.47 -3.62
C VAL A 78 -5.74 11.62 -5.11
N GLU A 79 -5.30 12.73 -5.71
CA GLU A 79 -5.52 12.99 -7.13
C GLU A 79 -7.01 13.01 -7.44
N GLY A 80 -7.80 13.41 -6.45
CA GLY A 80 -9.23 13.48 -6.62
C GLY A 80 -9.92 12.13 -6.48
N ARG A 81 -9.13 11.10 -6.18
CA ARG A 81 -9.66 9.75 -6.02
C ARG A 81 -9.17 9.15 -4.70
N PRO A 82 -10.08 8.54 -3.89
CA PRO A 82 -9.69 7.95 -2.61
C PRO A 82 -8.83 6.70 -2.77
N MET A 83 -7.95 6.47 -1.80
CA MET A 83 -7.07 5.31 -1.82
C MET A 83 -7.63 4.20 -0.93
N PHE A 84 -7.92 3.04 -1.51
CA PHE A 84 -8.45 1.92 -0.74
C PHE A 84 -7.34 1.03 -0.22
N VAL A 85 -7.18 1.02 1.09
CA VAL A 85 -6.15 0.21 1.73
C VAL A 85 -6.76 -1.03 2.38
N SER A 86 -6.19 -2.19 2.05
CA SER A 86 -6.66 -3.46 2.58
C SER A 86 -5.51 -4.20 3.29
N PRO A 87 -5.41 -4.09 4.63
CA PRO A 87 -4.34 -4.76 5.39
C PRO A 87 -4.33 -6.26 5.14
N CYS A 88 -3.12 -6.80 5.00
CA CYS A 88 -2.94 -8.22 4.76
C CYS A 88 -3.48 -9.04 5.93
N VAL A 89 -3.14 -8.60 7.13
CA VAL A 89 -3.59 -9.28 8.35
C VAL A 89 -5.07 -9.05 8.59
N ASP A 90 -5.69 -9.95 9.34
CA ASP A 90 -7.12 -9.83 9.64
C ASP A 90 -7.34 -8.98 10.88
N LYS A 91 -8.12 -7.90 10.72
CA LYS A 91 -8.44 -6.98 11.80
C LYS A 91 -8.78 -7.73 13.08
N SER A 92 -7.79 -7.83 13.96
CA SER A 92 -7.96 -8.52 15.23
C SER A 92 -8.87 -7.73 16.16
N LYS A 93 -9.77 -8.43 16.84
CA LYS A 93 -10.70 -7.79 17.76
C LYS A 93 -11.01 -8.72 18.94
N ASN A 94 -11.03 -8.15 20.14
CA ASN A 94 -11.33 -8.94 21.34
C ASN A 94 -12.82 -8.92 21.66
N HIS A 5 1.96 -17.34 2.76
CA HIS A 5 2.81 -18.38 3.40
C HIS A 5 3.70 -17.77 4.48
N ASP A 6 4.16 -16.54 4.23
CA ASP A 6 5.03 -15.84 5.17
C ASP A 6 4.21 -14.90 6.06
N SER A 7 4.28 -15.14 7.37
CA SER A 7 3.54 -14.32 8.33
C SER A 7 4.40 -13.17 8.85
N SER A 8 5.71 -13.23 8.60
CA SER A 8 6.63 -12.20 9.05
C SER A 8 6.30 -10.85 8.41
N LYS A 9 5.98 -10.88 7.12
CA LYS A 9 5.64 -9.65 6.39
C LYS A 9 4.18 -9.27 6.58
N ASP A 10 3.38 -10.19 7.14
CA ASP A 10 1.96 -9.94 7.36
C ASP A 10 1.75 -8.76 8.32
N SER A 11 2.56 -8.72 9.37
CA SER A 11 2.47 -7.65 10.37
C SER A 11 3.00 -6.32 9.83
N ILE A 12 3.63 -6.35 8.66
CA ILE A 12 4.19 -5.13 8.08
C ILE A 12 3.78 -4.94 6.61
N THR A 13 2.73 -5.65 6.18
CA THR A 13 2.27 -5.54 4.80
C THR A 13 0.91 -4.87 4.67
N VAL A 14 0.84 -3.98 3.69
CA VAL A 14 -0.38 -3.25 3.39
C VAL A 14 -0.52 -3.09 1.89
N PHE A 15 -1.57 -3.66 1.32
CA PHE A 15 -1.80 -3.57 -0.11
C PHE A 15 -2.71 -2.41 -0.46
N VAL A 16 -2.34 -1.67 -1.50
CA VAL A 16 -3.15 -0.53 -1.94
C VAL A 16 -3.73 -0.75 -3.33
N SER A 17 -4.94 -0.26 -3.54
CA SER A 17 -5.62 -0.39 -4.82
C SER A 17 -6.52 0.81 -5.09
N ASN A 18 -7.10 0.83 -6.28
CA ASN A 18 -8.00 1.92 -6.69
C ASN A 18 -7.24 3.22 -6.96
N LEU A 19 -6.05 3.11 -7.54
CA LEU A 19 -5.25 4.28 -7.85
C LEU A 19 -5.33 4.56 -9.36
N PRO A 20 -5.27 5.84 -9.77
CA PRO A 20 -5.32 6.20 -11.20
C PRO A 20 -4.27 5.46 -12.02
N TYR A 21 -4.67 4.97 -13.19
CA TYR A 21 -3.76 4.25 -14.07
C TYR A 21 -2.75 5.19 -14.72
N SER A 22 -3.15 6.45 -14.88
CA SER A 22 -2.28 7.45 -15.49
C SER A 22 -0.95 7.54 -14.77
N MET A 23 -0.91 7.11 -13.51
CA MET A 23 0.32 7.14 -12.72
C MET A 23 1.35 6.18 -13.30
N GLN A 24 2.43 6.73 -13.85
CA GLN A 24 3.48 5.91 -14.44
C GLN A 24 4.25 5.14 -13.36
N GLU A 25 4.76 5.85 -12.36
CA GLU A 25 5.50 5.22 -11.27
C GLU A 25 4.71 5.27 -9.96
N PRO A 26 4.14 4.15 -9.49
CA PRO A 26 3.37 4.14 -8.24
C PRO A 26 4.28 4.24 -7.01
N ASP A 27 5.53 3.82 -7.16
CA ASP A 27 6.50 3.87 -6.07
C ASP A 27 6.76 5.32 -5.64
N THR A 28 6.87 6.19 -6.64
CA THR A 28 7.13 7.61 -6.42
C THR A 28 5.91 8.37 -5.90
N LYS A 29 4.74 8.10 -6.49
CA LYS A 29 3.51 8.77 -6.09
C LYS A 29 3.04 8.39 -4.69
N LEU A 30 3.16 7.12 -4.36
CA LEU A 30 2.74 6.65 -3.05
C LEU A 30 3.79 6.97 -1.98
N ARG A 31 5.03 7.14 -2.41
CA ARG A 31 6.14 7.45 -1.50
C ARG A 31 5.79 8.57 -0.52
N PRO A 32 5.42 9.78 -1.01
CA PRO A 32 5.09 10.90 -0.13
C PRO A 32 3.89 10.62 0.78
N LEU A 33 3.07 9.63 0.42
CA LEU A 33 1.89 9.30 1.21
C LEU A 33 2.20 8.29 2.32
N PHE A 34 2.77 7.16 1.95
CA PHE A 34 3.10 6.10 2.90
C PHE A 34 4.29 6.47 3.80
N GLU A 35 5.31 7.10 3.22
CA GLU A 35 6.49 7.50 3.97
C GLU A 35 6.12 8.49 5.05
N ALA A 36 5.16 9.36 4.74
CA ALA A 36 4.71 10.38 5.67
C ALA A 36 4.07 9.75 6.92
N CYS A 37 3.76 8.46 6.84
CA CYS A 37 3.15 7.76 7.98
C CYS A 37 4.17 6.83 8.63
N GLY A 38 5.07 6.28 7.83
CA GLY A 38 6.08 5.37 8.36
C GLY A 38 7.10 4.99 7.31
N GLU A 39 8.29 4.58 7.75
CA GLU A 39 9.34 4.19 6.83
C GLU A 39 8.97 2.96 6.01
N VAL A 40 9.36 2.99 4.74
CA VAL A 40 9.09 1.90 3.83
C VAL A 40 10.38 1.21 3.40
N VAL A 41 10.43 -0.11 3.55
CA VAL A 41 11.63 -0.85 3.18
C VAL A 41 11.77 -0.90 1.67
N GLN A 42 10.66 -1.19 0.99
CA GLN A 42 10.64 -1.26 -0.47
C GLN A 42 9.24 -1.52 -1.00
N ILE A 43 8.96 -1.01 -2.19
CA ILE A 43 7.66 -1.18 -2.83
C ILE A 43 7.78 -2.12 -4.04
N ARG A 44 6.85 -3.04 -4.18
CA ARG A 44 6.87 -4.00 -5.29
C ARG A 44 5.70 -3.77 -6.24
N PRO A 45 5.87 -2.87 -7.24
CA PRO A 45 4.82 -2.58 -8.21
C PRO A 45 4.61 -3.72 -9.19
N ILE A 46 3.38 -3.87 -9.67
CA ILE A 46 3.06 -4.92 -10.62
C ILE A 46 3.42 -4.50 -12.04
N PHE A 47 4.30 -5.27 -12.67
CA PHE A 47 4.73 -4.99 -14.04
C PHE A 47 4.63 -6.23 -14.92
N SER A 48 3.87 -7.22 -14.46
CA SER A 48 3.69 -8.46 -15.21
C SER A 48 2.57 -8.33 -16.25
N ASN A 49 1.84 -7.22 -16.20
CA ASN A 49 0.74 -6.98 -17.14
C ASN A 49 1.25 -6.98 -18.58
N ARG A 50 0.41 -7.52 -19.47
CA ARG A 50 0.74 -7.58 -20.90
C ARG A 50 0.02 -6.49 -21.69
N GLY A 51 -0.81 -5.70 -21.02
CA GLY A 51 -1.55 -4.65 -21.71
C GLY A 51 -1.42 -3.30 -21.01
N ASP A 52 -2.18 -3.13 -19.93
CA ASP A 52 -2.16 -1.88 -19.17
C ASP A 52 -1.84 -2.14 -17.71
N PHE A 53 -1.45 -1.08 -17.00
CA PHE A 53 -1.12 -1.18 -15.59
C PHE A 53 -2.31 -1.67 -14.79
N ARG A 54 -2.05 -2.42 -13.72
CA ARG A 54 -3.11 -2.96 -12.89
C ARG A 54 -3.57 -1.92 -11.86
N GLY A 55 -2.72 -0.94 -11.59
CA GLY A 55 -3.07 0.10 -10.64
C GLY A 55 -3.02 -0.40 -9.20
N TYR A 56 -2.28 -1.48 -8.98
CA TYR A 56 -2.16 -2.05 -7.64
C TYR A 56 -0.69 -2.29 -7.29
N CYS A 57 -0.36 -2.17 -6.01
CA CYS A 57 1.02 -2.38 -5.57
C CYS A 57 1.04 -2.80 -4.09
N TYR A 58 2.21 -3.21 -3.62
CA TYR A 58 2.35 -3.64 -2.23
C TYR A 58 3.41 -2.79 -1.52
N VAL A 59 3.18 -2.49 -0.24
CA VAL A 59 4.12 -1.70 0.54
C VAL A 59 4.51 -2.39 1.83
N GLU A 60 5.81 -2.41 2.09
CA GLU A 60 6.35 -3.05 3.28
C GLU A 60 7.02 -2.01 4.18
N PHE A 61 6.74 -2.09 5.49
CA PHE A 61 7.32 -1.15 6.45
C PHE A 61 8.36 -1.87 7.30
N LYS A 62 9.42 -1.15 7.65
CA LYS A 62 10.47 -1.74 8.47
C LYS A 62 9.98 -1.99 9.89
N GLU A 63 8.96 -1.21 10.29
CA GLU A 63 8.39 -1.34 11.62
C GLU A 63 6.86 -1.54 11.55
N GLU A 64 6.36 -2.37 12.45
CA GLU A 64 4.93 -2.68 12.53
C GLU A 64 4.08 -1.44 12.84
N LYS A 65 4.60 -0.55 13.68
CA LYS A 65 3.88 0.66 14.06
C LYS A 65 3.46 1.47 12.84
N SER A 66 4.31 1.48 11.82
CA SER A 66 4.03 2.21 10.59
C SER A 66 2.75 1.68 9.95
N ALA A 67 2.58 0.37 10.02
CA ALA A 67 1.42 -0.29 9.45
C ALA A 67 0.18 0.06 10.24
N LEU A 68 0.36 0.19 11.54
CA LEU A 68 -0.74 0.51 12.44
C LEU A 68 -1.42 1.82 12.04
N GLN A 69 -0.64 2.89 11.89
CA GLN A 69 -1.20 4.18 11.50
C GLN A 69 -1.59 4.21 10.03
N ALA A 70 -0.96 3.34 9.23
CA ALA A 70 -1.27 3.28 7.81
C ALA A 70 -2.74 2.97 7.60
N LEU A 71 -3.34 2.29 8.58
CA LEU A 71 -4.75 1.92 8.53
C LEU A 71 -5.62 3.17 8.52
N GLU A 72 -5.15 4.16 9.27
CA GLU A 72 -5.85 5.44 9.40
C GLU A 72 -5.99 6.14 8.05
N MET A 73 -5.16 5.75 7.09
CA MET A 73 -5.21 6.33 5.75
C MET A 73 -6.23 5.63 4.86
N ASP A 74 -6.91 4.61 5.40
CA ASP A 74 -7.90 3.86 4.65
C ASP A 74 -9.04 4.77 4.19
N ARG A 75 -9.37 4.67 2.91
CA ARG A 75 -10.45 5.46 2.31
C ARG A 75 -10.04 6.92 2.12
N LYS A 76 -8.78 7.24 2.37
CA LYS A 76 -8.30 8.61 2.20
C LYS A 76 -8.52 9.10 0.78
N SER A 77 -8.99 10.34 0.63
CA SER A 77 -9.25 10.89 -0.69
C SER A 77 -7.98 11.46 -1.31
N VAL A 78 -7.53 10.84 -2.40
CA VAL A 78 -6.33 11.28 -3.10
C VAL A 78 -6.61 11.40 -4.60
N GLU A 79 -6.23 12.53 -5.19
CA GLU A 79 -6.44 12.77 -6.60
C GLU A 79 -7.93 12.76 -6.93
N GLY A 80 -8.75 13.09 -5.94
CA GLY A 80 -10.18 13.12 -6.13
C GLY A 80 -10.81 11.73 -6.06
N ARG A 81 -9.99 10.71 -5.82
CA ARG A 81 -10.48 9.34 -5.71
C ARG A 81 -10.00 8.71 -4.40
N PRO A 82 -10.88 8.00 -3.66
CA PRO A 82 -10.51 7.36 -2.40
C PRO A 82 -9.57 6.18 -2.58
N MET A 83 -8.67 6.00 -1.61
CA MET A 83 -7.70 4.91 -1.63
C MET A 83 -8.17 3.78 -0.70
N PHE A 84 -8.33 2.58 -1.25
CA PHE A 84 -8.77 1.45 -0.44
C PHE A 84 -7.58 0.68 0.11
N VAL A 85 -7.40 0.78 1.42
CA VAL A 85 -6.30 0.09 2.10
C VAL A 85 -6.83 -0.77 3.25
N SER A 86 -6.43 -2.03 3.26
CA SER A 86 -6.87 -2.95 4.31
C SER A 86 -5.68 -3.68 4.92
N PRO A 87 -5.78 -4.08 6.19
CA PRO A 87 -4.69 -4.79 6.88
C PRO A 87 -4.50 -6.20 6.36
N CYS A 88 -3.25 -6.65 6.33
CA CYS A 88 -2.93 -7.99 5.86
C CYS A 88 -3.58 -9.04 6.74
N VAL A 89 -3.49 -8.86 8.06
CA VAL A 89 -4.07 -9.79 9.02
C VAL A 89 -5.12 -9.10 9.88
N ASP A 90 -6.18 -9.85 10.20
CA ASP A 90 -7.27 -9.31 11.02
C ASP A 90 -6.89 -9.38 12.49
N LYS A 91 -7.31 -8.37 13.25
CA LYS A 91 -7.01 -8.35 14.67
C LYS A 91 -7.97 -7.41 15.41
N SER A 92 -8.98 -8.01 16.04
CA SER A 92 -9.97 -7.24 16.78
C SER A 92 -9.31 -6.47 17.92
N LYS A 93 -8.44 -7.14 18.66
CA LYS A 93 -7.74 -6.52 19.77
C LYS A 93 -6.23 -6.67 19.63
N ASN A 94 -5.58 -5.65 19.08
CA ASN A 94 -4.14 -5.65 18.90
C ASN A 94 -3.65 -4.33 18.33
N HIS A 5 4.56 -13.46 1.80
CA HIS A 5 4.15 -14.90 1.79
C HIS A 5 3.84 -15.39 3.19
N ASP A 6 4.85 -15.38 4.06
CA ASP A 6 4.68 -15.82 5.44
C ASP A 6 3.86 -14.82 6.24
N SER A 7 3.24 -15.31 7.32
CA SER A 7 2.41 -14.47 8.18
C SER A 7 3.24 -13.35 8.80
N SER A 8 4.56 -13.53 8.85
CA SER A 8 5.46 -12.53 9.42
C SER A 8 5.33 -11.21 8.67
N LYS A 9 5.21 -11.28 7.35
CA LYS A 9 5.08 -10.08 6.53
C LYS A 9 3.64 -9.56 6.54
N ASP A 10 2.71 -10.44 6.89
CA ASP A 10 1.29 -10.09 6.95
C ASP A 10 1.04 -8.96 7.96
N SER A 11 1.72 -9.04 9.10
CA SER A 11 1.58 -8.03 10.15
C SER A 11 2.26 -6.72 9.79
N ILE A 12 3.05 -6.71 8.70
CA ILE A 12 3.74 -5.51 8.27
C ILE A 12 3.49 -5.18 6.80
N THR A 13 2.44 -5.75 6.23
CA THR A 13 2.10 -5.51 4.83
C THR A 13 0.75 -4.83 4.64
N VAL A 14 0.70 -3.98 3.64
CA VAL A 14 -0.50 -3.25 3.30
C VAL A 14 -0.61 -3.09 1.79
N PHE A 15 -1.67 -3.65 1.21
CA PHE A 15 -1.87 -3.56 -0.23
C PHE A 15 -2.77 -2.38 -0.58
N VAL A 16 -2.37 -1.63 -1.61
CA VAL A 16 -3.15 -0.48 -2.04
C VAL A 16 -3.94 -0.80 -3.30
N SER A 17 -5.22 -0.41 -3.30
CA SER A 17 -6.08 -0.66 -4.45
C SER A 17 -6.92 0.57 -4.81
N ASN A 18 -7.65 0.46 -5.91
CA ASN A 18 -8.52 1.54 -6.39
C ASN A 18 -7.72 2.80 -6.73
N LEU A 19 -6.54 2.62 -7.31
CA LEU A 19 -5.69 3.74 -7.69
C LEU A 19 -5.80 3.98 -9.20
N PRO A 20 -5.58 5.23 -9.66
CA PRO A 20 -5.66 5.55 -11.08
C PRO A 20 -4.55 4.89 -11.88
N TYR A 21 -4.80 4.62 -13.16
CA TYR A 21 -3.80 3.98 -14.01
C TYR A 21 -2.82 4.98 -14.59
N SER A 22 -3.21 6.25 -14.63
CA SER A 22 -2.36 7.31 -15.17
C SER A 22 -1.00 7.36 -14.48
N MET A 23 -0.94 6.87 -13.23
CA MET A 23 0.31 6.86 -12.48
C MET A 23 1.25 5.79 -13.00
N GLN A 24 2.36 6.22 -13.61
CA GLN A 24 3.34 5.29 -14.15
C GLN A 24 4.12 4.59 -13.02
N GLU A 25 4.63 5.37 -12.08
CA GLU A 25 5.39 4.81 -10.97
C GLU A 25 4.62 4.94 -9.64
N PRO A 26 4.05 3.84 -9.12
CA PRO A 26 3.29 3.88 -7.86
C PRO A 26 4.20 3.98 -6.64
N ASP A 27 5.46 3.57 -6.81
CA ASP A 27 6.42 3.60 -5.72
C ASP A 27 6.75 5.04 -5.32
N THR A 28 6.77 5.94 -6.29
CA THR A 28 7.07 7.34 -6.03
C THR A 28 5.82 8.17 -5.73
N LYS A 29 4.69 7.79 -6.31
CA LYS A 29 3.44 8.52 -6.09
C LYS A 29 2.92 8.32 -4.67
N LEU A 30 3.08 7.11 -4.17
CA LEU A 30 2.63 6.75 -2.83
C LEU A 30 3.67 7.13 -1.77
N ARG A 31 4.93 7.27 -2.18
CA ARG A 31 6.01 7.61 -1.26
C ARG A 31 5.65 8.75 -0.30
N PRO A 32 5.16 9.90 -0.77
CA PRO A 32 4.79 11.01 0.11
C PRO A 32 3.72 10.65 1.14
N LEU A 33 2.76 9.84 0.73
CA LEU A 33 1.67 9.42 1.60
C LEU A 33 2.07 8.37 2.64
N PHE A 34 2.68 7.28 2.19
CA PHE A 34 3.10 6.21 3.10
C PHE A 34 4.28 6.61 3.99
N GLU A 35 5.25 7.31 3.40
CA GLU A 35 6.42 7.74 4.16
C GLU A 35 6.04 8.69 5.28
N ALA A 36 5.06 9.54 5.00
CA ALA A 36 4.60 10.51 5.98
C ALA A 36 3.99 9.82 7.21
N CYS A 37 3.61 8.55 7.05
CA CYS A 37 3.03 7.79 8.15
C CYS A 37 4.06 6.85 8.77
N GLY A 38 4.94 6.31 7.93
CA GLY A 38 5.96 5.40 8.40
C GLY A 38 6.94 5.04 7.29
N GLU A 39 8.13 4.60 7.66
CA GLU A 39 9.14 4.23 6.68
C GLU A 39 8.76 2.98 5.91
N VAL A 40 9.17 2.96 4.64
CA VAL A 40 8.89 1.85 3.75
C VAL A 40 10.20 1.16 3.36
N VAL A 41 10.25 -0.16 3.55
CA VAL A 41 11.46 -0.90 3.20
C VAL A 41 11.62 -0.95 1.70
N GLN A 42 10.52 -1.26 1.01
CA GLN A 42 10.52 -1.35 -0.44
C GLN A 42 9.12 -1.61 -1.01
N ILE A 43 8.92 -1.18 -2.25
CA ILE A 43 7.64 -1.35 -2.93
C ILE A 43 7.82 -2.24 -4.15
N ARG A 44 6.91 -3.19 -4.33
CA ARG A 44 6.99 -4.11 -5.47
C ARG A 44 5.83 -3.88 -6.45
N PRO A 45 6.01 -2.97 -7.42
CA PRO A 45 4.97 -2.68 -8.42
C PRO A 45 4.81 -3.82 -9.41
N ILE A 46 3.58 -4.02 -9.88
CA ILE A 46 3.31 -5.08 -10.85
C ILE A 46 3.52 -4.58 -12.27
N PHE A 47 4.47 -5.22 -12.97
CA PHE A 47 4.78 -4.85 -14.35
C PHE A 47 4.61 -6.03 -15.30
N SER A 48 4.06 -7.13 -14.81
CA SER A 48 3.85 -8.32 -15.64
C SER A 48 2.71 -8.10 -16.63
N ASN A 49 1.97 -7.01 -16.47
CA ASN A 49 0.85 -6.71 -17.37
C ASN A 49 1.33 -6.52 -18.80
N ARG A 50 0.68 -7.22 -19.73
CA ARG A 50 1.03 -7.14 -21.15
C ARG A 50 0.24 -6.03 -21.85
N GLY A 51 -0.64 -5.35 -21.12
CA GLY A 51 -1.43 -4.29 -21.69
C GLY A 51 -1.42 -3.03 -20.86
N ASP A 52 -2.34 -2.94 -19.93
CA ASP A 52 -2.44 -1.79 -19.05
C ASP A 52 -2.11 -2.16 -17.61
N PHE A 53 -1.58 -1.19 -16.87
CA PHE A 53 -1.21 -1.41 -15.48
C PHE A 53 -2.42 -1.91 -14.70
N ARG A 54 -2.18 -2.71 -13.66
CA ARG A 54 -3.25 -3.26 -12.85
C ARG A 54 -3.82 -2.19 -11.91
N GLY A 55 -3.04 -1.15 -11.65
CA GLY A 55 -3.49 -0.09 -10.78
C GLY A 55 -3.34 -0.39 -9.30
N TYR A 56 -2.47 -1.34 -8.96
CA TYR A 56 -2.24 -1.69 -7.56
C TYR A 56 -0.80 -2.12 -7.30
N CYS A 57 -0.40 -2.05 -6.04
CA CYS A 57 0.96 -2.42 -5.64
C CYS A 57 0.98 -2.82 -4.16
N TYR A 58 2.11 -3.36 -3.71
CA TYR A 58 2.25 -3.77 -2.31
C TYR A 58 3.29 -2.92 -1.61
N VAL A 59 3.07 -2.62 -0.33
CA VAL A 59 4.00 -1.81 0.44
C VAL A 59 4.38 -2.49 1.75
N GLU A 60 5.66 -2.50 2.03
CA GLU A 60 6.18 -3.11 3.25
C GLU A 60 6.86 -2.07 4.13
N PHE A 61 6.56 -2.12 5.43
CA PHE A 61 7.14 -1.17 6.38
C PHE A 61 8.17 -1.87 7.25
N LYS A 62 9.24 -1.16 7.59
CA LYS A 62 10.29 -1.72 8.43
C LYS A 62 9.78 -1.97 9.84
N GLU A 63 8.77 -1.21 10.24
CA GLU A 63 8.18 -1.33 11.57
C GLU A 63 6.67 -1.52 11.50
N GLU A 64 6.13 -2.32 12.42
CA GLU A 64 4.71 -2.61 12.50
C GLU A 64 3.88 -1.36 12.80
N LYS A 65 4.43 -0.46 13.61
CA LYS A 65 3.72 0.77 13.98
C LYS A 65 3.29 1.52 12.74
N SER A 66 4.10 1.44 11.70
CA SER A 66 3.80 2.11 10.45
C SER A 66 2.48 1.60 9.88
N ALA A 67 2.27 0.30 9.98
CA ALA A 67 1.08 -0.33 9.49
C ALA A 67 -0.12 0.04 10.35
N LEU A 68 0.13 0.19 11.64
CA LEU A 68 -0.92 0.53 12.58
C LEU A 68 -1.61 1.84 12.19
N GLN A 69 -0.81 2.89 12.01
CA GLN A 69 -1.37 4.19 11.63
C GLN A 69 -1.79 4.19 10.16
N ALA A 70 -1.18 3.32 9.37
CA ALA A 70 -1.50 3.22 7.96
C ALA A 70 -2.98 2.87 7.76
N LEU A 71 -3.57 2.25 8.78
CA LEU A 71 -4.97 1.87 8.74
C LEU A 71 -5.85 3.11 8.64
N GLU A 72 -5.30 4.22 9.12
CA GLU A 72 -6.00 5.49 9.12
C GLU A 72 -5.80 6.24 7.80
N MET A 73 -4.76 5.83 7.05
CA MET A 73 -4.46 6.44 5.76
C MET A 73 -5.49 6.05 4.71
N ASP A 74 -6.07 4.88 4.87
CA ASP A 74 -7.08 4.38 3.93
C ASP A 74 -8.28 5.32 3.84
N ARG A 75 -8.96 5.27 2.70
CA ARG A 75 -10.13 6.10 2.44
C ARG A 75 -9.73 7.53 2.06
N LYS A 76 -8.43 7.80 2.02
CA LYS A 76 -7.94 9.13 1.66
C LYS A 76 -8.11 9.39 0.17
N SER A 77 -8.58 10.58 -0.18
CA SER A 77 -8.78 10.94 -1.58
C SER A 77 -7.46 11.27 -2.26
N VAL A 78 -7.09 10.47 -3.24
CA VAL A 78 -5.85 10.67 -3.98
C VAL A 78 -6.11 10.71 -5.48
N GLU A 79 -5.67 11.79 -6.14
CA GLU A 79 -5.86 11.93 -7.59
C GLU A 79 -7.35 11.91 -7.92
N GLY A 80 -8.17 12.34 -6.97
CA GLY A 80 -9.60 12.36 -7.17
C GLY A 80 -10.25 11.00 -6.97
N ARG A 81 -9.46 9.99 -6.64
CA ARG A 81 -9.97 8.65 -6.41
C ARG A 81 -9.51 8.11 -5.06
N PRO A 82 -10.44 7.74 -4.14
CA PRO A 82 -10.08 7.22 -2.81
C PRO A 82 -9.18 5.98 -2.91
N MET A 83 -8.28 5.85 -1.94
CA MET A 83 -7.36 4.72 -1.90
C MET A 83 -7.83 3.70 -0.87
N PHE A 84 -8.03 2.45 -1.30
CA PHE A 84 -8.48 1.39 -0.41
C PHE A 84 -7.35 0.47 0.00
N VAL A 85 -7.03 0.47 1.29
CA VAL A 85 -5.98 -0.37 1.83
C VAL A 85 -6.55 -1.36 2.85
N SER A 86 -6.56 -2.64 2.49
CA SER A 86 -7.09 -3.67 3.37
C SER A 86 -6.01 -4.70 3.76
N PRO A 87 -5.51 -4.68 5.00
CA PRO A 87 -4.48 -5.62 5.45
C PRO A 87 -4.94 -7.07 5.30
N CYS A 88 -4.00 -7.96 4.97
CA CYS A 88 -4.32 -9.37 4.79
C CYS A 88 -4.91 -9.98 6.07
N VAL A 89 -4.29 -9.67 7.21
CA VAL A 89 -4.77 -10.20 8.49
C VAL A 89 -5.68 -9.19 9.19
N ASP A 90 -6.84 -9.68 9.64
CA ASP A 90 -7.80 -8.84 10.34
C ASP A 90 -7.42 -8.68 11.81
N LYS A 91 -7.75 -7.53 12.38
CA LYS A 91 -7.46 -7.26 13.79
C LYS A 91 -8.72 -6.86 14.54
N SER A 92 -9.29 -7.82 15.24
CA SER A 92 -10.51 -7.58 16.02
C SER A 92 -10.17 -7.33 17.49
N LYS A 93 -9.53 -8.31 18.12
CA LYS A 93 -9.15 -8.21 19.52
C LYS A 93 -8.17 -7.07 19.73
N ASN A 94 -7.23 -6.91 18.78
CA ASN A 94 -6.23 -5.86 18.87
C ASN A 94 -6.52 -4.75 17.87
N HIS A 5 4.57 -17.50 1.13
CA HIS A 5 4.93 -16.32 1.96
C HIS A 5 4.54 -16.52 3.41
N ASP A 6 5.52 -16.42 4.30
CA ASP A 6 5.27 -16.60 5.73
C ASP A 6 4.45 -15.44 6.30
N SER A 7 3.78 -15.70 7.41
CA SER A 7 2.96 -14.69 8.07
C SER A 7 3.81 -13.62 8.74
N SER A 8 5.13 -13.81 8.76
CA SER A 8 6.03 -12.84 9.37
C SER A 8 5.90 -11.48 8.71
N LYS A 9 5.79 -11.47 7.38
CA LYS A 9 5.66 -10.22 6.64
C LYS A 9 4.20 -9.73 6.63
N ASP A 10 3.28 -10.65 6.96
CA ASP A 10 1.85 -10.35 6.99
C ASP A 10 1.54 -9.25 8.01
N SER A 11 2.20 -9.29 9.15
CA SER A 11 2.00 -8.32 10.22
C SER A 11 2.68 -6.98 9.91
N ILE A 12 3.38 -6.89 8.78
CA ILE A 12 4.07 -5.66 8.42
C ILE A 12 3.79 -5.26 6.97
N THR A 13 2.78 -5.87 6.35
CA THR A 13 2.42 -5.54 4.98
C THR A 13 0.96 -5.14 4.83
N VAL A 14 0.74 -4.24 3.89
CA VAL A 14 -0.61 -3.75 3.61
C VAL A 14 -0.80 -3.65 2.10
N PHE A 15 -1.73 -4.42 1.58
CA PHE A 15 -2.01 -4.41 0.15
C PHE A 15 -2.90 -3.22 -0.22
N VAL A 16 -2.52 -2.52 -1.28
CA VAL A 16 -3.28 -1.36 -1.75
C VAL A 16 -3.80 -1.57 -3.16
N SER A 17 -4.99 -1.03 -3.42
CA SER A 17 -5.62 -1.15 -4.73
C SER A 17 -6.51 0.06 -5.02
N ASN A 18 -7.06 0.11 -6.23
CA ASN A 18 -7.94 1.20 -6.66
C ASN A 18 -7.14 2.47 -6.99
N LEU A 19 -5.96 2.30 -7.56
CA LEU A 19 -5.10 3.42 -7.93
C LEU A 19 -5.23 3.70 -9.42
N PRO A 20 -4.99 4.95 -9.86
CA PRO A 20 -5.09 5.32 -11.27
C PRO A 20 -4.00 4.68 -12.12
N TYR A 21 -4.35 4.31 -13.35
CA TYR A 21 -3.41 3.68 -14.26
C TYR A 21 -2.52 4.72 -14.95
N SER A 22 -3.07 5.91 -15.14
CA SER A 22 -2.34 6.99 -15.79
C SER A 22 -1.05 7.33 -15.05
N MET A 23 -1.00 6.99 -13.76
CA MET A 23 0.18 7.27 -12.95
C MET A 23 1.39 6.49 -13.46
N GLN A 24 2.40 7.21 -13.92
CA GLN A 24 3.62 6.59 -14.44
C GLN A 24 4.47 5.96 -13.35
N GLU A 25 4.74 6.70 -12.27
CA GLU A 25 5.54 6.18 -11.17
C GLU A 25 4.68 5.93 -9.93
N PRO A 26 4.40 4.65 -9.58
CA PRO A 26 3.58 4.33 -8.40
C PRO A 26 4.35 4.52 -7.10
N ASP A 27 5.59 4.05 -7.08
CA ASP A 27 6.46 4.15 -5.92
C ASP A 27 6.77 5.62 -5.60
N THR A 28 6.98 6.40 -6.65
CA THR A 28 7.31 7.81 -6.50
C THR A 28 6.14 8.63 -5.93
N LYS A 29 4.95 8.43 -6.49
CA LYS A 29 3.76 9.16 -6.04
C LYS A 29 3.30 8.73 -4.66
N LEU A 30 3.35 7.43 -4.40
CA LEU A 30 2.93 6.88 -3.12
C LEU A 30 3.93 7.22 -2.02
N ARG A 31 5.20 7.34 -2.40
CA ARG A 31 6.27 7.65 -1.46
C ARG A 31 5.92 8.78 -0.49
N PRO A 32 5.59 9.99 -0.99
CA PRO A 32 5.25 11.13 -0.13
C PRO A 32 4.00 10.91 0.75
N LEU A 33 3.14 9.97 0.37
CA LEU A 33 1.93 9.71 1.16
C LEU A 33 2.13 8.67 2.26
N PHE A 34 2.60 7.48 1.89
CA PHE A 34 2.82 6.42 2.88
C PHE A 34 4.02 6.69 3.77
N GLU A 35 5.09 7.23 3.19
CA GLU A 35 6.30 7.54 3.95
C GLU A 35 6.01 8.56 5.05
N ALA A 36 5.12 9.48 4.75
CA ALA A 36 4.74 10.53 5.70
C ALA A 36 4.06 9.94 6.94
N CYS A 37 3.65 8.68 6.86
CA CYS A 37 2.98 8.02 7.98
C CYS A 37 3.96 7.09 8.70
N GLY A 38 4.87 6.50 7.94
CA GLY A 38 5.86 5.60 8.50
C GLY A 38 6.87 5.19 7.46
N GLU A 39 8.05 4.73 7.90
CA GLU A 39 9.09 4.32 6.97
C GLU A 39 8.71 3.10 6.16
N VAL A 40 9.07 3.14 4.88
CA VAL A 40 8.79 2.05 3.96
C VAL A 40 10.09 1.42 3.50
N VAL A 41 10.19 0.11 3.60
CA VAL A 41 11.40 -0.59 3.19
C VAL A 41 11.53 -0.54 1.67
N GLN A 42 10.42 -0.83 1.00
CA GLN A 42 10.38 -0.84 -0.46
C GLN A 42 8.97 -1.11 -0.99
N ILE A 43 8.68 -0.57 -2.18
CA ILE A 43 7.38 -0.76 -2.80
C ILE A 43 7.51 -1.73 -3.97
N ARG A 44 6.56 -2.65 -4.10
CA ARG A 44 6.60 -3.64 -5.18
C ARG A 44 5.47 -3.44 -6.17
N PRO A 45 5.68 -2.61 -7.22
CA PRO A 45 4.66 -2.35 -8.24
C PRO A 45 4.45 -3.57 -9.14
N ILE A 46 3.21 -3.77 -9.58
CA ILE A 46 2.88 -4.89 -10.46
C ILE A 46 3.26 -4.59 -11.90
N PHE A 47 4.09 -5.46 -12.48
CA PHE A 47 4.53 -5.30 -13.86
C PHE A 47 4.35 -6.60 -14.65
N SER A 48 3.56 -7.52 -14.11
CA SER A 48 3.31 -8.80 -14.77
C SER A 48 2.22 -8.69 -15.84
N ASN A 49 1.56 -7.54 -15.89
CA ASN A 49 0.49 -7.32 -16.87
C ASN A 49 1.01 -7.46 -18.30
N ARG A 50 0.18 -8.04 -19.16
CA ARG A 50 0.53 -8.25 -20.57
C ARG A 50 -0.07 -7.14 -21.45
N GLY A 51 -0.87 -6.26 -20.85
CA GLY A 51 -1.48 -5.18 -21.61
C GLY A 51 -1.29 -3.83 -20.95
N ASP A 52 -2.04 -3.58 -19.89
CA ASP A 52 -1.96 -2.32 -19.16
C ASP A 52 -1.64 -2.57 -17.69
N PHE A 53 -1.21 -1.52 -16.99
CA PHE A 53 -0.88 -1.64 -15.57
C PHE A 53 -2.08 -2.14 -14.79
N ARG A 54 -1.82 -2.92 -13.74
CA ARG A 54 -2.87 -3.47 -12.90
C ARG A 54 -3.44 -2.40 -11.98
N GLY A 55 -2.64 -1.37 -11.71
CA GLY A 55 -3.09 -0.30 -10.83
C GLY A 55 -3.03 -0.71 -9.37
N TYR A 56 -2.24 -1.74 -9.07
CA TYR A 56 -2.12 -2.22 -7.70
C TYR A 56 -0.64 -2.34 -7.31
N CYS A 57 -0.36 -2.17 -6.03
CA CYS A 57 1.02 -2.26 -5.53
C CYS A 57 1.04 -2.72 -4.08
N TYR A 58 2.23 -3.06 -3.58
CA TYR A 58 2.38 -3.52 -2.20
C TYR A 58 3.35 -2.61 -1.44
N VAL A 59 3.10 -2.44 -0.14
CA VAL A 59 3.94 -1.60 0.70
C VAL A 59 4.41 -2.33 1.94
N GLU A 60 5.72 -2.31 2.15
CA GLU A 60 6.31 -2.96 3.31
C GLU A 60 6.93 -1.92 4.24
N PHE A 61 6.68 -2.07 5.55
CA PHE A 61 7.20 -1.13 6.53
C PHE A 61 8.18 -1.86 7.44
N LYS A 62 9.26 -1.19 7.84
CA LYS A 62 10.25 -1.82 8.70
C LYS A 62 9.66 -2.05 10.10
N GLU A 63 8.64 -1.27 10.44
CA GLU A 63 7.99 -1.39 11.75
C GLU A 63 6.48 -1.61 11.60
N GLU A 64 5.93 -2.45 12.47
CA GLU A 64 4.50 -2.76 12.48
C GLU A 64 3.63 -1.54 12.78
N LYS A 65 4.13 -0.68 13.64
CA LYS A 65 3.39 0.53 14.03
C LYS A 65 3.01 1.34 12.79
N SER A 66 3.89 1.35 11.81
CA SER A 66 3.65 2.07 10.57
C SER A 66 2.41 1.54 9.87
N ALA A 67 2.27 0.23 9.86
CA ALA A 67 1.14 -0.42 9.21
C ALA A 67 -0.15 -0.07 9.93
N LEU A 68 -0.07 -0.02 11.25
CA LEU A 68 -1.21 0.30 12.09
C LEU A 68 -1.81 1.67 11.74
N GLN A 69 -0.97 2.69 11.69
CA GLN A 69 -1.46 4.03 11.36
C GLN A 69 -1.83 4.13 9.88
N ALA A 70 -1.17 3.32 9.05
CA ALA A 70 -1.44 3.31 7.63
C ALA A 70 -2.89 2.96 7.35
N LEU A 71 -3.49 2.20 8.26
CA LEU A 71 -4.88 1.78 8.13
C LEU A 71 -5.77 3.00 8.12
N GLU A 72 -5.42 3.95 8.97
CA GLU A 72 -6.16 5.19 9.12
C GLU A 72 -5.99 6.12 7.91
N MET A 73 -4.91 5.92 7.16
CA MET A 73 -4.64 6.76 5.98
C MET A 73 -5.57 6.40 4.83
N ASP A 74 -6.06 5.16 4.82
CA ASP A 74 -6.96 4.70 3.76
C ASP A 74 -8.08 5.69 3.47
N ARG A 75 -8.58 5.63 2.23
CA ARG A 75 -9.66 6.50 1.77
C ARG A 75 -9.16 7.89 1.40
N LYS A 76 -7.87 8.14 1.60
CA LYS A 76 -7.28 9.43 1.28
C LYS A 76 -7.42 9.74 -0.22
N SER A 77 -7.81 10.97 -0.52
CA SER A 77 -7.99 11.38 -1.91
C SER A 77 -6.65 11.71 -2.56
N VAL A 78 -6.28 10.95 -3.58
CA VAL A 78 -5.03 11.16 -4.30
C VAL A 78 -5.29 11.28 -5.80
N GLU A 79 -4.82 12.38 -6.38
CA GLU A 79 -5.00 12.61 -7.82
C GLU A 79 -6.48 12.64 -8.17
N GLY A 80 -7.29 13.06 -7.22
CA GLY A 80 -8.72 13.13 -7.43
C GLY A 80 -9.40 11.79 -7.27
N ARG A 81 -8.64 10.75 -6.94
CA ARG A 81 -9.18 9.42 -6.77
C ARG A 81 -8.78 8.86 -5.39
N PRO A 82 -9.73 8.32 -4.60
CA PRO A 82 -9.42 7.77 -3.26
C PRO A 82 -8.60 6.49 -3.33
N MET A 83 -7.78 6.28 -2.30
CA MET A 83 -6.93 5.09 -2.23
C MET A 83 -7.55 4.05 -1.30
N PHE A 84 -7.81 2.86 -1.83
CA PHE A 84 -8.39 1.80 -1.02
C PHE A 84 -7.32 0.85 -0.49
N VAL A 85 -7.16 0.82 0.82
CA VAL A 85 -6.17 -0.04 1.46
C VAL A 85 -6.82 -1.22 2.17
N SER A 86 -6.30 -2.41 1.90
CA SER A 86 -6.81 -3.63 2.49
C SER A 86 -5.69 -4.37 3.24
N PRO A 87 -5.77 -4.49 4.59
CA PRO A 87 -4.73 -5.17 5.37
C PRO A 87 -4.45 -6.59 4.87
N CYS A 88 -3.16 -6.94 4.81
CA CYS A 88 -2.76 -8.26 4.35
C CYS A 88 -3.31 -9.35 5.28
N VAL A 89 -3.17 -9.12 6.58
CA VAL A 89 -3.65 -10.06 7.58
C VAL A 89 -5.18 -10.04 7.66
N ASP A 90 -5.76 -11.16 8.10
CA ASP A 90 -7.21 -11.25 8.22
C ASP A 90 -7.72 -10.32 9.31
N LYS A 91 -8.68 -9.48 8.92
CA LYS A 91 -9.28 -8.52 9.85
C LYS A 91 -9.62 -9.16 11.19
N SER A 92 -8.78 -8.89 12.18
CA SER A 92 -8.95 -9.43 13.52
C SER A 92 -9.70 -8.44 14.41
N LYS A 93 -10.68 -8.94 15.15
CA LYS A 93 -11.48 -8.10 16.04
C LYS A 93 -11.91 -8.88 17.27
N ASN A 94 -11.81 -8.25 18.44
CA ASN A 94 -12.19 -8.90 19.69
C ASN A 94 -11.28 -10.09 19.98
N HIS A 5 2.49 -15.25 0.81
CA HIS A 5 2.29 -16.30 1.84
C HIS A 5 3.36 -16.21 2.93
N ASP A 6 3.90 -15.01 3.11
CA ASP A 6 4.93 -14.79 4.12
C ASP A 6 4.32 -14.26 5.41
N SER A 7 4.31 -15.08 6.45
CA SER A 7 3.75 -14.70 7.74
C SER A 7 4.52 -13.53 8.33
N SER A 8 5.85 -13.59 8.23
CA SER A 8 6.72 -12.55 8.76
C SER A 8 6.45 -11.20 8.08
N LYS A 9 6.22 -11.23 6.77
CA LYS A 9 5.95 -10.00 6.02
C LYS A 9 4.47 -9.62 6.07
N ASP A 10 3.62 -10.58 6.45
CA ASP A 10 2.18 -10.34 6.52
C ASP A 10 1.87 -9.29 7.60
N SER A 11 2.56 -9.37 8.72
CA SER A 11 2.37 -8.43 9.83
C SER A 11 2.96 -7.04 9.55
N ILE A 12 3.55 -6.87 8.37
CA ILE A 12 4.16 -5.58 8.02
C ILE A 12 3.85 -5.17 6.59
N THR A 13 2.80 -5.75 6.01
CA THR A 13 2.41 -5.43 4.63
C THR A 13 0.99 -4.93 4.52
N VAL A 14 0.80 -4.01 3.58
CA VAL A 14 -0.50 -3.43 3.31
C VAL A 14 -0.67 -3.27 1.81
N PHE A 15 -1.68 -3.95 1.26
CA PHE A 15 -1.95 -3.88 -0.17
C PHE A 15 -2.77 -2.63 -0.52
N VAL A 16 -2.35 -1.95 -1.59
CA VAL A 16 -3.05 -0.74 -2.04
C VAL A 16 -3.75 -1.00 -3.37
N SER A 17 -4.95 -0.44 -3.51
CA SER A 17 -5.74 -0.61 -4.74
C SER A 17 -6.57 0.64 -5.04
N ASN A 18 -7.26 0.60 -6.17
CA ASN A 18 -8.12 1.70 -6.61
C ASN A 18 -7.32 2.98 -6.85
N LEU A 19 -6.12 2.84 -7.41
CA LEU A 19 -5.28 3.99 -7.69
C LEU A 19 -5.31 4.30 -9.19
N PRO A 20 -5.21 5.59 -9.58
CA PRO A 20 -5.24 5.98 -10.99
C PRO A 20 -4.22 5.20 -11.82
N TYR A 21 -4.66 4.70 -12.97
CA TYR A 21 -3.79 3.93 -13.86
C TYR A 21 -2.78 4.83 -14.55
N SER A 22 -3.16 6.09 -14.76
CA SER A 22 -2.29 7.06 -15.41
C SER A 22 -0.96 7.18 -14.68
N MET A 23 -0.93 6.81 -13.41
CA MET A 23 0.29 6.89 -12.62
C MET A 23 1.33 5.90 -13.13
N GLN A 24 2.44 6.42 -13.64
CA GLN A 24 3.51 5.57 -14.15
C GLN A 24 4.25 4.86 -13.03
N GLU A 25 4.70 5.60 -12.02
CA GLU A 25 5.42 5.00 -10.90
C GLU A 25 4.58 5.05 -9.62
N PRO A 26 4.02 3.92 -9.15
CA PRO A 26 3.21 3.90 -7.92
C PRO A 26 4.04 4.08 -6.66
N ASP A 27 5.31 3.65 -6.71
CA ASP A 27 6.20 3.78 -5.56
C ASP A 27 6.53 5.24 -5.27
N THR A 28 6.67 6.03 -6.33
CA THR A 28 6.98 7.45 -6.20
C THR A 28 5.81 8.25 -5.65
N LYS A 29 4.61 7.98 -6.16
CA LYS A 29 3.41 8.67 -5.72
C LYS A 29 3.00 8.27 -4.30
N LEU A 30 3.10 7.00 -4.00
CA LEU A 30 2.75 6.49 -2.68
C LEU A 30 3.79 6.89 -1.63
N ARG A 31 5.02 7.11 -2.08
CA ARG A 31 6.12 7.48 -1.19
C ARG A 31 5.76 8.64 -0.25
N PRO A 32 5.37 9.82 -0.77
CA PRO A 32 5.04 10.97 0.08
C PRO A 32 3.86 10.73 1.02
N LEU A 33 3.00 9.77 0.70
CA LEU A 33 1.84 9.49 1.54
C LEU A 33 2.12 8.44 2.61
N PHE A 34 2.62 7.28 2.21
CA PHE A 34 2.93 6.20 3.15
C PHE A 34 4.14 6.52 4.03
N GLU A 35 5.15 7.16 3.45
CA GLU A 35 6.35 7.52 4.20
C GLU A 35 6.01 8.47 5.34
N ALA A 36 5.05 9.35 5.08
CA ALA A 36 4.61 10.33 6.06
C ALA A 36 4.02 9.67 7.31
N CYS A 37 3.67 8.39 7.20
CA CYS A 37 3.09 7.68 8.35
C CYS A 37 4.14 6.76 8.99
N GLY A 38 5.09 6.31 8.17
CA GLY A 38 6.14 5.43 8.66
C GLY A 38 7.15 5.11 7.58
N GLU A 39 8.35 4.70 7.95
CA GLU A 39 9.38 4.39 6.97
C GLU A 39 9.03 3.17 6.13
N VAL A 40 9.40 3.23 4.86
CA VAL A 40 9.14 2.15 3.92
C VAL A 40 10.46 1.52 3.47
N VAL A 41 10.53 0.19 3.52
CA VAL A 41 11.74 -0.50 3.13
C VAL A 41 11.85 -0.56 1.60
N GLN A 42 10.74 -0.82 0.93
CA GLN A 42 10.72 -0.90 -0.52
C GLN A 42 9.31 -1.18 -1.07
N ILE A 43 9.04 -0.67 -2.26
CA ILE A 43 7.76 -0.86 -2.92
C ILE A 43 7.91 -1.83 -4.07
N ARG A 44 6.96 -2.77 -4.19
CA ARG A 44 7.04 -3.75 -5.27
C ARG A 44 5.86 -3.64 -6.22
N PRO A 45 5.95 -2.73 -7.22
CA PRO A 45 4.88 -2.54 -8.21
C PRO A 45 4.61 -3.83 -8.97
N ILE A 46 3.33 -4.11 -9.23
CA ILE A 46 2.97 -5.32 -9.96
C ILE A 46 3.22 -5.15 -11.46
N PHE A 47 4.08 -5.99 -12.00
CA PHE A 47 4.40 -5.93 -13.42
C PHE A 47 4.08 -7.25 -14.13
N SER A 48 3.34 -8.12 -13.44
CA SER A 48 2.95 -9.41 -14.00
C SER A 48 1.93 -9.24 -15.13
N ASN A 49 1.34 -8.06 -15.23
CA ASN A 49 0.35 -7.80 -16.28
C ASN A 49 0.95 -7.98 -17.67
N ARG A 50 0.23 -8.73 -18.51
CA ARG A 50 0.67 -9.00 -19.87
C ARG A 50 -0.03 -8.09 -20.88
N GLY A 51 -0.94 -7.24 -20.40
CA GLY A 51 -1.65 -6.35 -21.30
C GLY A 51 -1.60 -4.89 -20.85
N ASP A 52 -2.35 -4.58 -19.80
CA ASP A 52 -2.39 -3.22 -19.26
C ASP A 52 -2.04 -3.22 -17.78
N PHE A 53 -1.69 -2.04 -17.26
CA PHE A 53 -1.33 -1.91 -15.86
C PHE A 53 -2.54 -2.21 -14.98
N ARG A 54 -2.29 -2.83 -13.83
CA ARG A 54 -3.38 -3.18 -12.91
C ARG A 54 -3.64 -2.04 -11.92
N GLY A 55 -2.72 -1.08 -11.83
CA GLY A 55 -2.90 0.04 -10.92
C GLY A 55 -2.83 -0.39 -9.46
N TYR A 56 -2.10 -1.46 -9.20
CA TYR A 56 -1.97 -1.95 -7.84
C TYR A 56 -0.50 -2.23 -7.50
N CYS A 57 -0.15 -2.09 -6.22
CA CYS A 57 1.21 -2.33 -5.77
C CYS A 57 1.22 -2.73 -4.29
N TYR A 58 2.38 -3.18 -3.81
CA TYR A 58 2.53 -3.59 -2.42
C TYR A 58 3.59 -2.77 -1.72
N VAL A 59 3.40 -2.52 -0.43
CA VAL A 59 4.35 -1.74 0.36
C VAL A 59 4.69 -2.40 1.68
N GLU A 60 5.97 -2.34 2.02
CA GLU A 60 6.48 -2.92 3.25
C GLU A 60 7.11 -1.85 4.14
N PHE A 61 6.83 -1.91 5.43
CA PHE A 61 7.36 -0.95 6.39
C PHE A 61 8.34 -1.65 7.33
N LYS A 62 9.39 -0.95 7.73
CA LYS A 62 10.37 -1.53 8.63
C LYS A 62 9.79 -1.72 10.02
N GLU A 63 8.76 -0.93 10.34
CA GLU A 63 8.09 -0.99 11.63
C GLU A 63 6.60 -1.29 11.45
N GLU A 64 6.09 -2.22 12.25
CA GLU A 64 4.68 -2.61 12.19
C GLU A 64 3.76 -1.43 12.53
N LYS A 65 4.20 -0.61 13.48
CA LYS A 65 3.41 0.55 13.91
C LYS A 65 3.03 1.39 12.69
N SER A 66 3.89 1.39 11.69
CA SER A 66 3.65 2.15 10.47
C SER A 66 2.38 1.66 9.79
N ALA A 67 2.22 0.35 9.75
CA ALA A 67 1.06 -0.27 9.13
C ALA A 67 -0.18 0.01 9.95
N LEU A 68 0.00 0.02 11.26
CA LEU A 68 -1.10 0.28 12.17
C LEU A 68 -1.75 1.62 11.91
N GLN A 69 -0.96 2.69 11.84
CA GLN A 69 -1.50 4.02 11.57
C GLN A 69 -1.90 4.17 10.11
N ALA A 70 -1.27 3.39 9.24
CA ALA A 70 -1.55 3.43 7.82
C ALA A 70 -3.02 3.08 7.56
N LEU A 71 -3.60 2.28 8.47
CA LEU A 71 -4.99 1.87 8.35
C LEU A 71 -5.88 3.10 8.40
N GLU A 72 -5.50 4.01 9.27
CA GLU A 72 -6.21 5.26 9.48
C GLU A 72 -6.14 6.17 8.25
N MET A 73 -5.14 5.93 7.41
CA MET A 73 -4.96 6.73 6.20
C MET A 73 -5.88 6.24 5.08
N ASP A 74 -6.36 5.01 5.21
CA ASP A 74 -7.26 4.41 4.21
C ASP A 74 -8.39 5.35 3.82
N ARG A 75 -8.83 5.20 2.57
CA ARG A 75 -9.92 6.01 2.02
C ARG A 75 -9.47 7.42 1.66
N LYS A 76 -8.16 7.68 1.74
CA LYS A 76 -7.61 8.98 1.41
C LYS A 76 -7.86 9.33 -0.05
N SER A 77 -8.32 10.57 -0.30
CA SER A 77 -8.60 11.01 -1.66
C SER A 77 -7.33 11.52 -2.35
N VAL A 78 -6.98 10.88 -3.45
CA VAL A 78 -5.80 11.26 -4.23
C VAL A 78 -6.17 11.46 -5.69
N GLU A 79 -5.88 12.66 -6.21
CA GLU A 79 -6.18 12.98 -7.60
C GLU A 79 -7.68 12.79 -7.89
N GLY A 80 -8.49 12.98 -6.86
CA GLY A 80 -9.92 12.83 -7.00
C GLY A 80 -10.38 11.38 -6.94
N ARG A 81 -9.44 10.46 -6.75
CA ARG A 81 -9.76 9.04 -6.67
C ARG A 81 -9.34 8.50 -5.30
N PRO A 82 -10.26 7.92 -4.50
CA PRO A 82 -9.92 7.39 -3.18
C PRO A 82 -9.02 6.17 -3.25
N MET A 83 -8.12 6.05 -2.28
CA MET A 83 -7.20 4.92 -2.21
C MET A 83 -7.67 3.93 -1.15
N PHE A 84 -7.79 2.67 -1.52
CA PHE A 84 -8.23 1.64 -0.59
C PHE A 84 -7.05 0.85 -0.04
N VAL A 85 -6.88 0.95 1.28
CA VAL A 85 -5.81 0.25 1.98
C VAL A 85 -6.41 -0.68 3.04
N SER A 86 -5.98 -1.94 3.03
CA SER A 86 -6.48 -2.90 4.00
C SER A 86 -5.36 -3.75 4.58
N PRO A 87 -5.52 -4.25 5.83
CA PRO A 87 -4.49 -5.09 6.47
C PRO A 87 -4.24 -6.37 5.68
N CYS A 88 -2.98 -6.80 5.63
CA CYS A 88 -2.64 -8.02 4.92
C CYS A 88 -3.34 -9.21 5.55
N VAL A 89 -3.33 -9.26 6.88
CA VAL A 89 -3.98 -10.34 7.62
C VAL A 89 -5.12 -9.80 8.49
N ASP A 90 -6.21 -10.55 8.56
CA ASP A 90 -7.36 -10.15 9.34
C ASP A 90 -7.05 -10.24 10.83
N LYS A 91 -7.50 -9.24 11.59
CA LYS A 91 -7.27 -9.24 13.03
C LYS A 91 -8.28 -8.35 13.73
N SER A 92 -9.32 -8.96 14.28
CA SER A 92 -10.35 -8.21 14.99
C SER A 92 -10.13 -8.27 16.49
N LYS A 93 -9.63 -9.40 16.96
CA LYS A 93 -9.35 -9.58 18.38
C LYS A 93 -8.08 -8.88 18.80
N ASN A 94 -8.23 -7.76 19.50
CA ASN A 94 -7.08 -6.99 19.96
C ASN A 94 -6.10 -7.87 20.74
N HIS A 5 7.30 -14.63 1.99
CA HIS A 5 5.85 -14.87 2.20
C HIS A 5 5.57 -15.31 3.63
N ASP A 6 6.49 -14.99 4.54
CA ASP A 6 6.34 -15.37 5.94
C ASP A 6 5.24 -14.55 6.62
N SER A 7 4.67 -15.13 7.67
CA SER A 7 3.60 -14.49 8.43
C SER A 7 4.09 -13.17 9.04
N SER A 8 5.33 -13.16 9.49
CA SER A 8 5.92 -11.97 10.10
C SER A 8 5.84 -10.76 9.17
N LYS A 9 5.71 -11.02 7.88
CA LYS A 9 5.62 -9.94 6.89
C LYS A 9 4.19 -9.39 6.83
N ASP A 10 3.24 -10.23 7.22
CA ASP A 10 1.83 -9.87 7.21
C ASP A 10 1.56 -8.68 8.15
N SER A 11 2.20 -8.69 9.31
CA SER A 11 2.04 -7.63 10.30
C SER A 11 2.72 -6.32 9.85
N ILE A 12 3.50 -6.39 8.78
CA ILE A 12 4.20 -5.21 8.28
C ILE A 12 3.89 -4.94 6.80
N THR A 13 2.81 -5.53 6.31
CA THR A 13 2.41 -5.34 4.92
C THR A 13 0.99 -4.80 4.78
N VAL A 14 0.83 -3.89 3.83
CA VAL A 14 -0.45 -3.28 3.56
C VAL A 14 -0.65 -3.14 2.06
N PHE A 15 -1.65 -3.82 1.53
CA PHE A 15 -1.94 -3.78 0.11
C PHE A 15 -2.88 -2.62 -0.23
N VAL A 16 -2.53 -1.88 -1.27
CA VAL A 16 -3.33 -0.74 -1.70
C VAL A 16 -3.95 -0.97 -3.07
N SER A 17 -5.16 -0.47 -3.27
CA SER A 17 -5.87 -0.63 -4.53
C SER A 17 -6.74 0.59 -4.82
N ASN A 18 -7.37 0.61 -5.99
CA ASN A 18 -8.23 1.72 -6.40
C ASN A 18 -7.41 2.96 -6.73
N LEU A 19 -6.26 2.74 -7.37
CA LEU A 19 -5.38 3.84 -7.75
C LEU A 19 -5.42 4.06 -9.27
N PRO A 20 -5.16 5.29 -9.73
CA PRO A 20 -5.18 5.63 -11.16
C PRO A 20 -4.05 4.95 -11.92
N TYR A 21 -4.31 4.61 -13.18
CA TYR A 21 -3.31 3.96 -14.03
C TYR A 21 -2.36 4.97 -14.65
N SER A 22 -2.82 6.23 -14.75
CA SER A 22 -2.03 7.30 -15.34
C SER A 22 -0.66 7.41 -14.68
N MET A 23 -0.52 6.90 -13.46
CA MET A 23 0.76 6.96 -12.76
C MET A 23 1.69 5.86 -13.24
N GLN A 24 2.82 6.25 -13.80
CA GLN A 24 3.80 5.30 -14.29
C GLN A 24 4.52 4.57 -13.15
N GLU A 25 5.03 5.33 -12.19
CA GLU A 25 5.73 4.73 -11.05
C GLU A 25 4.91 4.87 -9.76
N PRO A 26 4.29 3.78 -9.27
CA PRO A 26 3.50 3.83 -8.04
C PRO A 26 4.35 3.91 -6.77
N ASP A 27 5.59 3.44 -6.88
CA ASP A 27 6.51 3.46 -5.74
C ASP A 27 6.88 4.88 -5.33
N THR A 28 6.93 5.78 -6.31
CA THR A 28 7.28 7.17 -6.03
C THR A 28 6.06 8.04 -5.78
N LYS A 29 4.93 7.71 -6.39
CA LYS A 29 3.70 8.49 -6.22
C LYS A 29 3.11 8.27 -4.83
N LEU A 30 3.23 7.05 -4.34
CA LEU A 30 2.72 6.68 -3.02
C LEU A 30 3.69 7.08 -1.92
N ARG A 31 4.97 7.19 -2.27
CA ARG A 31 6.01 7.57 -1.31
C ARG A 31 5.61 8.75 -0.41
N PRO A 32 5.20 9.90 -0.96
CA PRO A 32 4.80 11.05 -0.15
C PRO A 32 3.71 10.72 0.88
N LEU A 33 2.81 9.82 0.50
CA LEU A 33 1.72 9.41 1.39
C LEU A 33 2.12 8.40 2.46
N PHE A 34 2.75 7.30 2.06
CA PHE A 34 3.17 6.25 2.99
C PHE A 34 4.31 6.70 3.91
N GLU A 35 5.28 7.41 3.35
CA GLU A 35 6.41 7.89 4.13
C GLU A 35 5.94 8.82 5.24
N ALA A 36 4.89 9.57 4.97
CA ALA A 36 4.34 10.50 5.93
C ALA A 36 3.77 9.78 7.16
N CYS A 37 3.42 8.51 7.00
CA CYS A 37 2.88 7.72 8.10
C CYS A 37 3.94 6.82 8.72
N GLY A 38 4.91 6.41 7.90
CA GLY A 38 5.98 5.54 8.37
C GLY A 38 6.97 5.23 7.27
N GLU A 39 8.18 4.83 7.65
CA GLU A 39 9.21 4.51 6.67
C GLU A 39 8.90 3.24 5.90
N VAL A 40 9.30 3.25 4.63
CA VAL A 40 9.09 2.12 3.75
C VAL A 40 10.42 1.49 3.37
N VAL A 41 10.54 0.19 3.54
CA VAL A 41 11.77 -0.50 3.22
C VAL A 41 11.92 -0.69 1.71
N GLN A 42 10.80 -1.03 1.06
CA GLN A 42 10.80 -1.23 -0.38
C GLN A 42 9.39 -1.49 -0.91
N ILE A 43 9.14 -1.02 -2.12
CA ILE A 43 7.85 -1.20 -2.78
C ILE A 43 7.97 -2.16 -3.95
N ARG A 44 7.04 -3.10 -4.06
CA ARG A 44 7.07 -4.08 -5.14
C ARG A 44 5.95 -3.82 -6.14
N PRO A 45 6.21 -2.97 -7.16
CA PRO A 45 5.21 -2.65 -8.20
C PRO A 45 4.96 -3.82 -9.13
N ILE A 46 3.71 -3.94 -9.59
CA ILE A 46 3.35 -5.04 -10.50
C ILE A 46 3.57 -4.66 -11.97
N PHE A 47 4.69 -5.12 -12.52
CA PHE A 47 5.02 -4.85 -13.91
C PHE A 47 4.85 -6.09 -14.78
N SER A 48 4.23 -7.13 -14.21
CA SER A 48 4.00 -8.38 -14.93
C SER A 48 2.86 -8.24 -15.95
N ASN A 49 2.14 -7.12 -15.88
CA ASN A 49 1.03 -6.88 -16.81
C ASN A 49 1.52 -6.89 -18.25
N ARG A 50 0.74 -7.51 -19.12
CA ARG A 50 1.08 -7.59 -20.54
C ARG A 50 0.37 -6.50 -21.34
N GLY A 51 -0.47 -5.70 -20.67
CA GLY A 51 -1.19 -4.65 -21.36
C GLY A 51 -1.05 -3.31 -20.66
N ASP A 52 -1.84 -3.13 -19.61
CA ASP A 52 -1.81 -1.88 -18.84
C ASP A 52 -1.55 -2.14 -17.36
N PHE A 53 -1.15 -1.09 -16.64
CA PHE A 53 -0.89 -1.21 -15.22
C PHE A 53 -2.08 -1.80 -14.50
N ARG A 54 -1.81 -2.60 -13.47
CA ARG A 54 -2.88 -3.24 -12.69
C ARG A 54 -3.58 -2.23 -11.79
N GLY A 55 -2.90 -1.14 -11.48
CA GLY A 55 -3.47 -0.13 -10.62
C GLY A 55 -3.33 -0.42 -9.14
N TYR A 56 -2.44 -1.35 -8.79
CA TYR A 56 -2.24 -1.69 -7.39
C TYR A 56 -0.79 -2.06 -7.12
N CYS A 57 -0.39 -1.98 -5.85
CA CYS A 57 0.98 -2.31 -5.46
C CYS A 57 1.03 -2.68 -3.99
N TYR A 58 2.15 -3.23 -3.54
CA TYR A 58 2.30 -3.63 -2.15
C TYR A 58 3.43 -2.84 -1.50
N VAL A 59 3.23 -2.44 -0.25
CA VAL A 59 4.23 -1.67 0.48
C VAL A 59 4.59 -2.33 1.80
N GLU A 60 5.88 -2.43 2.05
CA GLU A 60 6.39 -3.03 3.27
C GLU A 60 7.09 -1.98 4.14
N PHE A 61 6.82 -2.02 5.44
CA PHE A 61 7.42 -1.07 6.38
C PHE A 61 8.44 -1.80 7.26
N LYS A 62 9.53 -1.13 7.57
CA LYS A 62 10.56 -1.75 8.41
C LYS A 62 10.05 -1.93 9.83
N GLU A 63 9.07 -1.11 10.22
CA GLU A 63 8.48 -1.19 11.54
C GLU A 63 6.97 -1.42 11.46
N GLU A 64 6.45 -2.26 12.36
CA GLU A 64 5.04 -2.60 12.41
C GLU A 64 4.15 -1.38 12.67
N LYS A 65 4.62 -0.48 13.53
CA LYS A 65 3.86 0.73 13.88
C LYS A 65 3.43 1.49 12.63
N SER A 66 4.28 1.45 11.62
CA SER A 66 4.00 2.13 10.36
C SER A 66 2.70 1.61 9.74
N ALA A 67 2.52 0.30 9.81
CA ALA A 67 1.34 -0.33 9.25
C ALA A 67 0.13 -0.09 10.13
N LEU A 68 0.37 0.08 11.42
CA LEU A 68 -0.70 0.31 12.36
C LEU A 68 -1.47 1.59 12.03
N GLN A 69 -0.75 2.70 11.90
CA GLN A 69 -1.38 3.97 11.56
C GLN A 69 -1.78 4.04 10.09
N ALA A 70 -1.13 3.22 9.27
CA ALA A 70 -1.43 3.20 7.85
C ALA A 70 -2.89 2.79 7.61
N LEU A 71 -3.43 2.01 8.53
CA LEU A 71 -4.81 1.55 8.44
C LEU A 71 -5.74 2.74 8.47
N GLU A 72 -5.38 3.70 9.31
CA GLU A 72 -6.16 4.91 9.49
C GLU A 72 -6.17 5.77 8.22
N MET A 73 -5.24 5.50 7.31
CA MET A 73 -5.16 6.25 6.06
C MET A 73 -6.18 5.75 5.02
N ASP A 74 -6.75 4.58 5.28
CA ASP A 74 -7.73 4.02 4.34
C ASP A 74 -8.90 4.97 4.13
N ARG A 75 -9.48 4.93 2.94
CA ARG A 75 -10.61 5.77 2.57
C ARG A 75 -10.16 7.23 2.31
N LYS A 76 -8.86 7.51 2.44
CA LYS A 76 -8.35 8.85 2.22
C LYS A 76 -8.55 9.28 0.76
N SER A 77 -8.98 10.51 0.55
CA SER A 77 -9.20 11.02 -0.80
C SER A 77 -7.89 11.45 -1.45
N VAL A 78 -7.51 10.74 -2.50
CA VAL A 78 -6.28 11.04 -3.23
C VAL A 78 -6.57 11.22 -4.72
N GLU A 79 -6.16 12.35 -5.27
CA GLU A 79 -6.38 12.65 -6.69
C GLU A 79 -7.87 12.63 -7.00
N GLY A 80 -8.66 12.97 -6.00
CA GLY A 80 -10.10 13.00 -6.16
C GLY A 80 -10.74 11.62 -6.10
N ARG A 81 -9.92 10.59 -5.87
CA ARG A 81 -10.42 9.23 -5.77
C ARG A 81 -9.94 8.57 -4.48
N PRO A 82 -10.85 8.09 -3.60
CA PRO A 82 -10.46 7.46 -2.33
C PRO A 82 -9.53 6.26 -2.53
N MET A 83 -8.58 6.11 -1.61
CA MET A 83 -7.63 5.01 -1.67
C MET A 83 -8.12 3.83 -0.84
N PHE A 84 -8.40 2.71 -1.49
CA PHE A 84 -8.88 1.53 -0.79
C PHE A 84 -7.73 0.74 -0.19
N VAL A 85 -7.63 0.79 1.14
CA VAL A 85 -6.58 0.08 1.86
C VAL A 85 -7.19 -0.91 2.85
N SER A 86 -6.72 -2.15 2.81
CA SER A 86 -7.22 -3.19 3.71
C SER A 86 -6.06 -3.94 4.36
N PRO A 87 -6.12 -4.23 5.67
CA PRO A 87 -5.04 -4.94 6.36
C PRO A 87 -4.70 -6.26 5.67
N CYS A 88 -3.42 -6.54 5.54
CA CYS A 88 -2.96 -7.78 4.90
C CYS A 88 -3.47 -8.98 5.69
N VAL A 89 -3.34 -8.90 7.01
CA VAL A 89 -3.77 -9.97 7.89
C VAL A 89 -5.29 -10.02 8.00
N ASP A 90 -5.83 -11.19 8.28
CA ASP A 90 -7.26 -11.37 8.41
C ASP A 90 -7.77 -10.78 9.73
N LYS A 91 -8.84 -9.98 9.61
CA LYS A 91 -9.46 -9.32 10.78
C LYS A 91 -9.50 -10.25 11.99
N SER A 92 -8.53 -10.07 12.89
CA SER A 92 -8.44 -10.88 14.10
C SER A 92 -8.61 -10.03 15.36
N LYS A 93 -8.70 -10.70 16.49
CA LYS A 93 -8.87 -10.01 17.77
C LYS A 93 -7.69 -9.10 18.06
N ASN A 94 -6.48 -9.56 17.73
CA ASN A 94 -5.27 -8.78 17.95
C ASN A 94 -5.32 -7.47 17.18
N HIS A 5 7.71 -14.84 1.30
CA HIS A 5 7.12 -16.18 1.55
C HIS A 5 6.73 -16.34 3.01
N ASP A 6 7.64 -15.98 3.91
CA ASP A 6 7.38 -16.09 5.34
C ASP A 6 6.22 -15.20 5.77
N SER A 7 5.44 -15.69 6.73
CA SER A 7 4.30 -14.95 7.25
C SER A 7 4.74 -13.78 8.13
N SER A 8 6.04 -13.68 8.41
CA SER A 8 6.57 -12.61 9.24
C SER A 8 6.31 -11.24 8.60
N LYS A 9 6.09 -11.22 7.29
CA LYS A 9 5.82 -9.97 6.58
C LYS A 9 4.34 -9.62 6.63
N ASP A 10 3.52 -10.56 7.08
CA ASP A 10 2.07 -10.36 7.17
C ASP A 10 1.73 -9.25 8.17
N SER A 11 2.47 -9.22 9.27
CA SER A 11 2.25 -8.21 10.31
C SER A 11 2.84 -6.86 9.93
N ILE A 12 3.47 -6.77 8.77
CA ILE A 12 4.06 -5.51 8.31
C ILE A 12 3.75 -5.21 6.85
N THR A 13 2.70 -5.85 6.32
CA THR A 13 2.31 -5.65 4.93
C THR A 13 0.87 -5.19 4.78
N VAL A 14 0.66 -4.34 3.79
CA VAL A 14 -0.67 -3.82 3.50
C VAL A 14 -0.85 -3.73 1.99
N PHE A 15 -1.80 -4.48 1.47
CA PHE A 15 -2.07 -4.46 0.04
C PHE A 15 -2.93 -3.27 -0.34
N VAL A 16 -2.55 -2.59 -1.42
CA VAL A 16 -3.29 -1.44 -1.90
C VAL A 16 -3.84 -1.66 -3.31
N SER A 17 -5.01 -1.10 -3.55
CA SER A 17 -5.68 -1.22 -4.84
C SER A 17 -6.61 -0.03 -5.06
N ASN A 18 -7.20 0.04 -6.26
CA ASN A 18 -8.12 1.13 -6.60
C ASN A 18 -7.37 2.43 -6.86
N LEU A 19 -6.18 2.32 -7.45
CA LEU A 19 -5.36 3.48 -7.75
C LEU A 19 -5.50 3.84 -9.24
N PRO A 20 -5.33 5.12 -9.59
CA PRO A 20 -5.42 5.57 -10.98
C PRO A 20 -4.32 4.97 -11.84
N TYR A 21 -4.68 4.55 -13.04
CA TYR A 21 -3.73 3.96 -13.98
C TYR A 21 -2.81 5.03 -14.57
N SER A 22 -3.31 6.26 -14.65
CA SER A 22 -2.56 7.38 -15.20
C SER A 22 -1.20 7.57 -14.52
N MET A 23 -1.04 7.07 -13.30
CA MET A 23 0.23 7.24 -12.61
C MET A 23 1.28 6.28 -13.15
N GLN A 24 2.37 6.84 -13.66
CA GLN A 24 3.46 6.06 -14.22
C GLN A 24 4.15 5.20 -13.15
N GLU A 25 4.75 5.84 -12.15
CA GLU A 25 5.44 5.13 -11.07
C GLU A 25 4.68 5.23 -9.75
N PRO A 26 4.03 4.15 -9.27
CA PRO A 26 3.29 4.17 -8.00
C PRO A 26 4.22 4.24 -6.80
N ASP A 27 5.47 3.83 -6.99
CA ASP A 27 6.48 3.84 -5.94
C ASP A 27 6.78 5.26 -5.44
N THR A 28 6.87 6.20 -6.37
CA THR A 28 7.16 7.59 -6.02
C THR A 28 5.93 8.41 -5.66
N LYS A 29 4.80 8.18 -6.33
CA LYS A 29 3.59 8.93 -6.05
C LYS A 29 3.04 8.65 -4.65
N LEU A 30 3.09 7.39 -4.25
CA LEU A 30 2.60 7.00 -2.94
C LEU A 30 3.64 7.26 -1.86
N ARG A 31 4.91 7.38 -2.27
CA ARG A 31 6.00 7.63 -1.33
C ARG A 31 5.66 8.75 -0.33
N PRO A 32 5.24 9.95 -0.79
CA PRO A 32 4.91 11.05 0.13
C PRO A 32 3.75 10.74 1.07
N LEU A 33 2.89 9.81 0.68
CA LEU A 33 1.75 9.46 1.51
C LEU A 33 2.11 8.43 2.59
N PHE A 34 2.72 7.32 2.18
CA PHE A 34 3.09 6.27 3.12
C PHE A 34 4.26 6.68 4.01
N GLU A 35 5.26 7.36 3.44
CA GLU A 35 6.42 7.79 4.21
C GLU A 35 6.04 8.80 5.28
N ALA A 36 5.09 9.66 4.95
CA ALA A 36 4.63 10.68 5.87
C ALA A 36 3.94 10.07 7.09
N CYS A 37 3.55 8.79 6.98
CA CYS A 37 2.88 8.09 8.09
C CYS A 37 3.83 7.09 8.75
N GLY A 38 4.72 6.51 7.95
CA GLY A 38 5.68 5.55 8.45
C GLY A 38 6.69 5.15 7.39
N GLU A 39 7.87 4.69 7.80
CA GLU A 39 8.91 4.31 6.86
C GLU A 39 8.55 3.06 6.06
N VAL A 40 8.94 3.08 4.78
CA VAL A 40 8.68 1.98 3.88
C VAL A 40 9.99 1.34 3.46
N VAL A 41 10.09 0.03 3.63
CA VAL A 41 11.32 -0.68 3.26
C VAL A 41 11.46 -0.74 1.74
N GLN A 42 10.36 -1.09 1.07
CA GLN A 42 10.35 -1.19 -0.38
C GLN A 42 8.95 -1.49 -0.94
N ILE A 43 8.73 -1.07 -2.19
CA ILE A 43 7.45 -1.28 -2.86
C ILE A 43 7.69 -2.11 -4.13
N ARG A 44 6.84 -3.09 -4.38
CA ARG A 44 6.99 -3.93 -5.56
C ARG A 44 5.83 -3.80 -6.52
N PRO A 45 5.87 -2.80 -7.42
CA PRO A 45 4.80 -2.60 -8.42
C PRO A 45 4.64 -3.86 -9.26
N ILE A 46 3.40 -4.19 -9.62
CA ILE A 46 3.14 -5.38 -10.42
C ILE A 46 3.35 -5.13 -11.92
N PHE A 47 4.34 -5.80 -12.48
CA PHE A 47 4.65 -5.68 -13.90
C PHE A 47 4.36 -6.97 -14.65
N SER A 48 3.67 -7.91 -13.99
CA SER A 48 3.33 -9.19 -14.60
C SER A 48 2.30 -9.02 -15.71
N ASN A 49 1.64 -7.86 -15.75
CA ASN A 49 0.64 -7.60 -16.77
C ASN A 49 1.26 -7.60 -18.17
N ARG A 50 0.73 -8.47 -19.03
CA ARG A 50 1.22 -8.59 -20.40
C ARG A 50 0.40 -7.71 -21.36
N GLY A 51 -0.61 -7.03 -20.82
CA GLY A 51 -1.46 -6.18 -21.64
C GLY A 51 -1.64 -4.81 -21.03
N ASP A 52 -2.58 -4.71 -20.10
CA ASP A 52 -2.87 -3.45 -19.43
C ASP A 52 -2.44 -3.49 -17.96
N PHE A 53 -2.07 -2.33 -17.42
CA PHE A 53 -1.64 -2.25 -16.03
C PHE A 53 -2.76 -2.67 -15.09
N ARG A 54 -2.40 -3.23 -13.93
CA ARG A 54 -3.39 -3.67 -12.96
C ARG A 54 -3.72 -2.55 -11.97
N GLY A 55 -2.79 -1.62 -11.80
CA GLY A 55 -3.02 -0.52 -10.88
C GLY A 55 -2.99 -0.96 -9.42
N TYR A 56 -2.27 -2.04 -9.14
CA TYR A 56 -2.18 -2.55 -7.78
C TYR A 56 -0.72 -2.77 -7.37
N CYS A 57 -0.43 -2.63 -6.08
CA CYS A 57 0.94 -2.81 -5.58
C CYS A 57 0.94 -3.20 -4.10
N TYR A 58 2.10 -3.58 -3.61
CA TYR A 58 2.26 -3.98 -2.21
C TYR A 58 3.30 -3.10 -1.52
N VAL A 59 3.06 -2.78 -0.25
CA VAL A 59 4.00 -1.95 0.49
C VAL A 59 4.39 -2.58 1.83
N GLU A 60 5.68 -2.59 2.09
CA GLU A 60 6.22 -3.16 3.31
C GLU A 60 6.83 -2.08 4.20
N PHE A 61 6.57 -2.17 5.50
CA PHE A 61 7.09 -1.21 6.47
C PHE A 61 8.15 -1.86 7.36
N LYS A 62 9.17 -1.10 7.72
CA LYS A 62 10.23 -1.63 8.57
C LYS A 62 9.73 -1.86 9.99
N GLU A 63 8.71 -1.09 10.36
CA GLU A 63 8.11 -1.21 11.70
C GLU A 63 6.61 -1.41 11.61
N GLU A 64 6.05 -2.15 12.57
CA GLU A 64 4.62 -2.43 12.60
C GLU A 64 3.80 -1.17 12.86
N LYS A 65 4.35 -0.28 13.68
CA LYS A 65 3.66 0.96 14.03
C LYS A 65 3.23 1.71 12.78
N SER A 66 4.07 1.67 11.77
CA SER A 66 3.79 2.34 10.51
C SER A 66 2.52 1.77 9.89
N ALA A 67 2.33 0.47 10.06
CA ALA A 67 1.18 -0.22 9.51
C ALA A 67 -0.10 0.29 10.15
N LEU A 68 -0.03 0.52 11.46
CA LEU A 68 -1.18 0.99 12.22
C LEU A 68 -1.74 2.31 11.66
N GLN A 69 -0.89 3.31 11.45
CA GLN A 69 -1.37 4.59 10.93
C GLN A 69 -1.73 4.46 9.44
N ALA A 70 -1.09 3.52 8.75
CA ALA A 70 -1.35 3.30 7.34
C ALA A 70 -2.82 2.91 7.10
N LEU A 71 -3.35 2.07 8.00
CA LEU A 71 -4.74 1.62 7.88
C LEU A 71 -5.67 2.80 8.04
N GLU A 72 -5.30 3.68 8.95
CA GLU A 72 -6.06 4.88 9.25
C GLU A 72 -6.05 5.87 8.08
N MET A 73 -5.00 5.81 7.27
CA MET A 73 -4.86 6.72 6.12
C MET A 73 -5.80 6.32 4.98
N ASP A 74 -6.23 5.06 4.98
CA ASP A 74 -7.12 4.56 3.93
C ASP A 74 -8.28 5.51 3.66
N ARG A 75 -8.84 5.39 2.45
CA ARG A 75 -9.97 6.21 2.01
C ARG A 75 -9.50 7.59 1.55
N LYS A 76 -8.21 7.88 1.68
CA LYS A 76 -7.67 9.18 1.27
C LYS A 76 -7.79 9.37 -0.24
N SER A 77 -8.23 10.55 -0.65
CA SER A 77 -8.39 10.85 -2.06
C SER A 77 -7.07 11.27 -2.69
N VAL A 78 -6.64 10.52 -3.70
CA VAL A 78 -5.40 10.80 -4.40
C VAL A 78 -5.66 10.90 -5.91
N GLU A 79 -5.27 12.03 -6.49
CA GLU A 79 -5.46 12.26 -7.92
C GLU A 79 -6.94 12.18 -8.27
N GLY A 80 -7.78 12.49 -7.29
CA GLY A 80 -9.22 12.45 -7.50
C GLY A 80 -9.80 11.06 -7.38
N ARG A 81 -8.96 10.06 -7.13
CA ARG A 81 -9.42 8.68 -6.99
C ARG A 81 -9.11 8.15 -5.57
N PRO A 82 -10.13 7.77 -4.78
CA PRO A 82 -9.90 7.25 -3.42
C PRO A 82 -9.03 5.99 -3.40
N MET A 83 -8.18 5.88 -2.38
CA MET A 83 -7.30 4.74 -2.23
C MET A 83 -7.77 3.86 -1.09
N PHE A 84 -7.84 2.55 -1.33
CA PHE A 84 -8.30 1.62 -0.29
C PHE A 84 -7.14 0.77 0.23
N VAL A 85 -6.88 0.89 1.52
CA VAL A 85 -5.80 0.14 2.17
C VAL A 85 -6.33 -0.70 3.31
N SER A 86 -6.04 -2.00 3.28
CA SER A 86 -6.49 -2.91 4.33
C SER A 86 -5.31 -3.73 4.86
N PRO A 87 -5.39 -4.17 6.13
CA PRO A 87 -4.32 -4.96 6.74
C PRO A 87 -4.23 -6.37 6.17
N CYS A 88 -3.01 -6.88 6.05
CA CYS A 88 -2.80 -8.22 5.51
C CYS A 88 -3.47 -9.26 6.40
N VAL A 89 -3.29 -9.10 7.72
CA VAL A 89 -3.87 -10.02 8.68
C VAL A 89 -4.88 -9.31 9.58
N ASP A 90 -5.94 -10.02 9.93
CA ASP A 90 -6.99 -9.45 10.79
C ASP A 90 -6.57 -9.49 12.25
N LYS A 91 -6.97 -8.48 13.00
CA LYS A 91 -6.63 -8.42 14.41
C LYS A 91 -7.45 -7.34 15.11
N SER A 92 -8.52 -7.77 15.77
CA SER A 92 -9.39 -6.84 16.49
C SER A 92 -9.88 -7.47 17.80
N LYS A 93 -10.22 -8.75 17.75
CA LYS A 93 -10.71 -9.46 18.92
C LYS A 93 -9.59 -9.66 19.95
N ASN A 94 -9.98 -9.69 21.22
CA ASN A 94 -9.03 -9.87 22.31
C ASN A 94 -8.21 -11.15 22.11
N HIS A 5 1.64 -17.60 1.23
CA HIS A 5 2.10 -16.22 1.48
C HIS A 5 3.19 -16.18 2.55
N ASP A 6 3.77 -15.00 2.76
CA ASP A 6 4.83 -14.84 3.75
C ASP A 6 4.26 -14.33 5.06
N SER A 7 4.25 -15.20 6.07
CA SER A 7 3.73 -14.82 7.39
C SER A 7 4.61 -13.77 8.04
N SER A 8 5.91 -13.86 7.80
CA SER A 8 6.87 -12.91 8.36
C SER A 8 6.60 -11.49 7.87
N LYS A 9 6.30 -11.35 6.58
CA LYS A 9 6.03 -10.05 6.00
C LYS A 9 4.55 -9.67 6.11
N ASP A 10 3.71 -10.65 6.48
CA ASP A 10 2.28 -10.42 6.62
C ASP A 10 1.99 -9.39 7.70
N SER A 11 2.73 -9.47 8.80
CA SER A 11 2.56 -8.55 9.92
C SER A 11 3.13 -7.15 9.64
N ILE A 12 3.68 -6.96 8.44
CA ILE A 12 4.26 -5.66 8.08
C ILE A 12 3.91 -5.27 6.64
N THR A 13 2.89 -5.91 6.08
CA THR A 13 2.48 -5.61 4.71
C THR A 13 1.05 -5.14 4.61
N VAL A 14 0.82 -4.22 3.69
CA VAL A 14 -0.50 -3.66 3.45
C VAL A 14 -0.72 -3.52 1.95
N PHE A 15 -1.71 -4.23 1.43
CA PHE A 15 -2.03 -4.17 0.01
C PHE A 15 -2.89 -2.96 -0.32
N VAL A 16 -2.54 -2.26 -1.38
CA VAL A 16 -3.27 -1.08 -1.81
C VAL A 16 -3.88 -1.26 -3.20
N SER A 17 -5.06 -0.69 -3.39
CA SER A 17 -5.77 -0.77 -4.66
C SER A 17 -6.39 0.58 -5.02
N ASN A 18 -6.99 0.66 -6.21
CA ASN A 18 -7.62 1.89 -6.67
C ASN A 18 -6.58 2.99 -6.84
N LEU A 19 -5.43 2.64 -7.42
CA LEU A 19 -4.36 3.59 -7.66
C LEU A 19 -4.43 4.11 -9.10
N PRO A 20 -4.48 5.44 -9.32
CA PRO A 20 -4.55 6.00 -10.68
C PRO A 20 -3.45 5.45 -11.59
N TYR A 21 -3.84 5.08 -12.81
CA TYR A 21 -2.91 4.52 -13.79
C TYR A 21 -2.00 5.60 -14.36
N SER A 22 -2.50 6.84 -14.40
CA SER A 22 -1.74 7.97 -14.93
C SER A 22 -0.37 8.08 -14.28
N MET A 23 -0.20 7.50 -13.10
CA MET A 23 1.09 7.55 -12.42
C MET A 23 2.01 6.46 -12.95
N GLN A 24 3.16 6.89 -13.45
CA GLN A 24 4.15 5.95 -13.99
C GLN A 24 4.77 5.08 -12.91
N GLU A 25 5.28 5.69 -11.85
CA GLU A 25 5.89 4.95 -10.75
C GLU A 25 5.02 5.04 -9.48
N PRO A 26 4.31 3.95 -9.10
CA PRO A 26 3.47 3.96 -7.90
C PRO A 26 4.28 4.00 -6.61
N ASP A 27 5.50 3.48 -6.64
CA ASP A 27 6.34 3.47 -5.45
C ASP A 27 6.80 4.88 -5.12
N THR A 28 7.09 5.65 -6.16
CA THR A 28 7.54 7.03 -6.01
C THR A 28 6.41 7.98 -5.63
N LYS A 29 5.25 7.82 -6.27
CA LYS A 29 4.08 8.67 -6.02
C LYS A 29 3.41 8.40 -4.68
N LEU A 30 3.50 7.16 -4.19
CA LEU A 30 2.89 6.82 -2.91
C LEU A 30 3.76 7.19 -1.72
N ARG A 31 5.08 7.12 -1.89
CA ARG A 31 6.03 7.43 -0.83
C ARG A 31 5.65 8.69 -0.04
N PRO A 32 5.29 9.81 -0.69
CA PRO A 32 4.93 11.03 0.04
C PRO A 32 3.79 10.80 1.04
N LEU A 33 2.93 9.83 0.72
CA LEU A 33 1.79 9.50 1.59
C LEU A 33 2.13 8.44 2.65
N PHE A 34 2.69 7.32 2.21
CA PHE A 34 3.05 6.24 3.13
C PHE A 34 4.18 6.62 4.07
N GLU A 35 5.18 7.31 3.54
CA GLU A 35 6.33 7.74 4.34
C GLU A 35 5.89 8.65 5.47
N ALA A 36 4.89 9.48 5.20
CA ALA A 36 4.38 10.41 6.19
C ALA A 36 3.74 9.66 7.37
N CYS A 37 3.32 8.43 7.11
CA CYS A 37 2.69 7.61 8.15
C CYS A 37 3.70 6.67 8.80
N GLY A 38 4.66 6.21 7.99
CA GLY A 38 5.69 5.32 8.48
C GLY A 38 6.70 5.01 7.39
N GLU A 39 7.91 4.57 7.77
CA GLU A 39 8.94 4.26 6.80
C GLU A 39 8.62 3.01 5.99
N VAL A 40 9.05 3.04 4.72
CA VAL A 40 8.83 1.94 3.79
C VAL A 40 10.16 1.32 3.40
N VAL A 41 10.28 0.00 3.54
CA VAL A 41 11.51 -0.69 3.19
C VAL A 41 11.68 -0.74 1.68
N GLN A 42 10.60 -1.14 1.00
CA GLN A 42 10.61 -1.25 -0.45
C GLN A 42 9.21 -1.52 -1.02
N ILE A 43 9.00 -1.09 -2.25
CA ILE A 43 7.73 -1.27 -2.93
C ILE A 43 7.93 -2.08 -4.21
N ARG A 44 7.07 -3.06 -4.45
CA ARG A 44 7.20 -3.89 -5.64
C ARG A 44 5.99 -3.73 -6.57
N PRO A 45 6.05 -2.71 -7.46
CA PRO A 45 4.97 -2.47 -8.42
C PRO A 45 4.66 -3.71 -9.25
N ILE A 46 3.39 -3.94 -9.55
CA ILE A 46 3.00 -5.10 -10.33
C ILE A 46 3.38 -4.93 -11.80
N PHE A 47 4.15 -5.89 -12.32
CA PHE A 47 4.59 -5.85 -13.72
C PHE A 47 4.17 -7.12 -14.46
N SER A 48 3.45 -8.02 -13.79
CA SER A 48 2.99 -9.25 -14.40
C SER A 48 1.99 -8.98 -15.53
N ASN A 49 1.40 -7.79 -15.52
CA ASN A 49 0.44 -7.42 -16.55
C ASN A 49 1.07 -7.42 -17.94
N ARG A 50 0.53 -8.25 -18.82
CA ARG A 50 1.02 -8.37 -20.19
C ARG A 50 0.22 -7.49 -21.15
N GLY A 51 -0.78 -6.78 -20.63
CA GLY A 51 -1.60 -5.93 -21.47
C GLY A 51 -1.72 -4.53 -20.90
N ASP A 52 -2.51 -4.39 -19.85
CA ASP A 52 -2.72 -3.10 -19.20
C ASP A 52 -2.39 -3.18 -17.72
N PHE A 53 -2.04 -2.04 -17.13
CA PHE A 53 -1.70 -1.98 -15.71
C PHE A 53 -2.92 -2.32 -14.85
N ARG A 54 -2.68 -2.95 -13.71
CA ARG A 54 -3.76 -3.33 -12.81
C ARG A 54 -4.06 -2.21 -11.81
N GLY A 55 -3.15 -1.25 -11.69
CA GLY A 55 -3.35 -0.16 -10.76
C GLY A 55 -3.25 -0.60 -9.31
N TYR A 56 -2.50 -1.67 -9.06
CA TYR A 56 -2.34 -2.19 -7.71
C TYR A 56 -0.86 -2.42 -7.39
N CYS A 57 -0.50 -2.28 -6.11
CA CYS A 57 0.87 -2.47 -5.68
C CYS A 57 0.92 -2.89 -4.21
N TYR A 58 2.09 -3.32 -3.76
CA TYR A 58 2.26 -3.75 -2.37
C TYR A 58 3.34 -2.92 -1.69
N VAL A 59 3.13 -2.58 -0.42
CA VAL A 59 4.08 -1.78 0.33
C VAL A 59 4.46 -2.44 1.65
N GLU A 60 5.76 -2.52 1.91
CA GLU A 60 6.27 -3.13 3.13
C GLU A 60 6.93 -2.07 4.02
N PHE A 61 6.63 -2.12 5.31
CA PHE A 61 7.19 -1.17 6.26
C PHE A 61 8.22 -1.87 7.15
N LYS A 62 9.24 -1.13 7.56
CA LYS A 62 10.28 -1.69 8.42
C LYS A 62 9.74 -1.99 9.81
N GLU A 63 8.71 -1.25 10.21
CA GLU A 63 8.09 -1.44 11.52
C GLU A 63 6.57 -1.61 11.40
N GLU A 64 6.01 -2.41 12.31
CA GLU A 64 4.57 -2.66 12.33
C GLU A 64 3.76 -1.40 12.60
N LYS A 65 4.29 -0.53 13.46
CA LYS A 65 3.61 0.72 13.82
C LYS A 65 3.22 1.47 12.55
N SER A 66 4.06 1.36 11.54
CA SER A 66 3.83 2.02 10.27
C SER A 66 2.51 1.54 9.68
N ALA A 67 2.27 0.24 9.79
CA ALA A 67 1.06 -0.36 9.27
C ALA A 67 -0.13 -0.01 10.14
N LEU A 68 0.14 0.14 11.43
CA LEU A 68 -0.92 0.47 12.38
C LEU A 68 -1.59 1.79 12.01
N GLN A 69 -0.79 2.84 11.84
CA GLN A 69 -1.33 4.15 11.48
C GLN A 69 -1.74 4.17 10.01
N ALA A 70 -1.16 3.27 9.22
CA ALA A 70 -1.48 3.17 7.80
C ALA A 70 -2.96 2.88 7.58
N LEU A 71 -3.54 2.11 8.48
CA LEU A 71 -4.95 1.74 8.38
C LEU A 71 -5.82 3.00 8.41
N GLU A 72 -5.40 3.93 9.25
CA GLU A 72 -6.08 5.20 9.44
C GLU A 72 -6.06 6.06 8.18
N MET A 73 -5.11 5.79 7.27
CA MET A 73 -5.02 6.57 6.03
C MET A 73 -6.00 6.07 4.99
N ASP A 74 -6.58 4.90 5.21
CA ASP A 74 -7.54 4.34 4.26
C ASP A 74 -8.65 5.32 3.93
N ARG A 75 -9.14 5.23 2.69
CA ARG A 75 -10.22 6.10 2.20
C ARG A 75 -9.74 7.53 1.93
N LYS A 76 -8.46 7.79 2.12
CA LYS A 76 -7.91 9.13 1.88
C LYS A 76 -8.05 9.51 0.41
N SER A 77 -8.41 10.76 0.15
CA SER A 77 -8.58 11.23 -1.22
C SER A 77 -7.24 11.64 -1.83
N VAL A 78 -6.86 10.94 -2.89
CA VAL A 78 -5.61 11.21 -3.59
C VAL A 78 -5.87 11.38 -5.09
N GLU A 79 -5.38 12.49 -5.66
CA GLU A 79 -5.56 12.77 -7.07
C GLU A 79 -7.04 12.84 -7.42
N GLY A 80 -7.83 13.25 -6.46
CA GLY A 80 -9.26 13.36 -6.67
C GLY A 80 -9.98 12.02 -6.56
N ARG A 81 -9.23 10.95 -6.29
CA ARG A 81 -9.81 9.62 -6.17
C ARG A 81 -9.34 8.97 -4.87
N PRO A 82 -10.24 8.35 -4.09
CA PRO A 82 -9.88 7.70 -2.82
C PRO A 82 -9.03 6.44 -3.00
N MET A 83 -8.15 6.19 -2.04
CA MET A 83 -7.28 5.02 -2.07
C MET A 83 -7.71 4.03 -1.00
N PHE A 84 -7.82 2.76 -1.38
CA PHE A 84 -8.23 1.72 -0.45
C PHE A 84 -7.03 1.03 0.20
N VAL A 85 -7.05 0.98 1.52
CA VAL A 85 -5.99 0.35 2.29
C VAL A 85 -6.57 -0.70 3.24
N SER A 86 -6.01 -1.92 3.17
CA SER A 86 -6.49 -3.01 4.02
C SER A 86 -5.31 -3.79 4.61
N PRO A 87 -5.51 -4.40 5.79
CA PRO A 87 -4.45 -5.19 6.44
C PRO A 87 -4.22 -6.54 5.77
N CYS A 88 -2.97 -6.97 5.72
CA CYS A 88 -2.62 -8.24 5.11
C CYS A 88 -3.28 -9.40 5.86
N VAL A 89 -3.21 -9.34 7.19
CA VAL A 89 -3.79 -10.38 8.04
C VAL A 89 -4.79 -9.79 9.03
N ASP A 90 -5.82 -10.56 9.35
CA ASP A 90 -6.85 -10.12 10.29
C ASP A 90 -6.47 -10.50 11.72
N LYS A 91 -6.93 -9.71 12.68
CA LYS A 91 -6.64 -9.98 14.09
C LYS A 91 -6.95 -11.42 14.45
N SER A 92 -5.91 -12.25 14.48
CA SER A 92 -6.05 -13.67 14.80
C SER A 92 -5.57 -13.96 16.22
N LYS A 93 -5.65 -12.95 17.09
CA LYS A 93 -5.22 -13.10 18.48
C LYS A 93 -6.43 -13.15 19.42
N ASN A 94 -6.69 -12.06 20.16
CA ASN A 94 -7.83 -12.02 21.08
C ASN A 94 -8.91 -11.08 20.56
N HIS A 5 1.23 -17.43 2.02
CA HIS A 5 2.02 -16.17 1.90
C HIS A 5 3.09 -16.11 2.98
N ASP A 6 3.65 -14.92 3.17
CA ASP A 6 4.70 -14.72 4.17
C ASP A 6 4.10 -14.20 5.48
N SER A 7 4.08 -15.06 6.50
CA SER A 7 3.55 -14.70 7.81
C SER A 7 4.37 -13.58 8.43
N SER A 8 5.69 -13.68 8.30
CA SER A 8 6.60 -12.68 8.85
C SER A 8 6.34 -11.30 8.25
N LYS A 9 6.11 -11.26 6.94
CA LYS A 9 5.86 -10.00 6.25
C LYS A 9 4.39 -9.60 6.34
N ASP A 10 3.54 -10.55 6.70
CA ASP A 10 2.10 -10.30 6.82
C ASP A 10 1.81 -9.25 7.89
N SER A 11 2.54 -9.31 8.99
CA SER A 11 2.36 -8.35 10.09
C SER A 11 2.99 -6.99 9.79
N ILE A 12 3.62 -6.85 8.62
CA ILE A 12 4.25 -5.60 8.24
C ILE A 12 3.96 -5.22 6.79
N THR A 13 2.92 -5.82 6.21
CA THR A 13 2.55 -5.52 4.83
C THR A 13 1.14 -5.00 4.69
N VAL A 14 0.97 -4.12 3.71
CA VAL A 14 -0.33 -3.53 3.43
C VAL A 14 -0.49 -3.38 1.93
N PHE A 15 -1.49 -4.05 1.39
CA PHE A 15 -1.76 -3.98 -0.04
C PHE A 15 -2.76 -2.89 -0.36
N VAL A 16 -2.46 -2.08 -1.38
CA VAL A 16 -3.35 -1.00 -1.78
C VAL A 16 -3.96 -1.26 -3.15
N SER A 17 -5.21 -0.84 -3.32
CA SER A 17 -5.92 -1.03 -4.58
C SER A 17 -6.78 0.18 -4.94
N ASN A 18 -7.39 0.12 -6.12
CA ASN A 18 -8.24 1.20 -6.61
C ASN A 18 -7.48 2.52 -6.77
N LEU A 19 -6.32 2.44 -7.39
CA LEU A 19 -5.50 3.62 -7.62
C LEU A 19 -5.54 3.99 -9.11
N PRO A 20 -5.36 5.28 -9.45
CA PRO A 20 -5.37 5.73 -10.84
C PRO A 20 -4.18 5.19 -11.62
N TYR A 21 -4.36 4.99 -12.92
CA TYR A 21 -3.31 4.48 -13.78
C TYR A 21 -2.41 5.59 -14.30
N SER A 22 -2.91 6.82 -14.28
CA SER A 22 -2.17 7.98 -14.76
C SER A 22 -0.78 8.09 -14.12
N MET A 23 -0.60 7.50 -12.93
CA MET A 23 0.69 7.58 -12.27
C MET A 23 1.72 6.68 -12.93
N GLN A 24 2.78 7.28 -13.43
CA GLN A 24 3.85 6.53 -14.08
C GLN A 24 4.60 5.68 -13.07
N GLU A 25 4.94 6.27 -11.93
CA GLU A 25 5.64 5.55 -10.87
C GLU A 25 4.73 5.33 -9.66
N PRO A 26 4.23 4.10 -9.43
CA PRO A 26 3.35 3.80 -8.29
C PRO A 26 4.05 3.95 -6.94
N ASP A 27 5.29 3.48 -6.88
CA ASP A 27 6.07 3.54 -5.66
C ASP A 27 6.45 4.98 -5.34
N THR A 28 6.67 5.76 -6.39
CA THR A 28 7.06 7.16 -6.22
C THR A 28 5.90 8.05 -5.75
N LYS A 29 4.73 7.88 -6.37
CA LYS A 29 3.56 8.67 -6.02
C LYS A 29 2.98 8.31 -4.65
N LEU A 30 3.00 7.03 -4.33
CA LEU A 30 2.48 6.59 -3.04
C LEU A 30 3.43 6.93 -1.90
N ARG A 31 4.72 7.00 -2.19
CA ARG A 31 5.73 7.33 -1.18
C ARG A 31 5.35 8.55 -0.34
N PRO A 32 5.12 9.72 -0.93
CA PRO A 32 4.75 10.93 -0.17
C PRO A 32 3.61 10.67 0.81
N LEU A 33 2.77 9.70 0.48
CA LEU A 33 1.62 9.35 1.32
C LEU A 33 1.97 8.35 2.43
N PHE A 34 2.61 7.24 2.08
CA PHE A 34 2.98 6.23 3.07
C PHE A 34 4.07 6.69 4.02
N GLU A 35 5.09 7.37 3.48
CA GLU A 35 6.18 7.87 4.30
C GLU A 35 5.66 8.81 5.36
N ALA A 36 4.60 9.52 5.02
CA ALA A 36 4.00 10.48 5.92
C ALA A 36 3.43 9.78 7.16
N CYS A 37 3.16 8.48 7.05
CA CYS A 37 2.62 7.71 8.16
C CYS A 37 3.65 6.74 8.75
N GLY A 38 4.58 6.28 7.92
CA GLY A 38 5.61 5.36 8.38
C GLY A 38 6.64 5.08 7.31
N GLU A 39 7.85 4.68 7.71
CA GLU A 39 8.92 4.40 6.75
C GLU A 39 8.66 3.13 5.94
N VAL A 40 9.06 3.19 4.68
CA VAL A 40 8.91 2.08 3.75
C VAL A 40 10.26 1.55 3.33
N VAL A 41 10.44 0.23 3.39
CA VAL A 41 11.71 -0.37 3.01
C VAL A 41 11.83 -0.45 1.49
N GLN A 42 10.73 -0.82 0.83
CA GLN A 42 10.70 -0.93 -0.63
C GLN A 42 9.31 -1.29 -1.14
N ILE A 43 8.97 -0.75 -2.30
CA ILE A 43 7.68 -1.02 -2.93
C ILE A 43 7.85 -1.89 -4.15
N ARG A 44 6.98 -2.89 -4.29
CA ARG A 44 7.06 -3.80 -5.44
C ARG A 44 5.80 -3.70 -6.29
N PRO A 45 5.77 -2.77 -7.26
CA PRO A 45 4.62 -2.61 -8.15
C PRO A 45 4.47 -3.79 -9.11
N ILE A 46 3.24 -4.07 -9.50
CA ILE A 46 2.97 -5.18 -10.42
C ILE A 46 3.36 -4.82 -11.85
N PHE A 47 4.24 -5.62 -12.42
CA PHE A 47 4.70 -5.41 -13.79
C PHE A 47 4.49 -6.65 -14.66
N SER A 48 3.83 -7.66 -14.11
CA SER A 48 3.57 -8.89 -14.83
C SER A 48 2.46 -8.71 -15.88
N ASN A 49 1.79 -7.55 -15.83
CA ASN A 49 0.72 -7.26 -16.78
C ASN A 49 1.23 -7.31 -18.21
N ARG A 50 0.45 -7.94 -19.09
CA ARG A 50 0.81 -8.06 -20.50
C ARG A 50 0.19 -6.94 -21.34
N GLY A 51 -0.67 -6.13 -20.71
CA GLY A 51 -1.32 -5.05 -21.43
C GLY A 51 -1.22 -3.73 -20.69
N ASP A 52 -2.22 -3.47 -19.85
CA ASP A 52 -2.27 -2.24 -19.08
C ASP A 52 -1.95 -2.50 -17.61
N PHE A 53 -1.54 -1.45 -16.90
CA PHE A 53 -1.21 -1.58 -15.48
C PHE A 53 -2.41 -2.10 -14.70
N ARG A 54 -2.14 -2.84 -13.63
CA ARG A 54 -3.19 -3.40 -12.80
C ARG A 54 -3.72 -2.36 -11.80
N GLY A 55 -2.94 -1.31 -11.58
CA GLY A 55 -3.35 -0.27 -10.65
C GLY A 55 -3.27 -0.72 -9.21
N TYR A 56 -2.47 -1.74 -8.95
CA TYR A 56 -2.31 -2.28 -7.61
C TYR A 56 -0.83 -2.45 -7.27
N CYS A 57 -0.49 -2.32 -5.99
CA CYS A 57 0.89 -2.46 -5.55
C CYS A 57 0.96 -2.89 -4.09
N TYR A 58 2.14 -3.28 -3.64
CA TYR A 58 2.34 -3.72 -2.27
C TYR A 58 3.40 -2.87 -1.58
N VAL A 59 3.18 -2.55 -0.30
CA VAL A 59 4.14 -1.74 0.45
C VAL A 59 4.57 -2.42 1.73
N GLU A 60 5.88 -2.46 1.95
CA GLU A 60 6.45 -3.08 3.13
C GLU A 60 7.09 -2.03 4.04
N PHE A 61 6.83 -2.13 5.34
CA PHE A 61 7.38 -1.21 6.32
C PHE A 61 8.40 -1.92 7.20
N LYS A 62 9.44 -1.21 7.61
CA LYS A 62 10.47 -1.81 8.45
C LYS A 62 9.92 -2.04 9.86
N GLU A 63 8.93 -1.24 10.24
CA GLU A 63 8.32 -1.36 11.56
C GLU A 63 6.80 -1.54 11.46
N GLU A 64 6.25 -2.34 12.36
CA GLU A 64 4.82 -2.61 12.39
C GLU A 64 4.00 -1.35 12.68
N LYS A 65 4.53 -0.48 13.52
CA LYS A 65 3.83 0.76 13.89
C LYS A 65 3.45 1.54 12.64
N SER A 66 4.29 1.47 11.64
CA SER A 66 4.05 2.17 10.38
C SER A 66 2.75 1.68 9.75
N ALA A 67 2.50 0.39 9.88
CA ALA A 67 1.30 -0.22 9.33
C ALA A 67 0.10 0.01 10.24
N LEU A 68 0.37 0.20 11.53
CA LEU A 68 -0.70 0.43 12.48
C LEU A 68 -1.47 1.71 12.16
N GLN A 69 -0.75 2.82 12.01
CA GLN A 69 -1.38 4.09 11.68
C GLN A 69 -1.74 4.18 10.20
N ALA A 70 -1.08 3.36 9.38
CA ALA A 70 -1.34 3.35 7.94
C ALA A 70 -2.80 3.00 7.67
N LEU A 71 -3.40 2.27 8.59
CA LEU A 71 -4.80 1.85 8.46
C LEU A 71 -5.68 3.09 8.44
N GLU A 72 -5.32 4.03 9.28
CA GLU A 72 -6.04 5.29 9.41
C GLU A 72 -5.92 6.13 8.15
N MET A 73 -4.87 5.88 7.37
CA MET A 73 -4.65 6.63 6.13
C MET A 73 -5.68 6.23 5.08
N ASP A 74 -6.24 5.03 5.21
CA ASP A 74 -7.23 4.52 4.27
C ASP A 74 -8.35 5.52 4.03
N ARG A 75 -8.88 5.50 2.80
CA ARG A 75 -9.97 6.37 2.37
C ARG A 75 -9.47 7.75 1.94
N LYS A 76 -8.16 7.98 2.07
CA LYS A 76 -7.58 9.27 1.68
C LYS A 76 -7.72 9.48 0.17
N SER A 77 -8.16 10.67 -0.21
CA SER A 77 -8.34 10.98 -1.64
C SER A 77 -7.01 11.35 -2.29
N VAL A 78 -6.68 10.64 -3.37
CA VAL A 78 -5.45 10.89 -4.10
C VAL A 78 -5.74 11.15 -5.57
N GLU A 79 -5.29 12.30 -6.08
CA GLU A 79 -5.51 12.66 -7.48
C GLU A 79 -7.01 12.68 -7.79
N GLY A 80 -7.80 12.98 -6.78
CA GLY A 80 -9.24 13.03 -6.94
C GLY A 80 -9.90 11.66 -6.92
N ARG A 81 -9.09 10.61 -6.73
CA ARG A 81 -9.61 9.25 -6.68
C ARG A 81 -9.32 8.61 -5.32
N PRO A 82 -10.35 8.20 -4.55
CA PRO A 82 -10.13 7.58 -3.23
C PRO A 82 -9.31 6.30 -3.33
N MET A 83 -8.45 6.08 -2.33
CA MET A 83 -7.60 4.90 -2.30
C MET A 83 -8.07 3.96 -1.20
N PHE A 84 -8.17 2.67 -1.52
CA PHE A 84 -8.62 1.68 -0.55
C PHE A 84 -7.47 0.78 -0.10
N VAL A 85 -7.24 0.77 1.21
CA VAL A 85 -6.19 -0.04 1.79
C VAL A 85 -6.75 -1.35 2.33
N SER A 86 -6.14 -2.46 1.92
CA SER A 86 -6.57 -3.78 2.35
C SER A 86 -5.47 -4.48 3.16
N PRO A 87 -5.56 -4.51 4.50
CA PRO A 87 -4.54 -5.17 5.34
C PRO A 87 -4.34 -6.63 4.96
N CYS A 88 -3.09 -7.07 5.01
CA CYS A 88 -2.75 -8.44 4.66
C CYS A 88 -3.44 -9.42 5.61
N VAL A 89 -3.39 -9.12 6.91
CA VAL A 89 -4.00 -9.98 7.91
C VAL A 89 -5.13 -9.26 8.64
N ASP A 90 -6.29 -9.91 8.73
CA ASP A 90 -7.44 -9.34 9.39
C ASP A 90 -7.26 -9.36 10.91
N LYS A 91 -7.77 -8.34 11.58
CA LYS A 91 -7.67 -8.26 13.04
C LYS A 91 -9.04 -8.23 13.68
N SER A 92 -9.47 -9.39 14.19
CA SER A 92 -10.77 -9.51 14.82
C SER A 92 -10.74 -10.58 15.91
N LYS A 93 -11.47 -10.35 17.00
CA LYS A 93 -11.53 -11.30 18.10
C LYS A 93 -12.97 -11.44 18.61
N ASN A 94 -13.55 -10.32 19.04
CA ASN A 94 -14.91 -10.32 19.55
C ASN A 94 -15.81 -9.41 18.71
N HIS A 5 2.15 -17.36 3.60
CA HIS A 5 2.64 -18.30 4.64
C HIS A 5 3.60 -17.62 5.61
N ASP A 6 4.07 -16.42 5.24
CA ASP A 6 5.00 -15.68 6.09
C ASP A 6 4.24 -14.68 6.96
N SER A 7 4.05 -15.01 8.22
CA SER A 7 3.35 -14.13 9.16
C SER A 7 4.19 -12.90 9.49
N SER A 8 5.50 -13.02 9.32
CA SER A 8 6.39 -11.90 9.62
C SER A 8 6.10 -10.71 8.72
N LYS A 9 5.85 -10.97 7.44
CA LYS A 9 5.55 -9.92 6.48
C LYS A 9 4.07 -9.53 6.54
N ASP A 10 3.25 -10.46 6.99
CA ASP A 10 1.81 -10.23 7.10
C ASP A 10 1.46 -9.07 8.05
N SER A 11 2.10 -9.06 9.21
CA SER A 11 1.87 -8.01 10.20
C SER A 11 2.46 -6.67 9.76
N ILE A 12 3.25 -6.67 8.69
CA ILE A 12 3.86 -5.44 8.19
C ILE A 12 3.55 -5.18 6.72
N THR A 13 2.52 -5.85 6.19
CA THR A 13 2.15 -5.67 4.80
C THR A 13 0.76 -5.10 4.62
N VAL A 14 0.65 -4.19 3.66
CA VAL A 14 -0.61 -3.55 3.35
C VAL A 14 -0.72 -3.38 1.84
N PHE A 15 -1.72 -4.01 1.25
CA PHE A 15 -1.92 -3.92 -0.19
C PHE A 15 -2.73 -2.68 -0.56
N VAL A 16 -2.28 -1.98 -1.60
CA VAL A 16 -2.97 -0.78 -2.06
C VAL A 16 -3.62 -0.99 -3.41
N SER A 17 -4.84 -0.46 -3.57
CA SER A 17 -5.59 -0.59 -4.81
C SER A 17 -6.57 0.55 -4.97
N ASN A 18 -7.24 0.59 -6.12
CA ASN A 18 -8.22 1.63 -6.43
C ASN A 18 -7.54 2.96 -6.76
N LEU A 19 -6.37 2.88 -7.38
CA LEU A 19 -5.62 4.07 -7.77
C LEU A 19 -5.69 4.28 -9.27
N PRO A 20 -5.59 5.54 -9.76
CA PRO A 20 -5.65 5.83 -11.19
C PRO A 20 -4.60 5.05 -11.97
N TYR A 21 -4.99 4.53 -13.12
CA TYR A 21 -4.08 3.75 -13.98
C TYR A 21 -3.03 4.63 -14.63
N SER A 22 -3.37 5.90 -14.84
CA SER A 22 -2.45 6.84 -15.48
C SER A 22 -1.11 6.89 -14.75
N MET A 23 -1.09 6.51 -13.47
CA MET A 23 0.14 6.53 -12.69
C MET A 23 1.10 5.45 -13.18
N GLN A 24 2.23 5.87 -13.76
CA GLN A 24 3.22 4.92 -14.26
C GLN A 24 4.03 4.30 -13.12
N GLU A 25 4.48 5.12 -12.17
CA GLU A 25 5.26 4.63 -11.05
C GLU A 25 4.48 4.73 -9.73
N PRO A 26 3.97 3.61 -9.19
CA PRO A 26 3.22 3.63 -7.92
C PRO A 26 4.12 3.88 -6.72
N ASP A 27 5.39 3.54 -6.86
CA ASP A 27 6.37 3.71 -5.79
C ASP A 27 6.56 5.20 -5.47
N THR A 28 6.68 6.00 -6.52
CA THR A 28 6.88 7.44 -6.37
C THR A 28 5.63 8.19 -5.92
N LYS A 29 4.49 7.87 -6.52
CA LYS A 29 3.22 8.52 -6.19
C LYS A 29 2.77 8.25 -4.77
N LEU A 30 2.95 7.02 -4.32
CA LEU A 30 2.54 6.65 -2.98
C LEU A 30 3.57 7.08 -1.93
N ARG A 31 4.81 7.28 -2.36
CA ARG A 31 5.89 7.70 -1.47
C ARG A 31 5.47 8.83 -0.51
N PRO A 32 4.93 9.96 -1.01
CA PRO A 32 4.53 11.07 -0.13
C PRO A 32 3.41 10.70 0.85
N LEU A 33 2.67 9.64 0.55
CA LEU A 33 1.58 9.22 1.41
C LEU A 33 2.02 8.21 2.48
N PHE A 34 2.63 7.12 2.05
CA PHE A 34 3.10 6.09 2.98
C PHE A 34 4.29 6.53 3.82
N GLU A 35 5.24 7.22 3.20
CA GLU A 35 6.42 7.69 3.92
C GLU A 35 6.03 8.68 5.01
N ALA A 36 5.02 9.49 4.70
CA ALA A 36 4.53 10.49 5.62
C ALA A 36 3.91 9.86 6.86
N CYS A 37 3.60 8.57 6.80
CA CYS A 37 2.99 7.86 7.93
C CYS A 37 4.01 6.93 8.58
N GLY A 38 4.91 6.40 7.77
CA GLY A 38 5.94 5.49 8.28
C GLY A 38 6.94 5.12 7.21
N GLU A 39 8.13 4.67 7.60
CA GLU A 39 9.16 4.29 6.65
C GLU A 39 8.79 3.03 5.88
N VAL A 40 9.20 3.00 4.62
CA VAL A 40 8.95 1.87 3.74
C VAL A 40 10.24 1.17 3.35
N VAL A 41 10.29 -0.14 3.52
CA VAL A 41 11.49 -0.89 3.18
C VAL A 41 11.67 -0.93 1.67
N GLN A 42 10.57 -1.25 0.98
CA GLN A 42 10.59 -1.33 -0.48
C GLN A 42 9.20 -1.63 -1.04
N ILE A 43 8.95 -1.16 -2.26
CA ILE A 43 7.68 -1.37 -2.92
C ILE A 43 7.88 -2.22 -4.18
N ARG A 44 6.97 -3.15 -4.42
CA ARG A 44 7.09 -4.02 -5.59
C ARG A 44 5.92 -3.80 -6.56
N PRO A 45 6.05 -2.81 -7.45
CA PRO A 45 5.00 -2.51 -8.45
C PRO A 45 4.66 -3.74 -9.29
N ILE A 46 3.38 -3.90 -9.59
CA ILE A 46 2.93 -5.03 -10.39
C ILE A 46 3.10 -4.76 -11.88
N PHE A 47 3.89 -5.59 -12.53
CA PHE A 47 4.15 -5.46 -13.96
C PHE A 47 3.88 -6.78 -14.70
N SER A 48 3.25 -7.73 -14.02
CA SER A 48 2.95 -9.03 -14.61
C SER A 48 1.92 -8.89 -15.74
N ASN A 49 1.19 -7.78 -15.75
CA ASN A 49 0.18 -7.55 -16.77
C ASN A 49 0.80 -7.56 -18.17
N ARG A 50 0.21 -8.37 -19.05
CA ARG A 50 0.68 -8.49 -20.42
C ARG A 50 -0.05 -7.53 -21.36
N GLY A 51 -0.94 -6.72 -20.82
CA GLY A 51 -1.69 -5.78 -21.62
C GLY A 51 -1.67 -4.37 -21.08
N ASP A 52 -2.55 -4.11 -20.12
CA ASP A 52 -2.65 -2.80 -19.50
C ASP A 52 -2.20 -2.84 -18.04
N PHE A 53 -1.87 -1.67 -17.49
CA PHE A 53 -1.43 -1.57 -16.11
C PHE A 53 -2.56 -1.96 -15.16
N ARG A 54 -2.20 -2.49 -14.00
CA ARG A 54 -3.19 -2.93 -13.02
C ARG A 54 -3.46 -1.82 -12.01
N GLY A 55 -2.48 -0.94 -11.81
CA GLY A 55 -2.64 0.15 -10.87
C GLY A 55 -2.66 -0.34 -9.43
N TYR A 56 -1.99 -1.46 -9.18
CA TYR A 56 -1.94 -2.03 -7.84
C TYR A 56 -0.51 -2.39 -7.46
N CYS A 57 -0.19 -2.29 -6.18
CA CYS A 57 1.16 -2.61 -5.70
C CYS A 57 1.13 -2.99 -4.22
N TYR A 58 2.24 -3.49 -3.71
CA TYR A 58 2.34 -3.89 -2.31
C TYR A 58 3.39 -3.05 -1.60
N VAL A 59 3.15 -2.71 -0.35
CA VAL A 59 4.09 -1.90 0.43
C VAL A 59 4.46 -2.60 1.73
N GLU A 60 5.76 -2.57 2.02
CA GLU A 60 6.30 -3.19 3.23
C GLU A 60 6.96 -2.15 4.12
N PHE A 61 6.70 -2.22 5.42
CA PHE A 61 7.27 -1.27 6.38
C PHE A 61 8.29 -2.00 7.27
N LYS A 62 9.37 -1.31 7.63
CA LYS A 62 10.39 -1.93 8.48
C LYS A 62 9.87 -2.08 9.90
N GLU A 63 8.86 -1.30 10.26
CA GLU A 63 8.28 -1.35 11.59
C GLU A 63 6.77 -1.59 11.52
N GLU A 64 6.27 -2.43 12.42
CA GLU A 64 4.85 -2.77 12.47
C GLU A 64 3.99 -1.56 12.79
N LYS A 65 4.54 -0.61 13.54
CA LYS A 65 3.81 0.60 13.91
C LYS A 65 3.34 1.35 12.67
N SER A 66 4.18 1.36 11.65
CA SER A 66 3.85 2.04 10.39
C SER A 66 2.56 1.48 9.80
N ALA A 67 2.40 0.17 9.92
CA ALA A 67 1.23 -0.50 9.39
C ALA A 67 -0.03 -0.03 10.10
N LEU A 68 0.10 0.17 11.41
CA LEU A 68 -1.02 0.62 12.24
C LEU A 68 -1.57 1.97 11.78
N GLN A 69 -0.72 2.98 11.63
CA GLN A 69 -1.20 4.29 11.19
C GLN A 69 -1.63 4.25 9.73
N ALA A 70 -1.02 3.34 8.97
CA ALA A 70 -1.34 3.19 7.56
C ALA A 70 -2.82 2.85 7.39
N LEU A 71 -3.40 2.21 8.39
CA LEU A 71 -4.80 1.82 8.37
C LEU A 71 -5.67 3.06 8.34
N GLU A 72 -5.15 4.14 8.92
CA GLU A 72 -5.85 5.40 8.99
C GLU A 72 -5.78 6.16 7.66
N MET A 73 -4.79 5.82 6.84
CA MET A 73 -4.62 6.47 5.54
C MET A 73 -5.69 6.05 4.54
N ASP A 74 -6.24 4.85 4.73
CA ASP A 74 -7.28 4.36 3.83
C ASP A 74 -8.48 5.29 3.81
N ARG A 75 -9.19 5.30 2.68
CA ARG A 75 -10.37 6.13 2.48
C ARG A 75 -9.99 7.56 2.10
N LYS A 76 -8.70 7.89 2.15
CA LYS A 76 -8.22 9.22 1.80
C LYS A 76 -8.42 9.50 0.32
N SER A 77 -8.89 10.69 0.00
CA SER A 77 -9.10 11.05 -1.40
C SER A 77 -7.82 11.60 -2.02
N VAL A 78 -7.32 10.89 -3.02
CA VAL A 78 -6.10 11.29 -3.72
C VAL A 78 -6.34 11.34 -5.23
N GLU A 79 -6.03 12.47 -5.84
CA GLU A 79 -6.22 12.65 -7.29
C GLU A 79 -7.69 12.46 -7.65
N GLY A 80 -8.56 12.78 -6.70
CA GLY A 80 -9.99 12.63 -6.92
C GLY A 80 -10.47 11.20 -6.77
N ARG A 81 -9.57 10.28 -6.47
CA ARG A 81 -9.92 8.87 -6.32
C ARG A 81 -9.46 8.38 -4.93
N PRO A 82 -10.35 7.74 -4.14
CA PRO A 82 -9.97 7.25 -2.81
C PRO A 82 -9.01 6.06 -2.86
N MET A 83 -8.15 5.96 -1.85
CA MET A 83 -7.18 4.87 -1.78
C MET A 83 -7.64 3.82 -0.77
N PHE A 84 -7.78 2.57 -1.22
CA PHE A 84 -8.22 1.51 -0.34
C PHE A 84 -7.04 0.68 0.16
N VAL A 85 -6.77 0.78 1.46
CA VAL A 85 -5.67 0.05 2.07
C VAL A 85 -6.17 -0.78 3.25
N SER A 86 -5.90 -2.08 3.22
CA SER A 86 -6.33 -2.96 4.30
C SER A 86 -5.21 -3.89 4.75
N PRO A 87 -5.24 -4.36 6.01
CA PRO A 87 -4.22 -5.26 6.55
C PRO A 87 -4.13 -6.55 5.75
N CYS A 88 -2.93 -7.13 5.69
CA CYS A 88 -2.72 -8.37 4.97
C CYS A 88 -3.61 -9.46 5.55
N VAL A 89 -3.63 -9.53 6.88
CA VAL A 89 -4.44 -10.51 7.58
C VAL A 89 -5.78 -9.91 8.02
N ASP A 90 -6.86 -10.44 7.47
CA ASP A 90 -8.19 -9.93 7.83
C ASP A 90 -8.82 -10.76 8.94
N LYS A 91 -9.22 -10.08 10.01
CA LYS A 91 -9.84 -10.74 11.14
C LYS A 91 -11.32 -10.39 11.20
N SER A 92 -12.16 -11.37 10.87
CA SER A 92 -13.60 -11.16 10.88
C SER A 92 -14.11 -10.77 12.27
N LYS A 93 -13.61 -11.46 13.29
CA LYS A 93 -14.02 -11.19 14.67
C LYS A 93 -13.10 -10.15 15.31
N ASN A 94 -13.66 -9.34 16.19
CA ASN A 94 -12.88 -8.31 16.88
C ASN A 94 -12.86 -8.56 18.38
N HIS A 5 0.22 -17.36 6.21
CA HIS A 5 1.29 -18.35 6.46
C HIS A 5 2.41 -17.75 7.31
N ASP A 6 3.15 -16.82 6.72
CA ASP A 6 4.24 -16.16 7.42
C ASP A 6 3.79 -14.84 8.04
N SER A 7 4.03 -14.69 9.33
CA SER A 7 3.64 -13.48 10.05
C SER A 7 4.76 -12.43 10.04
N SER A 8 5.95 -12.82 9.61
CA SER A 8 7.08 -11.91 9.56
C SER A 8 6.84 -10.75 8.60
N LYS A 9 6.26 -11.05 7.43
CA LYS A 9 5.97 -10.02 6.44
C LYS A 9 4.50 -9.62 6.44
N ASP A 10 3.64 -10.55 6.83
CA ASP A 10 2.21 -10.31 6.87
C ASP A 10 1.86 -9.21 7.88
N SER A 11 2.52 -9.26 9.03
CA SER A 11 2.30 -8.29 10.10
C SER A 11 2.95 -6.92 9.80
N ILE A 12 3.58 -6.78 8.63
CA ILE A 12 4.23 -5.53 8.27
C ILE A 12 3.91 -5.11 6.84
N THR A 13 2.87 -5.72 6.25
CA THR A 13 2.49 -5.39 4.89
C THR A 13 1.02 -4.99 4.77
N VAL A 14 0.77 -4.07 3.85
CA VAL A 14 -0.57 -3.59 3.59
C VAL A 14 -0.80 -3.45 2.09
N PHE A 15 -1.75 -4.21 1.57
CA PHE A 15 -2.06 -4.17 0.15
C PHE A 15 -2.98 -2.99 -0.19
N VAL A 16 -2.63 -2.28 -1.26
CA VAL A 16 -3.43 -1.13 -1.70
C VAL A 16 -4.00 -1.36 -3.11
N SER A 17 -5.19 -0.84 -3.33
CA SER A 17 -5.85 -0.98 -4.63
C SER A 17 -6.80 0.20 -4.88
N ASN A 18 -7.36 0.24 -6.09
CA ASN A 18 -8.28 1.30 -6.48
C ASN A 18 -7.54 2.63 -6.66
N LEU A 19 -6.33 2.55 -7.21
CA LEU A 19 -5.53 3.75 -7.44
C LEU A 19 -5.61 4.16 -8.92
N PRO A 20 -5.49 5.46 -9.22
CA PRO A 20 -5.54 5.94 -10.61
C PRO A 20 -4.50 5.28 -11.50
N TYR A 21 -4.92 4.85 -12.69
CA TYR A 21 -4.03 4.20 -13.64
C TYR A 21 -3.09 5.20 -14.28
N SER A 22 -3.56 6.44 -14.42
CA SER A 22 -2.78 7.51 -15.03
C SER A 22 -1.44 7.71 -14.33
N MET A 23 -1.36 7.29 -13.07
CA MET A 23 -0.11 7.44 -12.32
C MET A 23 0.98 6.54 -12.91
N GLN A 24 2.02 7.18 -13.44
CA GLN A 24 3.13 6.45 -14.05
C GLN A 24 3.88 5.57 -13.03
N GLU A 25 4.52 6.21 -12.04
CA GLU A 25 5.26 5.45 -11.03
C GLU A 25 4.56 5.52 -9.67
N PRO A 26 3.91 4.42 -9.21
CA PRO A 26 3.23 4.40 -7.92
C PRO A 26 4.20 4.38 -6.74
N ASP A 27 5.44 3.96 -7.02
CA ASP A 27 6.47 3.88 -5.99
C ASP A 27 6.82 5.26 -5.44
N THR A 28 6.85 6.26 -6.31
CA THR A 28 7.17 7.62 -5.91
C THR A 28 5.94 8.44 -5.52
N LYS A 29 4.78 8.14 -6.10
CA LYS A 29 3.57 8.89 -5.77
C LYS A 29 3.08 8.56 -4.37
N LEU A 30 3.15 7.28 -4.02
CA LEU A 30 2.72 6.82 -2.71
C LEU A 30 3.77 7.13 -1.64
N ARG A 31 5.02 7.28 -2.07
CA ARG A 31 6.12 7.58 -1.15
C ARG A 31 5.79 8.71 -0.18
N PRO A 32 5.41 9.90 -0.66
CA PRO A 32 5.10 11.03 0.23
C PRO A 32 3.91 10.77 1.17
N LEU A 33 3.08 9.80 0.83
CA LEU A 33 1.92 9.47 1.66
C LEU A 33 2.23 8.43 2.73
N PHE A 34 2.79 7.29 2.31
CA PHE A 34 3.13 6.21 3.22
C PHE A 34 4.31 6.56 4.12
N GLU A 35 5.32 7.20 3.56
CA GLU A 35 6.49 7.59 4.32
C GLU A 35 6.13 8.57 5.43
N ALA A 36 5.17 9.44 5.15
CA ALA A 36 4.73 10.42 6.12
C ALA A 36 4.07 9.74 7.33
N CYS A 37 3.63 8.50 7.14
CA CYS A 37 2.98 7.75 8.22
C CYS A 37 3.96 6.79 8.89
N GLY A 38 4.86 6.25 8.08
CA GLY A 38 5.87 5.31 8.58
C GLY A 38 6.86 4.96 7.49
N GLU A 39 8.06 4.51 7.88
CA GLU A 39 9.09 4.17 6.91
C GLU A 39 8.71 2.95 6.08
N VAL A 40 9.09 2.99 4.81
CA VAL A 40 8.83 1.92 3.87
C VAL A 40 10.13 1.27 3.43
N VAL A 41 10.22 -0.05 3.55
CA VAL A 41 11.42 -0.76 3.16
C VAL A 41 11.55 -0.76 1.63
N GLN A 42 10.44 -1.08 0.96
CA GLN A 42 10.41 -1.13 -0.50
C GLN A 42 9.02 -1.45 -1.05
N ILE A 43 8.79 -1.05 -2.30
CA ILE A 43 7.53 -1.29 -2.98
C ILE A 43 7.74 -2.17 -4.19
N ARG A 44 6.87 -3.16 -4.38
CA ARG A 44 7.01 -4.07 -5.53
C ARG A 44 5.85 -3.97 -6.50
N PRO A 45 5.91 -3.01 -7.45
CA PRO A 45 4.86 -2.83 -8.45
C PRO A 45 4.61 -4.11 -9.25
N ILE A 46 3.35 -4.40 -9.52
CA ILE A 46 2.99 -5.60 -10.28
C ILE A 46 2.94 -5.35 -11.78
N PHE A 47 3.91 -5.90 -12.50
CA PHE A 47 3.99 -5.77 -13.95
C PHE A 47 3.64 -7.08 -14.65
N SER A 48 3.04 -8.01 -13.90
CA SER A 48 2.65 -9.31 -14.45
C SER A 48 1.58 -9.16 -15.53
N ASN A 49 0.93 -8.00 -15.57
CA ASN A 49 -0.12 -7.75 -16.55
C ASN A 49 0.43 -7.88 -17.96
N ARG A 50 -0.33 -8.57 -18.81
CA ARG A 50 0.06 -8.77 -20.21
C ARG A 50 -0.59 -7.74 -21.14
N GLY A 51 -1.44 -6.89 -20.58
CA GLY A 51 -2.10 -5.87 -21.38
C GLY A 51 -2.02 -4.50 -20.76
N ASP A 52 -3.00 -4.17 -19.94
CA ASP A 52 -3.05 -2.87 -19.26
C ASP A 52 -2.63 -2.99 -17.81
N PHE A 53 -2.23 -1.87 -17.22
CA PHE A 53 -1.80 -1.85 -15.83
C PHE A 53 -2.95 -2.25 -14.91
N ARG A 54 -2.62 -2.88 -13.79
CA ARG A 54 -3.64 -3.32 -12.84
C ARG A 54 -3.98 -2.21 -11.85
N GLY A 55 -3.05 -1.27 -11.69
CA GLY A 55 -3.26 -0.17 -10.77
C GLY A 55 -3.21 -0.61 -9.32
N TYR A 56 -2.46 -1.67 -9.04
CA TYR A 56 -2.35 -2.17 -7.67
C TYR A 56 -0.89 -2.39 -7.31
N CYS A 57 -0.56 -2.27 -6.03
CA CYS A 57 0.81 -2.47 -5.56
C CYS A 57 0.83 -2.86 -4.10
N TYR A 58 2.00 -3.30 -3.62
CA TYR A 58 2.15 -3.72 -2.23
C TYR A 58 3.24 -2.89 -1.56
N VAL A 59 3.04 -2.55 -0.29
CA VAL A 59 4.01 -1.77 0.46
C VAL A 59 4.41 -2.46 1.75
N GLU A 60 5.71 -2.53 1.98
CA GLU A 60 6.25 -3.16 3.18
C GLU A 60 6.90 -2.11 4.08
N PHE A 61 6.62 -2.21 5.39
CA PHE A 61 7.18 -1.27 6.35
C PHE A 61 8.19 -1.97 7.25
N LYS A 62 9.22 -1.25 7.65
CA LYS A 62 10.25 -1.81 8.51
C LYS A 62 9.71 -2.07 9.91
N GLU A 63 8.68 -1.33 10.29
CA GLU A 63 8.07 -1.49 11.61
C GLU A 63 6.54 -1.62 11.53
N GLU A 64 5.98 -2.38 12.47
CA GLU A 64 4.55 -2.62 12.53
C GLU A 64 3.76 -1.33 12.79
N LYS A 65 4.33 -0.43 13.58
CA LYS A 65 3.66 0.83 13.90
C LYS A 65 3.26 1.54 12.62
N SER A 66 4.11 1.44 11.61
CA SER A 66 3.85 2.06 10.33
C SER A 66 2.56 1.53 9.73
N ALA A 67 2.36 0.22 9.83
CA ALA A 67 1.18 -0.42 9.29
C ALA A 67 -0.06 -0.04 10.09
N LEU A 68 0.11 0.03 11.40
CA LEU A 68 -0.99 0.39 12.28
C LEU A 68 -1.56 1.77 11.95
N GLN A 69 -0.69 2.77 11.88
CA GLN A 69 -1.14 4.12 11.56
C GLN A 69 -1.60 4.20 10.10
N ALA A 70 -1.04 3.33 9.27
CA ALA A 70 -1.39 3.30 7.85
C ALA A 70 -2.88 3.02 7.67
N LEU A 71 -3.44 2.20 8.57
CA LEU A 71 -4.85 1.85 8.52
C LEU A 71 -5.73 3.10 8.62
N GLU A 72 -5.19 4.11 9.29
CA GLU A 72 -5.90 5.36 9.49
C GLU A 72 -6.04 6.18 8.20
N MET A 73 -5.19 5.89 7.21
CA MET A 73 -5.25 6.63 5.95
C MET A 73 -6.31 6.02 5.01
N ASP A 74 -6.94 4.93 5.43
CA ASP A 74 -7.96 4.29 4.61
C ASP A 74 -9.09 5.25 4.27
N ARG A 75 -9.55 5.20 3.03
CA ARG A 75 -10.62 6.06 2.54
C ARG A 75 -10.13 7.48 2.23
N LYS A 76 -8.83 7.73 2.40
CA LYS A 76 -8.28 9.05 2.12
C LYS A 76 -8.43 9.42 0.65
N SER A 77 -8.78 10.67 0.40
CA SER A 77 -8.96 11.14 -0.96
C SER A 77 -7.64 11.63 -1.56
N VAL A 78 -7.22 10.97 -2.64
CA VAL A 78 -5.98 11.31 -3.33
C VAL A 78 -6.27 11.57 -4.81
N GLU A 79 -5.86 12.75 -5.29
CA GLU A 79 -6.08 13.11 -6.69
C GLU A 79 -7.57 13.12 -7.00
N GLY A 80 -8.36 13.38 -5.98
CA GLY A 80 -9.81 13.40 -6.13
C GLY A 80 -10.43 12.01 -6.14
N ARG A 81 -9.60 10.98 -5.99
CA ARG A 81 -10.09 9.60 -5.99
C ARG A 81 -9.64 8.87 -4.71
N PRO A 82 -10.58 8.37 -3.88
CA PRO A 82 -10.24 7.66 -2.64
C PRO A 82 -9.33 6.45 -2.86
N MET A 83 -8.40 6.25 -1.94
CA MET A 83 -7.47 5.14 -2.00
C MET A 83 -7.86 4.07 -0.97
N PHE A 84 -7.97 2.83 -1.41
CA PHE A 84 -8.34 1.74 -0.53
C PHE A 84 -7.13 1.12 0.14
N VAL A 85 -7.16 1.07 1.46
CA VAL A 85 -6.07 0.50 2.25
C VAL A 85 -6.60 -0.57 3.20
N SER A 86 -6.01 -1.76 3.16
CA SER A 86 -6.44 -2.84 4.03
C SER A 86 -5.23 -3.62 4.56
N PRO A 87 -5.37 -4.24 5.73
CA PRO A 87 -4.28 -5.02 6.34
C PRO A 87 -4.07 -6.35 5.63
N CYS A 88 -2.81 -6.74 5.47
CA CYS A 88 -2.48 -8.00 4.81
C CYS A 88 -3.04 -9.18 5.60
N VAL A 89 -2.85 -9.16 6.90
CA VAL A 89 -3.32 -10.22 7.78
C VAL A 89 -4.83 -10.15 7.98
N ASP A 90 -5.41 -11.21 8.51
CA ASP A 90 -6.85 -11.26 8.74
C ASP A 90 -7.23 -10.45 9.98
N LYS A 91 -8.12 -9.48 9.77
CA LYS A 91 -8.59 -8.61 10.85
C LYS A 91 -8.87 -9.40 12.12
N SER A 92 -7.91 -9.36 13.03
CA SER A 92 -8.01 -10.06 14.30
C SER A 92 -8.99 -9.35 15.24
N LYS A 93 -9.80 -10.15 15.93
CA LYS A 93 -10.79 -9.62 16.86
C LYS A 93 -10.46 -10.03 18.29
N ASN A 94 -10.90 -9.21 19.24
CA ASN A 94 -10.65 -9.49 20.66
C ASN A 94 -11.89 -9.21 21.49
N HIS A 5 7.92 -14.68 1.53
CA HIS A 5 6.47 -14.78 1.81
C HIS A 5 6.21 -15.28 3.22
N ASP A 6 7.16 -15.02 4.12
CA ASP A 6 7.03 -15.44 5.51
C ASP A 6 5.89 -14.71 6.21
N SER A 7 5.29 -15.38 7.19
CA SER A 7 4.17 -14.81 7.94
C SER A 7 4.62 -13.56 8.70
N SER A 8 5.93 -13.43 8.94
CA SER A 8 6.46 -12.28 9.65
C SER A 8 6.21 -10.99 8.87
N LYS A 9 6.00 -11.11 7.57
CA LYS A 9 5.74 -9.94 6.72
C LYS A 9 4.27 -9.54 6.78
N ASP A 10 3.43 -10.42 7.31
CA ASP A 10 2.00 -10.16 7.43
C ASP A 10 1.71 -8.95 8.32
N SER A 11 2.44 -8.86 9.44
CA SER A 11 2.26 -7.76 10.38
C SER A 11 2.85 -6.46 9.86
N ILE A 12 3.55 -6.51 8.72
CA ILE A 12 4.16 -5.32 8.16
C ILE A 12 3.80 -5.13 6.68
N THR A 13 2.76 -5.81 6.21
CA THR A 13 2.34 -5.71 4.82
C THR A 13 0.95 -5.13 4.67
N VAL A 14 0.82 -4.24 3.68
CA VAL A 14 -0.44 -3.60 3.39
C VAL A 14 -0.59 -3.48 1.87
N PHE A 15 -1.61 -4.11 1.32
CA PHE A 15 -1.85 -4.07 -0.11
C PHE A 15 -2.74 -2.88 -0.48
N VAL A 16 -2.35 -2.16 -1.52
CA VAL A 16 -3.13 -1.00 -1.98
C VAL A 16 -3.77 -1.26 -3.34
N SER A 17 -4.97 -0.73 -3.52
CA SER A 17 -5.71 -0.89 -4.77
C SER A 17 -6.65 0.29 -5.01
N ASN A 18 -7.28 0.29 -6.18
CA ASN A 18 -8.21 1.36 -6.56
C ASN A 18 -7.49 2.64 -6.92
N LEU A 19 -6.27 2.51 -7.45
CA LEU A 19 -5.48 3.66 -7.85
C LEU A 19 -5.59 3.87 -9.36
N PRO A 20 -5.42 5.10 -9.85
CA PRO A 20 -5.52 5.40 -11.27
C PRO A 20 -4.43 4.70 -12.09
N TYR A 21 -4.81 4.18 -13.25
CA TYR A 21 -3.88 3.48 -14.12
C TYR A 21 -2.89 4.45 -14.77
N SER A 22 -3.32 5.69 -14.96
CA SER A 22 -2.47 6.70 -15.58
C SER A 22 -1.16 6.89 -14.82
N MET A 23 -1.13 6.54 -13.55
CA MET A 23 0.09 6.69 -12.75
C MET A 23 1.19 5.75 -13.28
N GLN A 24 2.26 6.36 -13.80
CA GLN A 24 3.39 5.58 -14.33
C GLN A 24 4.12 4.79 -13.24
N GLU A 25 4.73 5.49 -12.28
CA GLU A 25 5.46 4.82 -11.21
C GLU A 25 4.72 4.94 -9.87
N PRO A 26 4.08 3.85 -9.38
CA PRO A 26 3.35 3.89 -8.11
C PRO A 26 4.29 3.96 -6.90
N ASP A 27 5.54 3.54 -7.11
CA ASP A 27 6.54 3.53 -6.06
C ASP A 27 6.85 4.94 -5.57
N THR A 28 6.90 5.90 -6.49
CA THR A 28 7.20 7.28 -6.14
C THR A 28 5.94 8.10 -5.85
N LYS A 29 4.82 7.74 -6.47
CA LYS A 29 3.58 8.49 -6.26
C LYS A 29 3.05 8.27 -4.85
N LEU A 30 3.16 7.04 -4.37
CA LEU A 30 2.69 6.69 -3.04
C LEU A 30 3.73 7.04 -1.98
N ARG A 31 4.98 7.18 -2.40
CA ARG A 31 6.08 7.52 -1.49
C ARG A 31 5.74 8.67 -0.54
N PRO A 32 5.33 9.85 -1.04
CA PRO A 32 5.01 10.99 -0.18
C PRO A 32 3.80 10.74 0.73
N LEU A 33 2.97 9.75 0.39
CA LEU A 33 1.79 9.44 1.21
C LEU A 33 2.08 8.42 2.30
N PHE A 34 2.60 7.26 1.90
CA PHE A 34 2.90 6.19 2.87
C PHE A 34 4.10 6.54 3.75
N GLU A 35 5.12 7.16 3.16
CA GLU A 35 6.30 7.54 3.91
C GLU A 35 5.97 8.55 4.99
N ALA A 36 5.02 9.43 4.69
CA ALA A 36 4.60 10.45 5.63
C ALA A 36 3.96 9.83 6.88
N CYS A 37 3.58 8.56 6.79
CA CYS A 37 2.96 7.85 7.91
C CYS A 37 3.99 6.96 8.60
N GLY A 38 4.90 6.41 7.82
CA GLY A 38 5.93 5.54 8.37
C GLY A 38 6.95 5.16 7.33
N GLU A 39 8.15 4.77 7.76
CA GLU A 39 9.20 4.40 6.82
C GLU A 39 8.85 3.14 6.04
N VAL A 40 9.24 3.13 4.78
CA VAL A 40 8.99 2.02 3.89
C VAL A 40 10.29 1.35 3.49
N VAL A 41 10.39 0.04 3.67
CA VAL A 41 11.61 -0.67 3.32
C VAL A 41 11.76 -0.73 1.80
N GLN A 42 10.66 -1.04 1.13
CA GLN A 42 10.65 -1.13 -0.33
C GLN A 42 9.25 -1.38 -0.88
N ILE A 43 9.02 -0.93 -2.12
CA ILE A 43 7.75 -1.08 -2.80
C ILE A 43 7.93 -1.92 -4.05
N ARG A 44 7.02 -2.87 -4.30
CA ARG A 44 7.14 -3.71 -5.48
C ARG A 44 5.98 -3.53 -6.45
N PRO A 45 6.07 -2.53 -7.35
CA PRO A 45 5.02 -2.28 -8.34
C PRO A 45 4.76 -3.51 -9.21
N ILE A 46 3.50 -3.72 -9.58
CA ILE A 46 3.14 -4.88 -10.39
C ILE A 46 3.33 -4.60 -11.88
N PHE A 47 4.13 -5.45 -12.53
CA PHE A 47 4.39 -5.32 -13.96
C PHE A 47 4.15 -6.64 -14.70
N SER A 48 3.70 -7.66 -13.97
CA SER A 48 3.42 -8.97 -14.55
C SER A 48 2.34 -8.90 -15.63
N ASN A 49 1.59 -7.80 -15.65
CA ASN A 49 0.53 -7.63 -16.64
C ASN A 49 1.06 -7.73 -18.07
N ARG A 50 0.29 -8.39 -18.92
CA ARG A 50 0.66 -8.57 -20.33
C ARG A 50 0.11 -7.44 -21.20
N GLY A 51 -0.71 -6.56 -20.62
CA GLY A 51 -1.29 -5.48 -21.37
C GLY A 51 -1.15 -4.14 -20.67
N ASP A 52 -2.14 -3.81 -19.85
CA ASP A 52 -2.14 -2.56 -19.11
C ASP A 52 -1.79 -2.79 -17.65
N PHE A 53 -1.36 -1.73 -16.97
CA PHE A 53 -1.00 -1.83 -15.56
C PHE A 53 -2.17 -2.36 -14.75
N ARG A 54 -1.86 -3.09 -13.68
CA ARG A 54 -2.90 -3.66 -12.82
C ARG A 54 -3.44 -2.60 -11.86
N GLY A 55 -2.64 -1.58 -11.59
CA GLY A 55 -3.06 -0.52 -10.68
C GLY A 55 -3.02 -0.95 -9.23
N TYR A 56 -2.27 -2.00 -8.94
CA TYR A 56 -2.16 -2.50 -7.57
C TYR A 56 -0.68 -2.66 -7.20
N CYS A 57 -0.33 -2.34 -5.96
CA CYS A 57 1.05 -2.45 -5.50
C CYS A 57 1.09 -2.93 -4.06
N TYR A 58 2.29 -3.26 -3.58
CA TYR A 58 2.46 -3.75 -2.22
C TYR A 58 3.47 -2.85 -1.48
N VAL A 59 3.22 -2.59 -0.20
CA VAL A 59 4.10 -1.75 0.58
C VAL A 59 4.52 -2.41 1.89
N GLU A 60 5.82 -2.38 2.16
CA GLU A 60 6.37 -2.97 3.36
C GLU A 60 7.01 -1.91 4.24
N PHE A 61 6.73 -1.96 5.54
CA PHE A 61 7.26 -1.00 6.49
C PHE A 61 8.31 -1.67 7.36
N LYS A 62 9.38 -0.94 7.69
CA LYS A 62 10.44 -1.50 8.53
C LYS A 62 9.92 -1.76 9.93
N GLU A 63 8.88 -1.03 10.34
CA GLU A 63 8.30 -1.20 11.66
C GLU A 63 6.79 -1.43 11.56
N GLU A 64 6.29 -2.29 12.45
CA GLU A 64 4.87 -2.64 12.51
C GLU A 64 3.98 -1.44 12.82
N LYS A 65 4.46 -0.55 13.67
CA LYS A 65 3.70 0.64 14.07
C LYS A 65 3.28 1.46 12.85
N SER A 66 4.16 1.54 11.87
CA SER A 66 3.89 2.28 10.66
C SER A 66 2.66 1.73 9.95
N ALA A 67 2.54 0.40 9.96
CA ALA A 67 1.42 -0.27 9.34
C ALA A 67 0.13 0.02 10.08
N LEU A 68 0.25 0.12 11.39
CA LEU A 68 -0.90 0.39 12.24
C LEU A 68 -1.62 1.67 11.81
N GLN A 69 -0.86 2.75 11.66
CA GLN A 69 -1.46 4.03 11.25
C GLN A 69 -1.81 4.01 9.78
N ALA A 70 -1.12 3.17 9.01
CA ALA A 70 -1.37 3.06 7.57
C ALA A 70 -2.82 2.63 7.31
N LEU A 71 -3.32 1.74 8.16
CA LEU A 71 -4.68 1.24 8.03
C LEU A 71 -5.66 2.41 8.12
N GLU A 72 -5.34 3.32 9.02
CA GLU A 72 -6.15 4.50 9.25
C GLU A 72 -6.12 5.46 8.06
N MET A 73 -5.11 5.31 7.20
CA MET A 73 -4.97 6.16 6.02
C MET A 73 -5.96 5.77 4.93
N ASP A 74 -6.47 4.54 4.99
CA ASP A 74 -7.42 4.07 3.99
C ASP A 74 -8.59 5.02 3.84
N ARG A 75 -9.22 4.99 2.65
CA ARG A 75 -10.37 5.83 2.33
C ARG A 75 -9.95 7.26 1.92
N LYS A 76 -8.67 7.57 2.08
CA LYS A 76 -8.14 8.88 1.72
C LYS A 76 -8.31 9.15 0.24
N SER A 77 -8.76 10.36 -0.11
CA SER A 77 -8.96 10.72 -1.51
C SER A 77 -7.65 11.21 -2.14
N VAL A 78 -7.21 10.49 -3.18
CA VAL A 78 -5.99 10.82 -3.89
C VAL A 78 -6.24 10.97 -5.38
N GLU A 79 -5.87 12.13 -5.95
CA GLU A 79 -6.08 12.38 -7.37
C GLU A 79 -7.57 12.31 -7.72
N GLY A 80 -8.39 12.60 -6.73
CA GLY A 80 -9.83 12.57 -6.93
C GLY A 80 -10.42 11.18 -6.86
N ARG A 81 -9.56 10.17 -6.64
CA ARG A 81 -10.02 8.80 -6.56
C ARG A 81 -9.67 8.20 -5.19
N PRO A 82 -10.68 7.75 -4.40
CA PRO A 82 -10.41 7.17 -3.07
C PRO A 82 -9.45 5.98 -3.11
N MET A 83 -8.57 5.91 -2.14
CA MET A 83 -7.60 4.83 -2.05
C MET A 83 -8.03 3.85 -0.96
N PHE A 84 -8.15 2.57 -1.32
CA PHE A 84 -8.56 1.56 -0.37
C PHE A 84 -7.38 0.71 0.10
N VAL A 85 -7.07 0.81 1.38
CA VAL A 85 -5.97 0.06 1.97
C VAL A 85 -6.48 -0.79 3.13
N SER A 86 -6.22 -2.09 3.05
CA SER A 86 -6.66 -3.01 4.10
C SER A 86 -5.47 -3.79 4.66
N PRO A 87 -5.57 -4.24 5.93
CA PRO A 87 -4.49 -4.98 6.57
C PRO A 87 -4.35 -6.38 5.99
N CYS A 88 -3.11 -6.89 5.96
CA CYS A 88 -2.84 -8.21 5.43
C CYS A 88 -3.57 -9.27 6.26
N VAL A 89 -3.51 -9.14 7.57
CA VAL A 89 -4.17 -10.09 8.46
C VAL A 89 -5.41 -9.47 9.11
N ASP A 90 -6.53 -10.20 9.02
CA ASP A 90 -7.79 -9.75 9.59
C ASP A 90 -7.81 -9.98 11.10
N LYS A 91 -8.55 -9.13 11.80
CA LYS A 91 -8.66 -9.26 13.26
C LYS A 91 -10.01 -8.73 13.74
N SER A 92 -10.96 -9.63 13.94
CA SER A 92 -12.29 -9.27 14.41
C SER A 92 -12.85 -10.35 15.31
N LYS A 93 -14.00 -10.07 15.94
CA LYS A 93 -14.63 -11.03 16.83
C LYS A 93 -15.31 -12.13 16.01
N ASN A 94 -15.50 -13.29 16.62
CA ASN A 94 -16.13 -14.42 15.95
C ASN A 94 -17.40 -14.85 16.68
#